data_2JC3
#
_entry.id   2JC3
#
_cell.length_a   103.052
_cell.length_b   106.948
_cell.length_c   112.107
_cell.angle_alpha   95.59
_cell.angle_beta   90.06
_cell.angle_gamma   117.61
#
_symmetry.space_group_name_H-M   'P 1'
#
loop_
_entity.id
_entity.type
_entity.pdbx_description
1 polymer 'O-ACETYLSERINE SULFHYDRYLASE B'
2 non-polymer "PYRIDOXAL-5'-PHOSPHATE"
3 water water
#
_entity_poly.entity_id   1
_entity_poly.type   'polypeptide(L)'
_entity_poly.pdbx_seq_one_letter_code
;MNTLEQTIGNTPLVKLQRIGPDNGSEIWVKLEGNNPAGSVKDRAALSMIVEAEKRGEIKPGDVLIEATSGNTGIALAMIA
ALKGYRMKLLMPDNMSQERRAAMRAYGAELILVTKEQGMEGARDLALAMSERGEGKLLDQFNNPDNPYAHYTTTGPEIWR
QTSGRITHFVSSMGTTGTITGVSRFLREQEKPVTIVGLQPEEGSSIPGIRRWPAEYMPGIFNASLVDEVLDIHQNDAENT
MRELAVREGIFCGVSSGGAVAGALRVARATPGAIVVAIICDRGDRYLSTGVFGEEHFSQGAGI
;
_entity_poly.pdbx_strand_id   A,B,C,D,E,F,G,H
#
loop_
_chem_comp.id
_chem_comp.type
_chem_comp.name
_chem_comp.formula
PLP non-polymer PYRIDOXAL-5'-PHOSPHATE 'C8 H10 N O6 P'
#
# COMPACT_ATOMS: atom_id res chain seq x y z
N MET A 1 -18.43 -13.65 -38.93
CA MET A 1 -18.97 -14.10 -37.61
C MET A 1 -18.90 -15.62 -37.46
N ASN A 2 -19.60 -16.15 -36.48
CA ASN A 2 -19.58 -17.57 -36.14
C ASN A 2 -20.87 -18.30 -36.55
N THR A 3 -21.58 -17.76 -37.52
CA THR A 3 -22.83 -18.41 -37.87
C THR A 3 -22.81 -19.09 -39.23
N LEU A 4 -23.90 -19.82 -39.47
CA LEU A 4 -24.10 -20.54 -40.72
C LEU A 4 -23.93 -19.59 -41.91
N GLU A 5 -24.14 -18.30 -41.69
CA GLU A 5 -24.00 -17.33 -42.76
C GLU A 5 -22.59 -17.29 -43.33
N GLN A 6 -21.58 -17.57 -42.50
CA GLN A 6 -20.22 -17.50 -43.02
C GLN A 6 -19.88 -18.73 -43.84
N THR A 7 -20.77 -19.72 -43.89
CA THR A 7 -20.51 -20.91 -44.73
C THR A 7 -21.07 -20.77 -46.17
N ILE A 8 -21.57 -19.59 -46.52
CA ILE A 8 -22.13 -19.32 -47.84
C ILE A 8 -20.99 -18.79 -48.68
N GLY A 9 -20.83 -19.28 -49.90
CA GLY A 9 -19.74 -18.80 -50.72
C GLY A 9 -18.43 -19.55 -50.44
N ASN A 10 -17.35 -19.13 -51.10
CA ASN A 10 -16.05 -19.80 -50.97
C ASN A 10 -16.20 -21.28 -51.17
N THR A 11 -16.87 -21.63 -52.25
CA THR A 11 -17.13 -23.01 -52.58
C THR A 11 -15.92 -23.55 -53.30
N PRO A 12 -15.72 -24.87 -53.21
CA PRO A 12 -14.54 -25.40 -53.91
C PRO A 12 -14.57 -25.34 -55.43
N LEU A 13 -13.37 -25.25 -56.02
CA LEU A 13 -13.21 -25.27 -57.48
C LEU A 13 -12.32 -26.50 -57.72
N VAL A 14 -12.87 -27.56 -58.32
CA VAL A 14 -12.08 -28.78 -58.55
C VAL A 14 -12.00 -29.12 -60.02
N LYS A 15 -10.90 -29.76 -60.40
CA LYS A 15 -10.66 -30.14 -61.78
C LYS A 15 -11.22 -31.52 -62.10
N LEU A 16 -11.83 -31.66 -63.28
CA LEU A 16 -12.39 -32.94 -63.68
C LEU A 16 -11.18 -33.81 -64.02
N GLN A 17 -11.20 -35.07 -63.58
CA GLN A 17 -10.09 -35.96 -63.80
C GLN A 17 -10.21 -36.85 -65.03
N ARG A 18 -11.41 -37.15 -65.48
CA ARG A 18 -11.56 -38.08 -66.58
C ARG A 18 -12.37 -37.66 -67.79
N ILE A 19 -13.49 -36.97 -67.63
CA ILE A 19 -14.23 -36.62 -68.82
C ILE A 19 -13.56 -35.43 -69.49
N GLY A 20 -13.74 -35.26 -70.79
CA GLY A 20 -13.08 -34.13 -71.44
C GLY A 20 -11.92 -34.52 -72.34
N PRO A 21 -11.70 -33.79 -73.45
CA PRO A 21 -10.64 -34.07 -74.41
C PRO A 21 -9.24 -33.98 -73.84
N ASP A 22 -8.32 -34.71 -74.45
CA ASP A 22 -6.93 -34.73 -74.04
C ASP A 22 -6.09 -33.86 -74.97
N ASN A 23 -6.45 -32.58 -75.03
CA ASN A 23 -5.81 -31.62 -75.90
C ASN A 23 -5.21 -30.46 -75.12
N GLY A 24 -4.88 -30.69 -73.86
CA GLY A 24 -4.33 -29.60 -73.09
C GLY A 24 -5.36 -28.69 -72.41
N SER A 25 -6.62 -28.74 -72.81
CA SER A 25 -7.60 -27.89 -72.14
C SER A 25 -7.91 -28.52 -70.79
N GLU A 26 -8.33 -27.70 -69.81
CA GLU A 26 -8.69 -28.17 -68.47
C GLU A 26 -10.11 -27.76 -68.15
N ILE A 27 -10.85 -28.57 -67.39
CA ILE A 27 -12.20 -28.18 -67.04
C ILE A 27 -12.30 -28.19 -65.52
N TRP A 28 -12.62 -27.04 -64.95
CA TRP A 28 -12.76 -26.91 -63.49
C TRP A 28 -14.22 -26.64 -63.18
N VAL A 29 -14.73 -27.23 -62.11
CA VAL A 29 -16.11 -27.00 -61.72
C VAL A 29 -16.22 -26.33 -60.32
N LYS A 30 -17.06 -25.29 -60.27
CA LYS A 30 -17.33 -24.50 -59.07
C LYS A 30 -18.51 -25.17 -58.37
N LEU A 31 -18.26 -25.81 -57.22
CA LEU A 31 -19.28 -26.57 -56.51
C LEU A 31 -20.27 -25.80 -55.63
N GLU A 32 -21.20 -25.10 -56.27
CA GLU A 32 -22.19 -24.32 -55.52
C GLU A 32 -23.13 -25.12 -54.63
N GLY A 33 -23.13 -26.44 -54.82
CA GLY A 33 -23.96 -27.29 -53.98
C GLY A 33 -23.43 -27.33 -52.56
N ASN A 34 -22.24 -26.77 -52.37
CA ASN A 34 -21.59 -26.73 -51.05
C ASN A 34 -22.19 -25.65 -50.13
N ASN A 35 -22.90 -24.68 -50.71
CA ASN A 35 -23.59 -23.63 -49.94
C ASN A 35 -24.52 -24.36 -48.94
N PRO A 36 -24.76 -23.75 -47.76
CA PRO A 36 -25.60 -24.36 -46.74
C PRO A 36 -26.89 -25.02 -47.13
N ALA A 37 -27.67 -24.38 -48.02
CA ALA A 37 -28.95 -24.98 -48.42
C ALA A 37 -28.87 -25.71 -49.78
N GLY A 38 -27.66 -26.09 -50.17
CA GLY A 38 -27.47 -26.86 -51.35
C GLY A 38 -27.42 -26.27 -52.73
N SER A 39 -27.35 -24.95 -52.91
CA SER A 39 -27.32 -24.47 -54.28
C SER A 39 -26.74 -23.10 -54.37
N VAL A 40 -26.43 -22.70 -55.60
CA VAL A 40 -25.89 -21.39 -55.91
C VAL A 40 -26.85 -20.26 -55.45
N LYS A 41 -28.13 -20.58 -55.25
CA LYS A 41 -29.10 -19.57 -54.86
C LYS A 41 -28.83 -18.93 -53.51
N ASP A 42 -28.18 -19.67 -52.60
CA ASP A 42 -27.86 -19.11 -51.29
C ASP A 42 -27.11 -17.76 -51.42
N ARG A 43 -26.34 -17.58 -52.50
CA ARG A 43 -25.60 -16.34 -52.67
C ARG A 43 -26.49 -15.16 -52.95
N ALA A 44 -27.37 -15.32 -53.93
CA ALA A 44 -28.25 -14.21 -54.28
C ALA A 44 -29.26 -13.93 -53.17
N ALA A 45 -29.74 -14.98 -52.52
CA ALA A 45 -30.70 -14.79 -51.42
C ALA A 45 -30.04 -13.95 -50.31
N LEU A 46 -28.84 -14.32 -49.90
CA LEU A 46 -28.15 -13.57 -48.88
C LEU A 46 -27.94 -12.12 -49.32
N SER A 47 -27.43 -11.93 -50.53
CA SER A 47 -27.14 -10.60 -51.03
C SER A 47 -28.36 -9.69 -51.16
N MET A 48 -29.45 -10.23 -51.69
CA MET A 48 -30.64 -9.42 -51.84
C MET A 48 -31.11 -8.95 -50.48
N ILE A 49 -31.04 -9.84 -49.49
CA ILE A 49 -31.49 -9.49 -48.14
C ILE A 49 -30.52 -8.56 -47.40
N VAL A 50 -29.23 -8.91 -47.41
CA VAL A 50 -28.22 -8.10 -46.75
C VAL A 50 -28.18 -6.67 -47.30
N GLU A 51 -28.14 -6.53 -48.62
CA GLU A 51 -28.12 -5.20 -49.22
C GLU A 51 -29.39 -4.40 -48.90
N ALA A 52 -30.55 -5.07 -48.82
CA ALA A 52 -31.77 -4.37 -48.49
C ALA A 52 -31.62 -3.87 -47.04
N GLU A 53 -31.06 -4.70 -46.16
CA GLU A 53 -30.89 -4.32 -44.77
C GLU A 53 -30.03 -3.08 -44.72
N LYS A 54 -28.98 -3.07 -45.53
CA LYS A 54 -28.10 -1.91 -45.53
C LYS A 54 -28.73 -0.63 -46.00
N ARG A 55 -29.84 -0.71 -46.72
CA ARG A 55 -30.49 0.47 -47.22
C ARG A 55 -31.63 0.90 -46.28
N GLY A 56 -31.85 0.11 -45.22
CA GLY A 56 -32.90 0.44 -44.28
C GLY A 56 -34.27 -0.05 -44.69
N GLU A 57 -34.36 -0.70 -45.85
CA GLU A 57 -35.64 -1.21 -46.34
C GLU A 57 -36.24 -2.28 -45.47
N ILE A 58 -35.38 -3.07 -44.83
CA ILE A 58 -35.89 -4.18 -44.00
C ILE A 58 -35.04 -4.40 -42.75
N LYS A 59 -35.62 -5.05 -41.75
CA LYS A 59 -34.89 -5.40 -40.55
C LYS A 59 -35.60 -6.64 -40.07
N PRO A 60 -34.88 -7.47 -39.32
CA PRO A 60 -35.41 -8.72 -38.77
C PRO A 60 -36.81 -8.59 -38.23
N GLY A 61 -37.67 -9.54 -38.55
CA GLY A 61 -39.05 -9.51 -38.10
C GLY A 61 -39.95 -9.20 -39.28
N ASP A 62 -39.43 -8.44 -40.25
CA ASP A 62 -40.22 -8.07 -41.43
C ASP A 62 -40.65 -9.24 -42.31
N VAL A 63 -41.62 -9.00 -43.17
CA VAL A 63 -42.12 -10.02 -44.07
C VAL A 63 -41.39 -9.88 -45.41
N LEU A 64 -40.95 -11.01 -45.97
CA LEU A 64 -40.27 -11.02 -47.26
C LEU A 64 -41.18 -11.79 -48.22
N ILE A 65 -41.26 -11.31 -49.45
CA ILE A 65 -42.12 -11.96 -50.43
C ILE A 65 -41.41 -12.28 -51.74
N GLU A 66 -41.70 -13.45 -52.29
CA GLU A 66 -41.15 -13.85 -53.60
C GLU A 66 -41.95 -15.00 -54.18
N ALA A 67 -42.17 -14.94 -55.49
CA ALA A 67 -42.89 -16.02 -56.18
C ALA A 67 -41.80 -16.93 -56.75
N THR A 68 -41.77 -18.17 -56.29
CA THR A 68 -40.74 -19.12 -56.71
C THR A 68 -40.97 -20.39 -55.93
N SER A 69 -40.27 -21.45 -56.27
CA SER A 69 -40.45 -22.67 -55.47
C SER A 69 -39.35 -23.69 -55.71
N GLY A 70 -38.21 -23.22 -56.25
CA GLY A 70 -37.10 -24.14 -56.46
C GLY A 70 -35.99 -23.77 -55.49
N ASN A 71 -34.77 -23.67 -56.00
CA ASN A 71 -33.65 -23.31 -55.14
C ASN A 71 -33.77 -21.90 -54.55
N THR A 72 -34.36 -20.97 -55.31
CA THR A 72 -34.54 -19.62 -54.79
C THR A 72 -35.47 -19.69 -53.56
N GLY A 73 -36.50 -20.50 -53.63
CA GLY A 73 -37.39 -20.57 -52.50
C GLY A 73 -36.68 -21.17 -51.30
N ILE A 74 -35.99 -22.27 -51.55
CA ILE A 74 -35.24 -22.95 -50.49
C ILE A 74 -34.21 -22.00 -49.92
N ALA A 75 -33.43 -21.35 -50.78
CA ALA A 75 -32.43 -20.41 -50.32
C ALA A 75 -33.02 -19.25 -49.50
N LEU A 76 -34.12 -18.64 -49.97
CA LEU A 76 -34.75 -17.52 -49.25
C LEU A 76 -35.33 -18.00 -47.93
N ALA A 77 -35.98 -19.16 -47.93
CA ALA A 77 -36.51 -19.66 -46.67
C ALA A 77 -35.35 -19.85 -45.67
N MET A 78 -34.22 -20.38 -46.14
CA MET A 78 -33.07 -20.60 -45.26
C MET A 78 -32.52 -19.27 -44.73
N ILE A 79 -32.27 -18.31 -45.62
CA ILE A 79 -31.74 -17.04 -45.17
C ILE A 79 -32.73 -16.39 -44.18
N ALA A 80 -34.04 -16.60 -44.42
CA ALA A 80 -35.05 -16.02 -43.54
C ALA A 80 -34.98 -16.66 -42.15
N ALA A 81 -34.89 -17.98 -42.09
CA ALA A 81 -34.78 -18.69 -40.80
C ALA A 81 -33.45 -18.31 -40.13
N LEU A 82 -32.39 -18.22 -40.90
CA LEU A 82 -31.09 -17.89 -40.37
C LEU A 82 -31.05 -16.46 -39.78
N LYS A 83 -31.54 -15.48 -40.55
CA LYS A 83 -31.52 -14.08 -40.13
C LYS A 83 -32.74 -13.52 -39.37
N GLY A 84 -33.80 -14.31 -39.21
CA GLY A 84 -34.96 -13.84 -38.47
C GLY A 84 -36.06 -13.08 -39.21
N TYR A 85 -36.34 -13.46 -40.45
CA TYR A 85 -37.39 -12.83 -41.25
C TYR A 85 -38.54 -13.77 -41.49
N ARG A 86 -39.69 -13.22 -41.83
CA ARG A 86 -40.85 -14.03 -42.11
C ARG A 86 -40.89 -14.12 -43.63
N MET A 87 -40.74 -15.32 -44.16
CA MET A 87 -40.71 -15.50 -45.62
C MET A 87 -42.03 -16.02 -46.12
N LYS A 88 -42.51 -15.38 -47.18
CA LYS A 88 -43.74 -15.76 -47.83
C LYS A 88 -43.41 -16.14 -49.27
N LEU A 89 -43.66 -17.40 -49.61
CA LEU A 89 -43.34 -17.88 -50.95
C LEU A 89 -44.60 -18.22 -51.73
N LEU A 90 -44.72 -17.62 -52.91
CA LEU A 90 -45.89 -17.85 -53.79
C LEU A 90 -45.61 -18.79 -54.96
N MET A 91 -46.50 -19.79 -55.11
CA MET A 91 -46.37 -20.78 -56.17
C MET A 91 -47.72 -21.47 -56.47
N PRO A 92 -47.88 -22.02 -57.69
CA PRO A 92 -49.13 -22.71 -58.05
C PRO A 92 -49.31 -23.96 -57.19
N ASP A 93 -50.55 -24.31 -56.88
CA ASP A 93 -50.86 -25.46 -56.03
C ASP A 93 -50.60 -26.88 -56.57
N ASN A 94 -49.76 -26.99 -57.60
CA ASN A 94 -49.42 -28.30 -58.14
C ASN A 94 -47.96 -28.64 -57.82
N MET A 95 -47.48 -28.25 -56.64
CA MET A 95 -46.11 -28.52 -56.22
C MET A 95 -46.09 -29.84 -55.47
N SER A 96 -45.13 -30.71 -55.78
CA SER A 96 -45.07 -31.99 -55.05
C SER A 96 -44.97 -31.68 -53.56
N GLN A 97 -45.16 -32.68 -52.72
CA GLN A 97 -45.04 -32.44 -51.29
C GLN A 97 -43.57 -32.23 -50.97
N GLU A 98 -42.73 -33.15 -51.43
CA GLU A 98 -41.31 -33.02 -51.18
C GLU A 98 -40.83 -31.64 -51.59
N ARG A 99 -41.33 -31.16 -52.72
CA ARG A 99 -40.90 -29.88 -53.23
C ARG A 99 -41.27 -28.73 -52.30
N ARG A 100 -42.45 -28.80 -51.69
CA ARG A 100 -42.82 -27.72 -50.80
C ARG A 100 -42.26 -27.98 -49.42
N ALA A 101 -41.97 -29.26 -49.12
CA ALA A 101 -41.38 -29.63 -47.83
C ALA A 101 -39.97 -29.02 -47.70
N ALA A 102 -39.23 -28.94 -48.80
CA ALA A 102 -37.90 -28.35 -48.76
C ALA A 102 -37.96 -26.89 -48.28
N MET A 103 -39.05 -26.21 -48.62
CA MET A 103 -39.20 -24.81 -48.22
C MET A 103 -39.87 -24.65 -46.86
N ARG A 104 -40.87 -25.50 -46.57
CA ARG A 104 -41.56 -25.46 -45.30
C ARG A 104 -40.66 -25.82 -44.13
N ALA A 105 -39.71 -26.72 -44.39
CA ALA A 105 -38.79 -27.17 -43.34
C ALA A 105 -38.15 -25.98 -42.63
N TYR A 106 -37.84 -24.92 -43.39
CA TYR A 106 -37.26 -23.71 -42.83
C TYR A 106 -38.31 -22.77 -42.17
N GLY A 107 -39.57 -23.20 -42.11
CA GLY A 107 -40.59 -22.35 -41.51
C GLY A 107 -41.15 -21.26 -42.43
N ALA A 108 -40.96 -21.38 -43.74
CA ALA A 108 -41.49 -20.38 -44.65
C ALA A 108 -42.99 -20.61 -44.81
N GLU A 109 -43.70 -19.52 -45.13
CA GLU A 109 -45.15 -19.55 -45.33
C GLU A 109 -45.38 -19.72 -46.84
N LEU A 110 -46.02 -20.81 -47.23
CA LEU A 110 -46.30 -21.04 -48.66
C LEU A 110 -47.71 -20.55 -49.01
N ILE A 111 -47.79 -19.57 -49.90
CA ILE A 111 -49.08 -19.01 -50.34
C ILE A 111 -49.36 -19.50 -51.76
N LEU A 112 -50.34 -20.41 -51.89
CA LEU A 112 -50.72 -21.02 -53.18
C LEU A 112 -51.72 -20.27 -54.10
N VAL A 113 -51.46 -20.29 -55.41
CA VAL A 113 -52.37 -19.73 -56.38
C VAL A 113 -52.81 -20.99 -57.12
N THR A 114 -53.70 -20.88 -58.10
CA THR A 114 -54.19 -22.04 -58.84
C THR A 114 -53.24 -22.51 -59.93
N LYS A 115 -53.30 -23.81 -60.22
CA LYS A 115 -52.45 -24.35 -61.26
C LYS A 115 -52.56 -23.42 -62.48
N GLU A 116 -53.80 -23.00 -62.75
CA GLU A 116 -54.17 -22.13 -63.87
C GLU A 116 -53.48 -20.77 -63.80
N GLN A 117 -53.57 -20.13 -62.64
CA GLN A 117 -52.90 -18.86 -62.50
C GLN A 117 -51.40 -19.11 -62.76
N GLY A 118 -50.93 -20.32 -62.44
CA GLY A 118 -49.54 -20.69 -62.65
C GLY A 118 -48.48 -19.73 -62.11
N MET A 119 -47.24 -19.98 -62.50
CA MET A 119 -46.12 -19.15 -62.04
C MET A 119 -46.31 -17.66 -62.26
N GLU A 120 -46.93 -17.30 -63.38
CA GLU A 120 -47.13 -15.89 -63.70
C GLU A 120 -48.20 -15.30 -62.76
N GLY A 121 -49.17 -16.12 -62.38
CA GLY A 121 -50.20 -15.65 -61.47
C GLY A 121 -49.54 -15.33 -60.14
N ALA A 122 -48.67 -16.24 -59.71
CA ALA A 122 -47.92 -16.09 -58.45
C ALA A 122 -47.07 -14.81 -58.49
N ARG A 123 -46.35 -14.60 -59.58
CA ARG A 123 -45.52 -13.39 -59.72
C ARG A 123 -46.40 -12.14 -59.51
N ASP A 124 -47.56 -12.11 -60.16
CA ASP A 124 -48.50 -10.98 -60.05
C ASP A 124 -49.00 -10.76 -58.61
N LEU A 125 -49.50 -11.82 -57.98
CA LEU A 125 -49.99 -11.68 -56.61
C LEU A 125 -48.88 -11.18 -55.67
N ALA A 126 -47.69 -11.77 -55.81
CA ALA A 126 -46.56 -11.36 -54.99
C ALA A 126 -46.35 -9.85 -55.18
N LEU A 127 -46.43 -9.39 -56.42
CA LEU A 127 -46.25 -7.96 -56.70
C LEU A 127 -47.40 -7.12 -56.11
N ALA A 128 -48.62 -7.66 -56.19
CA ALA A 128 -49.80 -6.98 -55.64
C ALA A 128 -49.50 -6.70 -54.17
N MET A 129 -49.04 -7.73 -53.48
CA MET A 129 -48.75 -7.62 -52.06
C MET A 129 -47.68 -6.59 -51.73
N SER A 130 -46.58 -6.54 -52.47
CA SER A 130 -45.53 -5.57 -52.14
C SER A 130 -46.01 -4.13 -52.33
N GLU A 131 -46.87 -3.92 -53.34
CA GLU A 131 -47.41 -2.58 -53.61
C GLU A 131 -48.47 -2.18 -52.55
N ARG A 132 -49.18 -3.16 -51.99
CA ARG A 132 -50.15 -2.90 -50.92
C ARG A 132 -49.40 -2.64 -49.62
N GLY A 133 -48.19 -3.21 -49.52
CA GLY A 133 -47.37 -3.05 -48.33
C GLY A 133 -47.38 -4.24 -47.40
N GLU A 134 -47.72 -5.44 -47.90
CA GLU A 134 -47.76 -6.66 -47.09
C GLU A 134 -46.37 -7.31 -46.89
N GLY A 135 -45.34 -6.71 -47.52
CA GLY A 135 -43.99 -7.24 -47.40
C GLY A 135 -43.04 -6.82 -48.52
N LYS A 136 -41.72 -6.84 -48.28
CA LYS A 136 -40.71 -6.47 -49.28
C LYS A 136 -40.56 -7.57 -50.33
N LEU A 137 -40.72 -7.22 -51.61
CA LEU A 137 -40.61 -8.18 -52.71
C LEU A 137 -39.16 -8.22 -53.10
N LEU A 138 -38.63 -9.42 -53.28
CA LEU A 138 -37.22 -9.54 -53.65
C LEU A 138 -37.02 -9.48 -55.17
N ASP A 139 -37.92 -10.13 -55.91
CA ASP A 139 -37.85 -10.11 -57.39
C ASP A 139 -36.44 -10.46 -57.92
N GLN A 140 -36.15 -11.77 -57.91
CA GLN A 140 -34.86 -12.30 -58.33
C GLN A 140 -34.44 -11.98 -59.76
N PHE A 141 -35.43 -11.78 -60.64
CA PHE A 141 -35.14 -11.50 -62.04
C PHE A 141 -34.73 -10.08 -62.37
N ASN A 142 -35.05 -9.15 -61.47
CA ASN A 142 -34.71 -7.74 -61.69
C ASN A 142 -33.81 -7.10 -60.64
N ASN A 143 -33.75 -7.71 -59.46
CA ASN A 143 -32.96 -7.19 -58.37
C ASN A 143 -31.45 -7.21 -58.65
N PRO A 144 -30.85 -6.04 -58.87
CA PRO A 144 -29.41 -6.00 -59.15
C PRO A 144 -28.53 -6.61 -58.05
N ASP A 145 -29.12 -6.82 -56.88
CA ASP A 145 -28.32 -7.36 -55.78
C ASP A 145 -28.00 -8.83 -56.01
N ASN A 146 -28.76 -9.45 -56.91
CA ASN A 146 -28.58 -10.85 -57.29
C ASN A 146 -27.17 -10.94 -57.94
N PRO A 147 -26.99 -10.33 -59.12
CA PRO A 147 -25.64 -10.43 -59.70
C PRO A 147 -24.55 -9.81 -58.81
N TYR A 148 -24.94 -8.83 -57.99
CA TYR A 148 -23.98 -8.17 -57.13
C TYR A 148 -23.25 -9.23 -56.30
N ALA A 149 -23.99 -10.24 -55.84
CA ALA A 149 -23.41 -11.33 -55.05
C ALA A 149 -22.26 -12.03 -55.81
N HIS A 150 -22.48 -12.26 -57.10
CA HIS A 150 -21.49 -12.93 -57.90
C HIS A 150 -20.38 -12.01 -58.35
N TYR A 151 -20.66 -10.71 -58.37
CA TYR A 151 -19.66 -9.73 -58.76
C TYR A 151 -18.66 -9.60 -57.61
N THR A 152 -19.17 -9.77 -56.39
CA THR A 152 -18.32 -9.62 -55.22
C THR A 152 -17.76 -10.89 -54.58
N THR A 153 -18.39 -12.04 -54.80
CA THR A 153 -17.87 -13.27 -54.20
C THR A 153 -17.50 -14.31 -55.26
N THR A 154 -18.49 -14.86 -55.94
CA THR A 154 -18.23 -15.86 -56.96
C THR A 154 -17.12 -15.53 -57.98
N GLY A 155 -17.24 -14.40 -58.66
CA GLY A 155 -16.21 -14.07 -59.63
C GLY A 155 -14.81 -13.92 -59.03
N PRO A 156 -14.69 -13.11 -57.97
CA PRO A 156 -13.38 -12.96 -57.37
C PRO A 156 -12.83 -14.32 -56.94
N GLU A 157 -13.67 -15.18 -56.37
CA GLU A 157 -13.21 -16.50 -55.94
C GLU A 157 -12.62 -17.28 -57.11
N ILE A 158 -13.39 -17.35 -58.20
CA ILE A 158 -12.96 -18.07 -59.38
C ILE A 158 -11.65 -17.53 -59.92
N TRP A 159 -11.50 -16.21 -59.91
CA TRP A 159 -10.28 -15.58 -60.41
C TRP A 159 -9.09 -15.93 -59.51
N ARG A 160 -9.34 -15.91 -58.21
CA ARG A 160 -8.32 -16.22 -57.24
C ARG A 160 -7.97 -17.73 -57.29
N GLN A 161 -8.99 -18.59 -57.39
CA GLN A 161 -8.79 -20.02 -57.44
C GLN A 161 -8.07 -20.53 -58.70
N THR A 162 -8.27 -19.90 -59.85
CA THR A 162 -7.58 -20.34 -61.06
C THR A 162 -6.32 -19.51 -61.25
N SER A 163 -5.91 -18.77 -60.22
CA SER A 163 -4.74 -17.89 -60.34
C SER A 163 -4.76 -17.13 -61.65
N GLY A 164 -5.92 -16.62 -62.03
CA GLY A 164 -6.02 -15.86 -63.26
C GLY A 164 -5.83 -16.63 -64.55
N ARG A 165 -5.75 -17.95 -64.46
CA ARG A 165 -5.53 -18.76 -65.67
C ARG A 165 -6.81 -18.96 -66.48
N ILE A 166 -7.97 -18.75 -65.87
CA ILE A 166 -9.23 -18.95 -66.59
C ILE A 166 -9.31 -18.23 -67.94
N THR A 167 -9.76 -18.96 -68.97
CA THR A 167 -9.89 -18.39 -70.31
C THR A 167 -11.35 -18.38 -70.77
N HIS A 168 -12.16 -19.26 -70.18
CA HIS A 168 -13.57 -19.37 -70.55
C HIS A 168 -14.39 -19.64 -69.31
N PHE A 169 -15.56 -19.02 -69.21
CA PHE A 169 -16.47 -19.22 -68.08
C PHE A 169 -17.78 -19.68 -68.68
N VAL A 170 -18.34 -20.77 -68.14
CA VAL A 170 -19.57 -21.35 -68.67
C VAL A 170 -20.62 -21.43 -67.59
N SER A 171 -21.81 -20.89 -67.88
CA SER A 171 -22.90 -20.88 -66.90
C SER A 171 -24.27 -21.11 -67.48
N SER A 172 -25.03 -22.01 -66.87
CA SER A 172 -26.40 -22.23 -67.30
C SER A 172 -27.19 -21.03 -66.78
N MET A 173 -27.95 -20.37 -67.64
CA MET A 173 -28.71 -19.18 -67.26
C MET A 173 -30.14 -19.38 -66.80
N GLY A 174 -30.41 -18.92 -65.58
CA GLY A 174 -31.75 -18.96 -64.99
C GLY A 174 -32.13 -17.49 -64.91
N THR A 175 -31.79 -16.82 -63.81
CA THR A 175 -32.08 -15.40 -63.67
C THR A 175 -30.97 -14.66 -64.45
N THR A 176 -29.83 -15.31 -64.60
CA THR A 176 -28.65 -14.77 -65.26
C THR A 176 -27.82 -13.95 -64.29
N GLY A 177 -28.20 -14.02 -63.01
CA GLY A 177 -27.43 -13.29 -62.00
C GLY A 177 -25.99 -13.81 -61.92
N THR A 178 -25.82 -15.13 -61.96
CA THR A 178 -24.48 -15.70 -61.87
C THR A 178 -23.61 -15.29 -63.02
N ILE A 179 -24.10 -15.45 -64.26
CA ILE A 179 -23.25 -15.13 -65.40
C ILE A 179 -22.99 -13.64 -65.48
N THR A 180 -24.02 -12.86 -65.17
CA THR A 180 -23.94 -11.39 -65.18
C THR A 180 -22.90 -10.88 -64.19
N GLY A 181 -23.04 -11.31 -62.93
CA GLY A 181 -22.12 -10.92 -61.87
C GLY A 181 -20.69 -11.35 -62.11
N VAL A 182 -20.51 -12.62 -62.47
CA VAL A 182 -19.16 -13.13 -62.71
C VAL A 182 -18.51 -12.45 -63.90
N SER A 183 -19.30 -12.19 -64.95
CA SER A 183 -18.75 -11.55 -66.15
C SER A 183 -18.29 -10.15 -65.80
N ARG A 184 -19.16 -9.42 -65.09
CA ARG A 184 -18.85 -8.06 -64.70
C ARG A 184 -17.48 -8.00 -64.04
N PHE A 185 -17.21 -8.95 -63.14
CA PHE A 185 -15.92 -8.97 -62.47
C PHE A 185 -14.76 -9.37 -63.36
N LEU A 186 -14.98 -10.36 -64.25
CA LEU A 186 -13.91 -10.82 -65.11
C LEU A 186 -13.53 -9.77 -66.15
N ARG A 187 -14.51 -9.00 -66.63
CA ARG A 187 -14.21 -7.96 -67.62
C ARG A 187 -13.23 -6.91 -67.10
N GLU A 188 -13.23 -6.70 -65.79
CA GLU A 188 -12.31 -5.73 -65.18
C GLU A 188 -10.86 -6.20 -65.22
N GLN A 189 -10.61 -7.42 -65.68
CA GLN A 189 -9.25 -7.91 -65.72
C GLN A 189 -8.61 -7.57 -67.05
N GLU A 190 -7.29 -7.45 -67.04
CA GLU A 190 -6.56 -7.15 -68.27
C GLU A 190 -6.77 -8.33 -69.22
N LYS A 191 -6.42 -9.54 -68.77
CA LYS A 191 -6.55 -10.75 -69.56
C LYS A 191 -7.99 -10.90 -70.02
N PRO A 192 -8.22 -11.20 -71.30
CA PRO A 192 -9.58 -11.37 -71.82
C PRO A 192 -10.13 -12.72 -71.35
N VAL A 193 -11.44 -12.84 -71.22
CA VAL A 193 -12.03 -14.10 -70.80
C VAL A 193 -13.33 -14.23 -71.55
N THR A 194 -13.53 -15.36 -72.24
CA THR A 194 -14.75 -15.58 -73.01
C THR A 194 -15.87 -16.00 -72.07
N ILE A 195 -17.02 -15.34 -72.16
CA ILE A 195 -18.15 -15.67 -71.29
C ILE A 195 -19.17 -16.43 -72.08
N VAL A 196 -19.47 -17.66 -71.69
CA VAL A 196 -20.41 -18.52 -72.41
C VAL A 196 -21.65 -18.87 -71.61
N GLY A 197 -22.81 -18.42 -72.07
CA GLY A 197 -24.03 -18.72 -71.35
C GLY A 197 -24.76 -19.87 -72.02
N LEU A 198 -25.52 -20.65 -71.26
CA LEU A 198 -26.24 -21.78 -71.83
C LEU A 198 -27.73 -21.67 -71.55
N GLN A 199 -28.54 -22.10 -72.52
CA GLN A 199 -30.00 -22.09 -72.35
C GLN A 199 -30.53 -23.38 -72.92
N PRO A 200 -31.69 -23.83 -72.44
CA PRO A 200 -32.17 -25.08 -73.01
C PRO A 200 -32.66 -24.95 -74.46
N GLU A 201 -32.46 -26.02 -75.24
CA GLU A 201 -32.93 -26.08 -76.62
C GLU A 201 -34.44 -25.98 -76.54
N GLU A 202 -35.08 -25.48 -77.59
CA GLU A 202 -36.54 -25.35 -77.56
C GLU A 202 -37.13 -26.72 -77.33
N GLY A 203 -38.07 -26.82 -76.40
CA GLY A 203 -38.65 -28.13 -76.12
C GLY A 203 -37.94 -28.85 -74.98
N SER A 204 -36.64 -28.59 -74.80
CA SER A 204 -35.87 -29.21 -73.71
C SER A 204 -36.29 -28.63 -72.36
N SER A 205 -36.40 -29.50 -71.37
CA SER A 205 -36.77 -29.09 -70.03
C SER A 205 -35.61 -29.35 -69.04
N ILE A 206 -34.96 -28.30 -68.56
CA ILE A 206 -33.84 -28.43 -67.63
C ILE A 206 -34.16 -27.65 -66.36
N PRO A 207 -34.51 -28.34 -65.26
CA PRO A 207 -34.85 -27.71 -63.97
C PRO A 207 -33.91 -26.60 -63.53
N GLY A 208 -34.47 -25.47 -63.10
CA GLY A 208 -33.62 -24.38 -62.67
C GLY A 208 -33.39 -23.28 -63.69
N ILE A 209 -33.46 -23.64 -64.98
CA ILE A 209 -33.30 -22.62 -66.00
C ILE A 209 -34.48 -22.70 -66.93
N ARG A 210 -34.50 -21.82 -67.93
CA ARG A 210 -35.58 -21.77 -68.91
C ARG A 210 -35.06 -21.03 -70.12
N ARG A 211 -35.72 -21.27 -71.25
CA ARG A 211 -35.36 -20.59 -72.50
C ARG A 211 -36.15 -19.27 -72.48
N TRP A 212 -35.43 -18.15 -72.47
CA TRP A 212 -36.08 -16.85 -72.43
C TRP A 212 -36.47 -16.31 -73.79
N PRO A 213 -37.70 -15.77 -73.91
CA PRO A 213 -38.13 -15.23 -75.20
C PRO A 213 -37.06 -14.24 -75.64
N ALA A 214 -36.56 -14.42 -76.86
CA ALA A 214 -35.51 -13.57 -77.42
C ALA A 214 -35.42 -12.14 -76.86
N GLU A 215 -36.58 -11.49 -76.80
CA GLU A 215 -36.64 -10.12 -76.32
C GLU A 215 -37.33 -10.01 -74.97
N TYR A 216 -37.29 -11.08 -74.20
CA TYR A 216 -37.88 -11.09 -72.86
C TYR A 216 -36.98 -11.71 -71.78
N MET A 217 -35.69 -11.37 -71.87
CA MET A 217 -34.65 -11.79 -70.94
C MET A 217 -34.91 -11.11 -69.58
N PRO A 218 -34.50 -11.75 -68.47
CA PRO A 218 -34.75 -11.06 -67.20
C PRO A 218 -34.03 -9.71 -67.17
N GLY A 219 -34.59 -8.78 -66.39
CA GLY A 219 -34.03 -7.46 -66.30
C GLY A 219 -32.56 -7.33 -65.95
N ILE A 220 -32.06 -8.24 -65.12
CA ILE A 220 -30.66 -8.14 -64.72
C ILE A 220 -29.69 -8.57 -65.82
N PHE A 221 -30.23 -9.13 -66.90
CA PHE A 221 -29.40 -9.59 -68.00
C PHE A 221 -28.78 -8.46 -68.83
N ASN A 222 -27.52 -8.62 -69.22
CA ASN A 222 -26.83 -7.60 -70.00
C ASN A 222 -26.08 -8.27 -71.14
N ALA A 223 -26.76 -8.36 -72.28
CA ALA A 223 -26.21 -9.00 -73.46
C ALA A 223 -24.74 -8.73 -73.77
N SER A 224 -24.23 -7.56 -73.43
CA SER A 224 -22.84 -7.28 -73.77
C SER A 224 -21.85 -7.95 -72.83
N LEU A 225 -22.37 -8.57 -71.77
CA LEU A 225 -21.49 -9.24 -70.83
C LEU A 225 -21.29 -10.70 -71.21
N VAL A 226 -22.12 -11.21 -72.11
CA VAL A 226 -22.08 -12.61 -72.57
C VAL A 226 -21.53 -12.70 -74.01
N ASP A 227 -20.38 -13.33 -74.19
CA ASP A 227 -19.83 -13.44 -75.53
C ASP A 227 -20.56 -14.45 -76.41
N GLU A 228 -20.99 -15.57 -75.83
CA GLU A 228 -21.68 -16.58 -76.61
C GLU A 228 -22.79 -17.24 -75.84
N VAL A 229 -23.84 -17.64 -76.55
CA VAL A 229 -24.92 -18.35 -75.89
C VAL A 229 -25.14 -19.64 -76.67
N LEU A 230 -25.03 -20.77 -75.98
CA LEU A 230 -25.18 -22.11 -76.55
C LEU A 230 -26.45 -22.77 -76.07
N ASP A 231 -26.99 -23.67 -76.88
CA ASP A 231 -28.21 -24.41 -76.54
C ASP A 231 -27.79 -25.78 -76.01
N ILE A 232 -28.48 -26.25 -74.99
CA ILE A 232 -28.15 -27.56 -74.45
C ILE A 232 -29.43 -28.37 -74.48
N HIS A 233 -29.34 -29.58 -75.02
CA HIS A 233 -30.49 -30.45 -75.08
C HIS A 233 -30.68 -31.16 -73.74
N GLN A 234 -31.92 -31.20 -73.28
CA GLN A 234 -32.23 -31.87 -72.04
C GLN A 234 -31.47 -33.18 -71.86
N ASN A 235 -31.58 -34.03 -72.86
CA ASN A 235 -30.95 -35.34 -72.84
C ASN A 235 -29.44 -35.30 -72.67
N ASP A 236 -28.81 -34.35 -73.34
CA ASP A 236 -27.38 -34.18 -73.25
C ASP A 236 -26.96 -33.75 -71.82
N ALA A 237 -27.77 -32.88 -71.22
CA ALA A 237 -27.54 -32.40 -69.86
C ALA A 237 -27.71 -33.57 -68.89
N GLU A 238 -28.79 -34.33 -69.02
CA GLU A 238 -29.02 -35.45 -68.15
C GLU A 238 -27.94 -36.53 -68.27
N ASN A 239 -27.43 -36.74 -69.48
CA ASN A 239 -26.40 -37.75 -69.65
C ASN A 239 -25.10 -37.30 -69.01
N THR A 240 -24.73 -36.04 -69.24
CA THR A 240 -23.51 -35.58 -68.62
C THR A 240 -23.63 -35.58 -67.09
N MET A 241 -24.83 -35.27 -66.59
CA MET A 241 -25.06 -35.27 -65.14
C MET A 241 -24.74 -36.66 -64.59
N ARG A 242 -25.30 -37.68 -65.21
CA ARG A 242 -25.07 -39.05 -64.75
C ARG A 242 -23.59 -39.49 -64.90
N GLU A 243 -22.93 -38.99 -65.94
CA GLU A 243 -21.55 -39.31 -66.21
C GLU A 243 -20.63 -38.69 -65.14
N LEU A 244 -21.00 -37.51 -64.65
CA LEU A 244 -20.23 -36.83 -63.62
C LEU A 244 -20.24 -37.67 -62.36
N ALA A 245 -21.40 -38.22 -62.03
CA ALA A 245 -21.47 -39.01 -60.82
C ALA A 245 -20.66 -40.28 -60.96
N VAL A 246 -20.85 -40.98 -62.09
CA VAL A 246 -20.18 -42.24 -62.32
C VAL A 246 -18.69 -42.18 -62.58
N ARG A 247 -18.24 -41.20 -63.36
CA ARG A 247 -16.82 -41.11 -63.68
C ARG A 247 -15.98 -40.13 -62.88
N GLU A 248 -16.61 -39.18 -62.17
CA GLU A 248 -15.87 -38.19 -61.38
C GLU A 248 -16.26 -38.21 -59.92
N GLY A 249 -17.35 -38.90 -59.59
CA GLY A 249 -17.79 -38.91 -58.22
C GLY A 249 -18.47 -37.59 -57.85
N ILE A 250 -18.87 -36.79 -58.82
CA ILE A 250 -19.53 -35.51 -58.58
C ILE A 250 -21.04 -35.66 -58.88
N PHE A 251 -21.83 -35.66 -57.83
CA PHE A 251 -23.28 -35.85 -57.86
C PHE A 251 -23.98 -34.49 -57.90
N CYS A 252 -24.43 -34.08 -59.07
CA CYS A 252 -25.06 -32.79 -59.21
C CYS A 252 -26.40 -32.83 -59.96
N GLY A 253 -26.99 -31.68 -60.22
CA GLY A 253 -28.29 -31.65 -60.89
C GLY A 253 -28.19 -31.54 -62.40
N VAL A 254 -29.35 -31.55 -63.06
CA VAL A 254 -29.40 -31.49 -64.50
C VAL A 254 -28.73 -30.27 -65.11
N SER A 255 -29.00 -29.08 -64.57
CA SER A 255 -28.39 -27.89 -65.17
C SER A 255 -26.90 -27.92 -65.05
N SER A 256 -26.40 -28.66 -64.05
CA SER A 256 -24.97 -28.78 -63.81
C SER A 256 -24.41 -29.69 -64.90
N GLY A 257 -25.13 -30.76 -65.21
CA GLY A 257 -24.68 -31.62 -66.28
C GLY A 257 -24.65 -30.75 -67.54
N GLY A 258 -25.68 -29.91 -67.73
CA GLY A 258 -25.72 -29.03 -68.89
C GLY A 258 -24.52 -28.11 -68.93
N ALA A 259 -24.14 -27.56 -67.78
CA ALA A 259 -23.01 -26.66 -67.78
C ALA A 259 -21.71 -27.40 -68.16
N VAL A 260 -21.54 -28.63 -67.65
CA VAL A 260 -20.32 -29.35 -67.99
C VAL A 260 -20.39 -29.75 -69.47
N ALA A 261 -21.58 -30.13 -69.94
CA ALA A 261 -21.72 -30.49 -71.36
C ALA A 261 -21.19 -29.30 -72.18
N GLY A 262 -21.60 -28.08 -71.82
CA GLY A 262 -21.13 -26.89 -72.51
C GLY A 262 -19.61 -26.69 -72.40
N ALA A 263 -19.08 -26.95 -71.21
CA ALA A 263 -17.65 -26.81 -70.97
C ALA A 263 -16.90 -27.84 -71.82
N LEU A 264 -17.52 -29.00 -72.05
CA LEU A 264 -16.92 -30.04 -72.88
C LEU A 264 -16.87 -29.53 -74.33
N ARG A 265 -17.96 -28.97 -74.82
CA ARG A 265 -17.96 -28.42 -76.18
C ARG A 265 -16.85 -27.42 -76.32
N VAL A 266 -16.76 -26.49 -75.37
CA VAL A 266 -15.72 -25.48 -75.40
C VAL A 266 -14.32 -26.10 -75.37
N ALA A 267 -14.08 -26.98 -74.41
CA ALA A 267 -12.77 -27.60 -74.27
C ALA A 267 -12.37 -28.32 -75.55
N ARG A 268 -13.31 -29.06 -76.14
CA ARG A 268 -13.01 -29.78 -77.35
C ARG A 268 -12.66 -28.85 -78.48
N ALA A 269 -13.42 -27.77 -78.64
CA ALA A 269 -13.13 -26.82 -79.72
C ALA A 269 -11.91 -25.92 -79.48
N THR A 270 -11.38 -25.87 -78.27
CA THR A 270 -10.27 -24.96 -78.01
C THR A 270 -9.14 -25.60 -77.23
N PRO A 271 -8.20 -26.21 -77.93
CA PRO A 271 -7.09 -26.83 -77.20
C PRO A 271 -6.48 -25.85 -76.23
N GLY A 272 -6.09 -26.32 -75.05
CA GLY A 272 -5.47 -25.44 -74.07
C GLY A 272 -6.38 -24.52 -73.27
N ALA A 273 -7.66 -24.52 -73.58
CA ALA A 273 -8.59 -23.67 -72.85
C ALA A 273 -8.62 -24.06 -71.37
N ILE A 274 -8.79 -23.06 -70.50
CA ILE A 274 -8.92 -23.32 -69.07
C ILE A 274 -10.35 -22.91 -68.77
N VAL A 275 -11.26 -23.88 -68.84
CA VAL A 275 -12.68 -23.64 -68.65
C VAL A 275 -13.20 -23.80 -67.23
N VAL A 276 -14.05 -22.88 -66.80
CA VAL A 276 -14.67 -22.98 -65.48
C VAL A 276 -16.17 -23.02 -65.70
N ALA A 277 -16.84 -24.01 -65.14
CA ALA A 277 -18.27 -24.12 -65.28
C ALA A 277 -18.86 -24.15 -63.87
N ILE A 278 -20.07 -23.63 -63.74
CA ILE A 278 -20.78 -23.58 -62.47
C ILE A 278 -21.59 -24.85 -62.26
N ILE A 279 -21.40 -25.52 -61.13
CA ILE A 279 -22.18 -26.70 -60.79
C ILE A 279 -23.14 -26.06 -59.81
N CYS A 280 -24.40 -25.94 -60.22
CA CYS A 280 -25.44 -25.26 -59.44
C CYS A 280 -25.90 -25.83 -58.13
N ASP A 281 -26.02 -27.14 -58.04
CA ASP A 281 -26.49 -27.72 -56.81
C ASP A 281 -26.09 -29.20 -56.73
N ARG A 282 -26.48 -29.89 -55.67
CA ARG A 282 -26.15 -31.31 -55.55
C ARG A 282 -27.29 -32.08 -56.19
N GLY A 283 -27.08 -33.38 -56.38
CA GLY A 283 -28.10 -34.18 -57.02
C GLY A 283 -29.18 -34.70 -56.13
N ASP A 284 -29.02 -34.58 -54.82
CA ASP A 284 -29.99 -35.11 -53.87
C ASP A 284 -31.49 -34.86 -54.13
N ARG A 285 -31.84 -33.59 -54.38
CA ARG A 285 -33.22 -33.22 -54.57
C ARG A 285 -33.77 -33.66 -55.93
N TYR A 286 -32.92 -34.27 -56.76
CA TYR A 286 -33.33 -34.76 -58.07
C TYR A 286 -33.61 -36.25 -58.03
N LEU A 287 -33.22 -36.92 -56.96
CA LEU A 287 -33.43 -38.35 -56.88
C LEU A 287 -34.88 -38.83 -57.09
N SER A 288 -35.83 -38.15 -56.45
CA SER A 288 -37.23 -38.53 -56.56
C SER A 288 -37.80 -38.31 -57.96
N THR A 289 -37.12 -37.54 -58.82
CA THR A 289 -37.63 -37.29 -60.17
C THR A 289 -37.26 -38.35 -61.18
N GLY A 290 -36.46 -39.32 -60.74
CA GLY A 290 -36.05 -40.40 -61.61
C GLY A 290 -34.90 -40.15 -62.56
N VAL A 291 -34.46 -38.91 -62.75
CA VAL A 291 -33.35 -38.66 -63.69
C VAL A 291 -32.11 -39.49 -63.37
N PHE A 292 -32.03 -40.02 -62.15
CA PHE A 292 -30.89 -40.86 -61.83
C PHE A 292 -31.41 -42.29 -61.96
N GLY A 293 -32.43 -42.68 -61.20
CA GLY A 293 -32.94 -44.03 -61.33
C GLY A 293 -34.07 -44.37 -60.36
N GLU A 294 -34.47 -43.49 -59.56
N MET B 1 -4.60 -31.76 -53.92
CA MET B 1 -4.24 -31.68 -55.37
C MET B 1 -5.46 -31.52 -56.30
N ASN B 2 -6.17 -30.41 -56.12
CA ASN B 2 -7.32 -30.05 -56.93
C ASN B 2 -8.47 -31.02 -57.34
N THR B 3 -8.67 -32.16 -56.67
CA THR B 3 -9.82 -32.99 -57.03
C THR B 3 -10.85 -32.92 -55.89
N LEU B 4 -12.01 -33.51 -56.14
CA LEU B 4 -13.08 -33.55 -55.18
C LEU B 4 -12.60 -34.15 -53.85
N GLU B 5 -11.54 -34.97 -53.91
CA GLU B 5 -11.02 -35.61 -52.71
C GLU B 5 -10.60 -34.58 -51.66
N GLN B 6 -10.10 -33.43 -52.11
CA GLN B 6 -9.67 -32.41 -51.20
C GLN B 6 -10.80 -31.64 -50.53
N THR B 7 -12.05 -31.91 -50.91
CA THR B 7 -13.17 -31.22 -50.31
C THR B 7 -13.74 -32.04 -49.16
N ILE B 8 -13.13 -33.19 -48.88
CA ILE B 8 -13.60 -34.02 -47.77
C ILE B 8 -12.97 -33.50 -46.48
N GLY B 9 -13.75 -33.41 -45.42
CA GLY B 9 -13.22 -32.89 -44.18
C GLY B 9 -13.16 -31.38 -44.15
N ASN B 10 -12.59 -30.83 -43.07
CA ASN B 10 -12.50 -29.38 -42.89
C ASN B 10 -13.89 -28.76 -42.98
N THR B 11 -14.85 -29.41 -42.34
CA THR B 11 -16.22 -28.94 -42.37
C THR B 11 -16.40 -27.77 -41.42
N PRO B 12 -17.38 -26.89 -41.70
CA PRO B 12 -17.57 -25.76 -40.79
C PRO B 12 -18.06 -26.12 -39.40
N LEU B 13 -17.72 -25.25 -38.44
CA LEU B 13 -18.16 -25.43 -37.06
C LEU B 13 -18.85 -24.09 -36.79
N VAL B 14 -20.16 -24.13 -36.54
CA VAL B 14 -20.89 -22.88 -36.31
C VAL B 14 -21.65 -22.93 -34.99
N LYS B 15 -21.86 -21.75 -34.42
CA LYS B 15 -22.55 -21.63 -33.15
C LYS B 15 -24.08 -21.43 -33.29
N LEU B 16 -24.86 -22.17 -32.53
CA LEU B 16 -26.31 -22.02 -32.58
C LEU B 16 -26.59 -20.64 -32.01
N GLN B 17 -27.50 -19.92 -32.66
CA GLN B 17 -27.86 -18.56 -32.25
C GLN B 17 -29.09 -18.45 -31.36
N ARG B 18 -30.00 -19.40 -31.43
CA ARG B 18 -31.21 -19.25 -30.67
C ARG B 18 -31.60 -20.40 -29.77
N ILE B 19 -31.39 -21.64 -30.19
CA ILE B 19 -31.81 -22.66 -29.24
C ILE B 19 -30.76 -22.80 -28.13
N GLY B 20 -31.18 -23.37 -27.00
CA GLY B 20 -30.23 -23.53 -25.90
C GLY B 20 -30.43 -22.56 -24.73
N PRO B 21 -30.07 -22.98 -23.50
CA PRO B 21 -30.22 -22.14 -22.30
C PRO B 21 -29.32 -20.91 -22.30
N ASP B 22 -29.78 -19.87 -21.60
CA ASP B 22 -29.02 -18.65 -21.53
C ASP B 22 -28.21 -18.63 -20.23
N ASN B 23 -27.35 -19.63 -20.08
CA ASN B 23 -26.56 -19.77 -18.88
C ASN B 23 -25.10 -19.75 -19.16
N GLY B 24 -24.65 -19.04 -20.17
CA GLY B 24 -23.24 -18.98 -20.45
C GLY B 24 -22.74 -20.11 -21.32
N SER B 25 -23.56 -21.14 -21.52
CA SER B 25 -23.19 -22.25 -22.39
C SER B 25 -23.18 -21.85 -23.85
N GLU B 26 -22.36 -22.54 -24.64
CA GLU B 26 -22.33 -22.30 -26.06
C GLU B 26 -22.47 -23.67 -26.72
N ILE B 27 -23.23 -23.75 -27.80
CA ILE B 27 -23.39 -25.02 -28.53
C ILE B 27 -22.93 -24.81 -29.97
N TRP B 28 -21.89 -25.53 -30.34
CA TRP B 28 -21.35 -25.44 -31.67
C TRP B 28 -21.67 -26.74 -32.39
N VAL B 29 -21.97 -26.64 -33.69
CA VAL B 29 -22.29 -27.84 -34.46
C VAL B 29 -21.30 -27.99 -35.60
N LYS B 30 -20.76 -29.19 -35.74
CA LYS B 30 -19.78 -29.56 -36.77
C LYS B 30 -20.63 -30.06 -37.97
N LEU B 31 -20.63 -29.31 -39.07
CA LEU B 31 -21.45 -29.64 -40.25
C LEU B 31 -20.90 -30.66 -41.24
N GLU B 32 -21.04 -31.92 -40.87
CA GLU B 32 -20.54 -33.01 -41.69
C GLU B 32 -21.31 -33.19 -43.01
N GLY B 33 -22.50 -32.60 -43.12
CA GLY B 33 -23.25 -32.69 -44.37
C GLY B 33 -22.53 -31.92 -45.47
N ASN B 34 -21.51 -31.15 -45.09
CA ASN B 34 -20.76 -30.39 -46.09
C ASN B 34 -19.81 -31.27 -46.87
N ASN B 35 -19.57 -32.49 -46.39
CA ASN B 35 -18.71 -33.43 -47.14
C ASN B 35 -19.34 -33.62 -48.54
N PRO B 36 -18.50 -33.87 -49.57
CA PRO B 36 -19.02 -34.04 -50.93
C PRO B 36 -20.29 -34.87 -51.17
N ALA B 37 -20.44 -36.01 -50.50
CA ALA B 37 -21.63 -36.86 -50.67
C ALA B 37 -22.64 -36.66 -49.52
N GLY B 38 -22.54 -35.51 -48.86
CA GLY B 38 -23.48 -35.17 -47.81
C GLY B 38 -23.49 -35.79 -46.43
N SER B 39 -22.48 -36.54 -46.04
CA SER B 39 -22.49 -37.11 -44.71
C SER B 39 -21.10 -37.34 -44.14
N VAL B 40 -21.08 -37.53 -42.82
CA VAL B 40 -19.88 -37.74 -42.07
C VAL B 40 -19.18 -38.98 -42.59
N LYS B 41 -19.92 -39.92 -43.18
CA LYS B 41 -19.33 -41.14 -43.70
C LYS B 41 -18.27 -40.93 -44.78
N ASP B 42 -18.24 -39.77 -45.42
CA ASP B 42 -17.21 -39.57 -46.43
C ASP B 42 -15.79 -39.70 -45.83
N ARG B 43 -15.62 -39.34 -44.55
CA ARG B 43 -14.30 -39.39 -43.91
C ARG B 43 -13.80 -40.82 -43.76
N ALA B 44 -14.62 -41.68 -43.17
CA ALA B 44 -14.25 -43.08 -42.98
C ALA B 44 -14.15 -43.81 -44.32
N ALA B 45 -14.99 -43.43 -45.27
CA ALA B 45 -14.94 -44.09 -46.56
C ALA B 45 -13.61 -43.81 -47.21
N LEU B 46 -13.18 -42.56 -47.17
CA LEU B 46 -11.92 -42.17 -47.77
C LEU B 46 -10.74 -42.85 -47.02
N SER B 47 -10.80 -42.80 -45.69
CA SER B 47 -9.73 -43.39 -44.89
C SER B 47 -9.56 -44.92 -45.08
N MET B 48 -10.64 -45.67 -45.03
CA MET B 48 -10.53 -47.10 -45.20
C MET B 48 -9.91 -47.45 -46.56
N ILE B 49 -10.25 -46.69 -47.58
CA ILE B 49 -9.73 -46.97 -48.90
C ILE B 49 -8.31 -46.47 -49.09
N VAL B 50 -8.01 -45.26 -48.63
CA VAL B 50 -6.67 -44.71 -48.77
C VAL B 50 -5.64 -45.56 -48.02
N GLU B 51 -5.96 -45.91 -46.77
CA GLU B 51 -5.08 -46.71 -45.95
C GLU B 51 -4.85 -48.10 -46.54
N ALA B 52 -5.91 -48.72 -47.06
CA ALA B 52 -5.77 -50.03 -47.70
C ALA B 52 -4.83 -49.87 -48.91
N GLU B 53 -4.92 -48.74 -49.62
CA GLU B 53 -4.02 -48.53 -50.75
C GLU B 53 -2.58 -48.46 -50.23
N LYS B 54 -2.36 -47.73 -49.14
CA LYS B 54 -1.01 -47.62 -48.57
C LYS B 54 -0.41 -48.97 -48.23
N ARG B 55 -1.24 -49.89 -47.76
CA ARG B 55 -0.79 -51.22 -47.39
C ARG B 55 -0.66 -52.17 -48.60
N GLY B 56 -0.93 -51.62 -49.79
CA GLY B 56 -0.88 -52.42 -51.01
C GLY B 56 -1.97 -53.47 -51.11
N GLU B 57 -3.01 -53.39 -50.30
CA GLU B 57 -4.10 -54.35 -50.34
C GLU B 57 -4.99 -54.14 -51.56
N ILE B 58 -5.06 -52.92 -52.07
CA ILE B 58 -5.94 -52.66 -53.22
C ILE B 58 -5.33 -51.62 -54.11
N LYS B 59 -5.82 -51.55 -55.34
CA LYS B 59 -5.38 -50.55 -56.28
C LYS B 59 -6.52 -50.32 -57.24
N PRO B 60 -6.58 -49.12 -57.83
CA PRO B 60 -7.64 -48.77 -58.77
C PRO B 60 -7.96 -49.90 -59.73
N GLY B 61 -9.25 -50.18 -59.87
CA GLY B 61 -9.69 -51.24 -60.74
C GLY B 61 -10.19 -52.40 -59.92
N ASP B 62 -9.74 -52.50 -58.67
CA ASP B 62 -10.18 -53.61 -57.81
C ASP B 62 -11.60 -53.49 -57.30
N VAL B 63 -12.12 -54.60 -56.83
CA VAL B 63 -13.46 -54.68 -56.31
C VAL B 63 -13.46 -54.44 -54.80
N LEU B 64 -14.41 -53.62 -54.33
CA LEU B 64 -14.58 -53.32 -52.92
C LEU B 64 -15.97 -53.81 -52.54
N ILE B 65 -16.08 -54.41 -51.37
CA ILE B 65 -17.33 -54.99 -50.89
C ILE B 65 -17.72 -54.50 -49.50
N GLU B 66 -19.02 -54.28 -49.30
CA GLU B 66 -19.52 -53.84 -48.01
C GLU B 66 -21.02 -54.01 -47.99
N ALA B 67 -21.51 -54.54 -46.87
CA ALA B 67 -22.92 -54.74 -46.67
C ALA B 67 -23.41 -53.47 -45.99
N THR B 68 -24.27 -52.70 -46.65
CA THR B 68 -24.78 -51.46 -46.10
C THR B 68 -25.66 -50.79 -47.14
N SER B 69 -26.48 -49.83 -46.73
CA SER B 69 -27.31 -49.14 -47.70
C SER B 69 -27.62 -47.72 -47.31
N GLY B 70 -26.94 -47.20 -46.29
CA GLY B 70 -27.20 -45.83 -45.91
C GLY B 70 -26.09 -44.90 -46.36
N ASN B 71 -25.76 -43.95 -45.49
CA ASN B 71 -24.69 -43.02 -45.79
C ASN B 71 -23.37 -43.71 -46.12
N THR B 72 -23.06 -44.82 -45.43
CA THR B 72 -21.83 -45.57 -45.70
C THR B 72 -21.84 -46.05 -47.15
N GLY B 73 -22.96 -46.61 -47.58
CA GLY B 73 -23.04 -47.06 -48.96
C GLY B 73 -22.82 -45.91 -49.93
N ILE B 74 -23.50 -44.80 -49.68
CA ILE B 74 -23.38 -43.62 -50.55
C ILE B 74 -21.94 -43.09 -50.56
N ALA B 75 -21.31 -43.00 -49.38
CA ALA B 75 -19.94 -42.50 -49.29
C ALA B 75 -18.96 -43.41 -50.02
N LEU B 76 -19.13 -44.72 -49.85
CA LEU B 76 -18.24 -45.70 -50.50
C LEU B 76 -18.41 -45.66 -52.01
N ALA B 77 -19.66 -45.58 -52.45
CA ALA B 77 -19.94 -45.53 -53.88
C ALA B 77 -19.26 -44.29 -54.47
N MET B 78 -19.34 -43.18 -53.74
CA MET B 78 -18.73 -41.93 -54.20
C MET B 78 -17.19 -42.02 -54.22
N ILE B 79 -16.58 -42.54 -53.16
CA ILE B 79 -15.12 -42.63 -53.15
C ILE B 79 -14.67 -43.56 -54.28
N ALA B 80 -15.41 -44.66 -54.49
CA ALA B 80 -15.09 -45.63 -55.55
C ALA B 80 -15.12 -44.97 -56.92
N ALA B 81 -16.15 -44.13 -57.15
CA ALA B 81 -16.24 -43.42 -58.42
C ALA B 81 -15.11 -42.40 -58.53
N LEU B 82 -14.84 -41.72 -57.42
CA LEU B 82 -13.79 -40.71 -57.41
C LEU B 82 -12.43 -41.31 -57.70
N LYS B 83 -12.12 -42.40 -57.00
CA LYS B 83 -10.83 -43.04 -57.14
C LYS B 83 -10.65 -44.18 -58.15
N GLY B 84 -11.71 -44.62 -58.79
CA GLY B 84 -11.56 -45.69 -59.78
C GLY B 84 -11.69 -47.13 -59.31
N TYR B 85 -12.58 -47.40 -58.35
CA TYR B 85 -12.79 -48.75 -57.87
C TYR B 85 -14.20 -49.23 -58.27
N ARG B 86 -14.38 -50.55 -58.27
CA ARG B 86 -15.66 -51.19 -58.60
C ARG B 86 -16.28 -51.47 -57.24
N MET B 87 -17.32 -50.71 -56.88
CA MET B 87 -17.95 -50.91 -55.58
C MET B 87 -19.13 -51.86 -55.63
N LYS B 88 -19.19 -52.77 -54.67
CA LYS B 88 -20.29 -53.71 -54.57
C LYS B 88 -20.90 -53.56 -53.17
N LEU B 89 -22.19 -53.22 -53.14
CA LEU B 89 -22.88 -53.00 -51.87
C LEU B 89 -23.99 -54.03 -51.70
N LEU B 90 -23.99 -54.71 -50.56
CA LEU B 90 -24.97 -55.75 -50.28
C LEU B 90 -26.06 -55.28 -49.31
N MET B 91 -27.30 -55.64 -49.58
CA MET B 91 -28.42 -55.21 -48.74
C MET B 91 -29.66 -56.06 -49.03
N PRO B 92 -30.59 -56.10 -48.07
CA PRO B 92 -31.81 -56.88 -48.28
C PRO B 92 -32.68 -56.17 -49.32
N ASP B 93 -33.47 -56.93 -50.06
CA ASP B 93 -34.32 -56.38 -51.10
C ASP B 93 -35.53 -55.59 -50.61
N ASN B 94 -35.37 -54.71 -49.66
CA ASN B 94 -36.52 -53.92 -49.28
C ASN B 94 -36.12 -52.45 -49.17
N MET B 95 -35.17 -52.04 -50.01
CA MET B 95 -34.71 -50.66 -50.05
C MET B 95 -35.65 -49.93 -50.97
N SER B 96 -35.98 -48.69 -50.63
CA SER B 96 -36.85 -47.90 -51.49
C SER B 96 -36.09 -47.68 -52.78
N GLN B 97 -36.76 -47.18 -53.80
CA GLN B 97 -36.11 -46.96 -55.08
C GLN B 97 -35.22 -45.71 -55.00
N GLU B 98 -35.56 -44.77 -54.13
CA GLU B 98 -34.75 -43.56 -53.98
C GLU B 98 -33.46 -43.91 -53.20
N ARG B 99 -33.61 -44.81 -52.24
CA ARG B 99 -32.49 -45.21 -51.42
C ARG B 99 -31.46 -45.94 -52.32
N ARG B 100 -31.95 -46.73 -53.27
CA ARG B 100 -31.08 -47.43 -54.19
C ARG B 100 -30.46 -46.47 -55.17
N ALA B 101 -31.22 -45.49 -55.56
CA ALA B 101 -30.71 -44.52 -56.53
C ALA B 101 -29.54 -43.69 -56.00
N ALA B 102 -29.52 -43.41 -54.71
CA ALA B 102 -28.44 -42.63 -54.12
C ALA B 102 -27.09 -43.35 -54.29
N MET B 103 -27.10 -44.69 -54.25
CA MET B 103 -25.88 -45.47 -54.42
C MET B 103 -25.55 -45.79 -55.88
N ARG B 104 -26.58 -46.15 -56.66
CA ARG B 104 -26.39 -46.46 -58.09
C ARG B 104 -25.96 -45.26 -58.92
N ALA B 105 -26.30 -44.06 -58.47
CA ALA B 105 -25.94 -42.86 -59.21
C ALA B 105 -24.43 -42.81 -59.44
N TYR B 106 -23.67 -43.30 -58.47
CA TYR B 106 -22.21 -43.30 -58.54
C TYR B 106 -21.65 -44.52 -59.27
N GLY B 107 -22.53 -45.39 -59.77
CA GLY B 107 -22.07 -46.54 -60.52
C GLY B 107 -21.80 -47.77 -59.69
N ALA B 108 -22.21 -47.75 -58.44
CA ALA B 108 -21.98 -48.90 -57.61
C ALA B 108 -22.99 -49.98 -58.01
N GLU B 109 -22.60 -51.24 -57.84
CA GLU B 109 -23.44 -52.38 -58.13
C GLU B 109 -24.08 -52.84 -56.85
N LEU B 110 -25.40 -52.97 -56.84
CA LEU B 110 -26.08 -53.42 -55.63
C LEU B 110 -26.40 -54.90 -55.79
N ILE B 111 -26.00 -55.69 -54.80
CA ILE B 111 -26.24 -57.13 -54.77
C ILE B 111 -27.27 -57.39 -53.69
N LEU B 112 -28.46 -57.80 -54.06
CA LEU B 112 -29.52 -58.02 -53.10
C LEU B 112 -29.65 -59.42 -52.46
N VAL B 113 -30.05 -59.46 -51.19
CA VAL B 113 -30.33 -60.73 -50.52
C VAL B 113 -31.82 -60.57 -50.23
N THR B 114 -32.50 -61.62 -49.79
CA THR B 114 -33.93 -61.54 -49.49
C THR B 114 -34.23 -60.79 -48.20
N LYS B 115 -35.49 -60.35 -48.06
CA LYS B 115 -35.90 -59.68 -46.84
C LYS B 115 -35.64 -60.67 -45.72
N GLU B 116 -35.93 -61.95 -45.98
CA GLU B 116 -35.72 -62.98 -44.95
C GLU B 116 -34.28 -62.94 -44.44
N GLN B 117 -33.31 -62.86 -45.34
CA GLN B 117 -31.91 -62.81 -44.94
C GLN B 117 -31.56 -61.52 -44.20
N GLY B 118 -32.21 -60.40 -44.56
CA GLY B 118 -31.97 -59.11 -43.93
C GLY B 118 -30.54 -58.61 -43.88
N MET B 119 -30.34 -57.51 -43.15
CA MET B 119 -29.02 -56.93 -43.03
C MET B 119 -27.97 -57.93 -42.55
N GLU B 120 -28.34 -58.84 -41.67
CA GLU B 120 -27.36 -59.79 -41.18
C GLU B 120 -26.97 -60.79 -42.26
N GLY B 121 -27.93 -61.14 -43.11
CA GLY B 121 -27.64 -62.06 -44.19
C GLY B 121 -26.72 -61.40 -45.19
N ALA B 122 -26.92 -60.10 -45.40
CA ALA B 122 -26.07 -59.37 -46.31
C ALA B 122 -24.65 -59.35 -45.74
N ARG B 123 -24.51 -59.08 -44.42
CA ARG B 123 -23.19 -59.02 -43.79
C ARG B 123 -22.49 -60.33 -44.06
N ASP B 124 -23.22 -61.43 -43.86
CA ASP B 124 -22.71 -62.76 -44.07
C ASP B 124 -22.28 -62.99 -45.52
N LEU B 125 -23.14 -62.64 -46.47
CA LEU B 125 -22.80 -62.83 -47.88
C LEU B 125 -21.54 -62.06 -48.24
N ALA B 126 -21.46 -60.81 -47.78
CA ALA B 126 -20.31 -59.96 -48.06
C ALA B 126 -19.04 -60.62 -47.56
N LEU B 127 -19.07 -61.11 -46.33
CA LEU B 127 -17.92 -61.78 -45.76
C LEU B 127 -17.53 -63.01 -46.61
N ALA B 128 -18.53 -63.80 -47.01
CA ALA B 128 -18.30 -64.97 -47.83
C ALA B 128 -17.64 -64.59 -49.14
N MET B 129 -18.19 -63.59 -49.84
CA MET B 129 -17.63 -63.16 -51.09
C MET B 129 -16.17 -62.74 -50.95
N SER B 130 -15.85 -62.08 -49.85
CA SER B 130 -14.48 -61.64 -49.67
C SER B 130 -13.63 -62.87 -49.42
N GLU B 131 -14.13 -63.84 -48.66
CA GLU B 131 -13.36 -65.03 -48.42
C GLU B 131 -13.19 -65.85 -49.69
N ARG B 132 -14.12 -65.74 -50.63
CA ARG B 132 -13.98 -66.47 -51.88
C ARG B 132 -13.05 -65.69 -52.80
N GLY B 133 -12.50 -64.60 -52.28
CA GLY B 133 -11.60 -63.76 -53.06
C GLY B 133 -12.27 -62.90 -54.12
N GLU B 134 -13.54 -62.52 -53.91
CA GLU B 134 -14.26 -61.70 -54.90
C GLU B 134 -14.09 -60.18 -54.72
N GLY B 135 -13.43 -59.76 -53.64
CA GLY B 135 -13.22 -58.35 -53.42
C GLY B 135 -12.79 -58.09 -52.00
N LYS B 136 -12.33 -56.87 -51.74
CA LYS B 136 -11.85 -56.49 -50.42
C LYS B 136 -13.02 -55.98 -49.56
N LEU B 137 -13.27 -56.66 -48.44
CA LEU B 137 -14.33 -56.26 -47.51
C LEU B 137 -13.82 -55.08 -46.69
N LEU B 138 -14.62 -54.03 -46.55
CA LEU B 138 -14.19 -52.86 -45.79
C LEU B 138 -14.49 -53.00 -44.30
N ASP B 139 -15.67 -53.51 -43.99
CA ASP B 139 -16.11 -53.74 -42.61
C ASP B 139 -15.99 -52.51 -41.72
N GLN B 140 -16.88 -51.55 -41.97
CA GLN B 140 -16.94 -50.30 -41.26
C GLN B 140 -16.98 -50.41 -39.73
N PHE B 141 -17.55 -51.51 -39.22
CA PHE B 141 -17.68 -51.71 -37.78
C PHE B 141 -16.45 -52.22 -37.08
N ASN B 142 -15.51 -52.78 -37.83
CA ASN B 142 -14.28 -53.30 -37.21
C ASN B 142 -12.99 -52.72 -37.76
N ASN B 143 -13.07 -51.97 -38.86
CA ASN B 143 -11.88 -51.43 -39.51
C ASN B 143 -11.31 -50.22 -38.75
N PRO B 144 -10.11 -50.37 -38.18
CA PRO B 144 -9.45 -49.30 -37.42
C PRO B 144 -9.31 -47.97 -38.20
N ASP B 145 -9.33 -48.06 -39.52
CA ASP B 145 -9.17 -46.90 -40.37
C ASP B 145 -10.38 -45.96 -40.34
N ASN B 146 -11.51 -46.46 -39.83
CA ASN B 146 -12.69 -45.65 -39.69
C ASN B 146 -12.38 -44.62 -38.55
N PRO B 147 -12.17 -45.06 -37.29
CA PRO B 147 -11.89 -44.05 -36.26
C PRO B 147 -10.63 -43.24 -36.54
N TYR B 148 -9.71 -43.85 -37.25
CA TYR B 148 -8.46 -43.18 -37.60
C TYR B 148 -8.71 -41.91 -38.38
N ALA B 149 -9.73 -41.90 -39.23
CA ALA B 149 -10.06 -40.70 -40.01
C ALA B 149 -10.44 -39.55 -39.05
N HIS B 150 -11.14 -39.90 -37.99
CA HIS B 150 -11.57 -38.89 -37.05
C HIS B 150 -10.44 -38.46 -36.06
N TYR B 151 -9.52 -39.37 -35.78
CA TYR B 151 -8.39 -39.09 -34.92
C TYR B 151 -7.45 -38.08 -35.61
N THR B 152 -7.35 -38.18 -36.94
CA THR B 152 -6.47 -37.33 -37.72
C THR B 152 -7.08 -36.08 -38.37
N THR B 153 -8.39 -36.06 -38.59
CA THR B 153 -9.01 -34.89 -39.20
C THR B 153 -10.11 -34.25 -38.34
N THR B 154 -11.18 -34.99 -38.08
CA THR B 154 -12.29 -34.45 -37.31
C THR B 154 -11.90 -33.89 -35.95
N GLY B 155 -11.22 -34.67 -35.13
CA GLY B 155 -10.82 -34.21 -33.80
C GLY B 155 -9.89 -33.00 -33.89
N PRO B 156 -8.82 -33.10 -34.67
CA PRO B 156 -7.92 -31.95 -34.79
C PRO B 156 -8.62 -30.67 -35.26
N GLU B 157 -9.61 -30.80 -36.14
CA GLU B 157 -10.31 -29.61 -36.66
C GLU B 157 -11.12 -28.97 -35.55
N ILE B 158 -11.83 -29.80 -34.79
CA ILE B 158 -12.66 -29.30 -33.72
C ILE B 158 -11.80 -28.57 -32.69
N TRP B 159 -10.67 -29.16 -32.33
CA TRP B 159 -9.79 -28.57 -31.34
C TRP B 159 -9.31 -27.21 -31.84
N ARG B 160 -8.92 -27.16 -33.11
CA ARG B 160 -8.45 -25.93 -33.71
C ARG B 160 -9.60 -24.89 -33.85
N GLN B 161 -10.74 -25.35 -34.34
CA GLN B 161 -11.89 -24.44 -34.52
C GLN B 161 -12.42 -23.82 -33.23
N THR B 162 -12.36 -24.55 -32.13
CA THR B 162 -12.81 -23.98 -30.86
C THR B 162 -11.61 -23.37 -30.11
N SER B 163 -10.45 -23.26 -30.76
CA SER B 163 -9.26 -22.73 -30.09
C SER B 163 -9.04 -23.39 -28.69
N GLY B 164 -9.23 -24.70 -28.58
CA GLY B 164 -9.06 -25.37 -27.31
C GLY B 164 -10.13 -25.12 -26.25
N ARG B 165 -11.18 -24.38 -26.58
CA ARG B 165 -12.23 -24.06 -25.59
C ARG B 165 -13.23 -25.16 -25.34
N ILE B 166 -13.35 -26.10 -26.26
CA ILE B 166 -14.31 -27.20 -26.09
C ILE B 166 -14.21 -27.87 -24.73
N THR B 167 -15.34 -28.09 -24.06
CA THR B 167 -15.35 -28.76 -22.78
C THR B 167 -16.15 -30.07 -22.86
N HIS B 168 -17.06 -30.16 -23.82
CA HIS B 168 -17.86 -31.36 -24.00
C HIS B 168 -18.00 -31.69 -25.48
N PHE B 169 -18.01 -32.97 -25.79
CA PHE B 169 -18.16 -33.42 -27.17
C PHE B 169 -19.32 -34.38 -27.21
N VAL B 170 -20.30 -34.10 -28.08
CA VAL B 170 -21.48 -34.94 -28.18
C VAL B 170 -21.60 -35.60 -29.55
N SER B 171 -21.80 -36.93 -29.56
CA SER B 171 -21.89 -37.65 -30.82
C SER B 171 -22.87 -38.84 -30.79
N SER B 172 -23.72 -38.92 -31.82
CA SER B 172 -24.67 -40.02 -31.97
C SER B 172 -23.84 -41.17 -32.51
N MET B 173 -23.93 -42.30 -31.85
CA MET B 173 -23.12 -43.44 -32.20
C MET B 173 -23.70 -44.49 -33.13
N GLY B 174 -23.05 -44.70 -34.26
CA GLY B 174 -23.44 -45.72 -35.21
C GLY B 174 -22.35 -46.78 -35.17
N THR B 175 -21.31 -46.60 -35.99
CA THR B 175 -20.17 -47.52 -35.96
C THR B 175 -19.33 -47.16 -34.74
N THR B 176 -19.49 -45.93 -34.25
CA THR B 176 -18.77 -45.34 -33.10
C THR B 176 -17.39 -44.83 -33.56
N GLY B 177 -17.12 -44.87 -34.85
CA GLY B 177 -15.84 -44.40 -35.34
C GLY B 177 -15.59 -42.93 -35.03
N THR B 178 -16.62 -42.09 -35.15
CA THR B 178 -16.47 -40.66 -34.90
C THR B 178 -16.16 -40.37 -33.44
N ILE B 179 -16.97 -40.88 -32.53
CA ILE B 179 -16.74 -40.60 -31.13
C ILE B 179 -15.40 -41.19 -30.65
N THR B 180 -15.08 -42.38 -31.15
CA THR B 180 -13.84 -43.06 -30.81
C THR B 180 -12.61 -42.27 -31.25
N GLY B 181 -12.56 -41.91 -32.53
CA GLY B 181 -11.45 -41.17 -33.08
C GLY B 181 -11.32 -39.76 -32.55
N VAL B 182 -12.44 -39.06 -32.39
CA VAL B 182 -12.40 -37.71 -31.85
C VAL B 182 -11.98 -37.78 -30.37
N SER B 183 -12.49 -38.75 -29.61
CA SER B 183 -12.11 -38.84 -28.20
C SER B 183 -10.62 -39.11 -28.06
N ARG B 184 -10.11 -40.03 -28.87
CA ARG B 184 -8.69 -40.36 -28.84
C ARG B 184 -7.87 -39.10 -28.98
N PHE B 185 -8.22 -38.27 -29.95
CA PHE B 185 -7.46 -37.05 -30.11
C PHE B 185 -7.63 -36.06 -28.95
N LEU B 186 -8.85 -35.90 -28.48
CA LEU B 186 -9.07 -34.95 -27.42
C LEU B 186 -8.41 -35.39 -26.11
N ARG B 187 -8.35 -36.69 -25.84
CA ARG B 187 -7.69 -37.17 -24.62
C ARG B 187 -6.20 -36.76 -24.59
N GLU B 188 -5.58 -36.63 -25.75
CA GLU B 188 -4.18 -36.26 -25.79
C GLU B 188 -3.95 -34.82 -25.40
N GLN B 189 -5.02 -34.09 -25.09
CA GLN B 189 -4.85 -32.69 -24.73
C GLN B 189 -4.75 -32.54 -23.22
N GLU B 190 -4.05 -31.48 -22.79
CA GLU B 190 -3.88 -31.24 -21.36
C GLU B 190 -5.22 -30.99 -20.70
N LYS B 191 -5.98 -30.09 -21.29
CA LYS B 191 -7.32 -29.75 -20.80
C LYS B 191 -8.28 -30.93 -20.91
N PRO B 192 -9.02 -31.21 -19.83
CA PRO B 192 -9.98 -32.32 -19.85
C PRO B 192 -11.16 -32.00 -20.77
N VAL B 193 -11.79 -33.03 -21.32
CA VAL B 193 -12.96 -32.87 -22.19
C VAL B 193 -13.88 -34.04 -21.94
N THR B 194 -15.14 -33.77 -21.60
CA THR B 194 -16.12 -34.84 -21.37
C THR B 194 -16.66 -35.35 -22.71
N ILE B 195 -16.57 -36.66 -22.91
CA ILE B 195 -17.03 -37.28 -24.16
C ILE B 195 -18.39 -37.87 -23.93
N VAL B 196 -19.39 -37.39 -24.67
CA VAL B 196 -20.74 -37.87 -24.49
C VAL B 196 -21.25 -38.58 -25.72
N GLY B 197 -21.62 -39.84 -25.56
CA GLY B 197 -22.12 -40.60 -26.69
C GLY B 197 -23.62 -40.74 -26.57
N LEU B 198 -24.33 -40.76 -27.69
CA LEU B 198 -25.79 -40.90 -27.67
C LEU B 198 -26.25 -42.15 -28.41
N GLN B 199 -27.25 -42.81 -27.86
CA GLN B 199 -27.81 -43.99 -28.50
C GLN B 199 -29.34 -43.88 -28.44
N PRO B 200 -30.03 -44.54 -29.38
CA PRO B 200 -31.50 -44.43 -29.30
C PRO B 200 -32.07 -45.14 -28.08
N GLU B 201 -33.17 -44.59 -27.56
CA GLU B 201 -33.88 -45.20 -26.42
C GLU B 201 -34.43 -46.50 -26.95
N GLU B 202 -34.60 -47.51 -26.09
CA GLU B 202 -35.16 -48.77 -26.59
C GLU B 202 -36.49 -48.49 -27.28
N GLY B 203 -36.66 -49.09 -28.45
CA GLY B 203 -37.90 -48.89 -29.18
C GLY B 203 -37.83 -47.70 -30.10
N SER B 204 -36.94 -46.75 -29.83
CA SER B 204 -36.82 -45.59 -30.71
C SER B 204 -36.04 -45.96 -31.96
N SER B 205 -36.41 -45.34 -33.08
CA SER B 205 -35.75 -45.58 -34.34
C SER B 205 -35.16 -44.29 -34.87
N ILE B 206 -33.83 -44.25 -34.97
CA ILE B 206 -33.14 -43.08 -35.46
C ILE B 206 -32.20 -43.49 -36.56
N PRO B 207 -32.56 -43.18 -37.81
CA PRO B 207 -31.75 -43.51 -38.99
C PRO B 207 -30.26 -43.19 -38.82
N GLY B 208 -29.40 -44.16 -39.14
CA GLY B 208 -27.96 -43.94 -39.04
C GLY B 208 -27.27 -44.50 -37.82
N ILE B 209 -28.02 -44.72 -36.74
CA ILE B 209 -27.44 -45.27 -35.52
C ILE B 209 -28.35 -46.38 -35.07
N ARG B 210 -27.98 -47.08 -34.01
CA ARG B 210 -28.80 -48.16 -33.52
C ARG B 210 -28.40 -48.39 -32.08
N ARG B 211 -29.29 -48.98 -31.31
CA ARG B 211 -28.99 -49.26 -29.92
C ARG B 211 -28.26 -50.59 -29.93
N TRP B 212 -26.99 -50.57 -29.54
CA TRP B 212 -26.20 -51.79 -29.53
C TRP B 212 -26.45 -52.65 -28.30
N PRO B 213 -26.49 -53.98 -28.49
CA PRO B 213 -26.71 -54.89 -27.37
C PRO B 213 -25.57 -54.63 -26.38
N ALA B 214 -25.92 -54.40 -25.11
CA ALA B 214 -24.98 -54.10 -24.04
C ALA B 214 -23.52 -54.58 -24.20
N GLU B 215 -23.36 -55.85 -24.51
CA GLU B 215 -22.02 -56.38 -24.63
C GLU B 215 -21.69 -56.79 -26.05
N TYR B 216 -22.24 -56.06 -27.01
CA TYR B 216 -22.02 -56.31 -28.43
C TYR B 216 -21.78 -55.03 -29.23
N MET B 217 -20.99 -54.11 -28.65
CA MET B 217 -20.66 -52.86 -29.32
C MET B 217 -19.78 -53.16 -30.52
N PRO B 218 -19.71 -52.24 -31.49
CA PRO B 218 -18.85 -52.57 -32.63
C PRO B 218 -17.39 -52.76 -32.22
N GLY B 219 -16.66 -53.55 -33.01
CA GLY B 219 -15.26 -53.85 -32.74
C GLY B 219 -14.34 -52.68 -32.45
N ILE B 220 -14.50 -51.58 -33.20
CA ILE B 220 -13.65 -50.40 -33.00
C ILE B 220 -13.89 -49.62 -31.70
N PHE B 221 -15.06 -49.82 -31.09
CA PHE B 221 -15.44 -49.12 -29.86
C PHE B 221 -14.58 -49.44 -28.63
N ASN B 222 -14.28 -48.41 -27.87
CA ASN B 222 -13.46 -48.51 -26.66
C ASN B 222 -14.22 -47.77 -25.54
N ALA B 223 -14.87 -48.52 -24.66
CA ALA B 223 -15.68 -47.97 -23.58
C ALA B 223 -15.03 -46.88 -22.74
N SER B 224 -13.75 -47.02 -22.50
CA SER B 224 -13.03 -46.05 -21.71
C SER B 224 -12.88 -44.67 -22.39
N LEU B 225 -13.10 -44.60 -23.70
CA LEU B 225 -12.97 -43.35 -24.43
C LEU B 225 -14.23 -42.46 -24.30
N VAL B 226 -15.30 -43.04 -23.79
CA VAL B 226 -16.55 -42.33 -23.64
C VAL B 226 -16.89 -42.16 -22.17
N ASP B 227 -17.07 -40.92 -21.74
CA ASP B 227 -17.42 -40.62 -20.34
C ASP B 227 -18.87 -40.88 -20.01
N GLU B 228 -19.79 -40.48 -20.89
CA GLU B 228 -21.21 -40.72 -20.65
C GLU B 228 -21.96 -41.13 -21.91
N VAL B 229 -22.97 -41.97 -21.72
CA VAL B 229 -23.84 -42.39 -22.81
C VAL B 229 -25.28 -42.03 -22.43
N LEU B 230 -25.90 -41.17 -23.23
CA LEU B 230 -27.28 -40.75 -22.98
C LEU B 230 -28.18 -41.38 -24.01
N ASP B 231 -29.43 -41.61 -23.62
CA ASP B 231 -30.43 -42.20 -24.49
C ASP B 231 -31.23 -41.06 -25.11
N ILE B 232 -31.54 -41.17 -26.41
CA ILE B 232 -32.32 -40.16 -27.08
C ILE B 232 -33.57 -40.80 -27.64
N HIS B 233 -34.72 -40.20 -27.34
CA HIS B 233 -35.98 -40.73 -27.84
C HIS B 233 -36.16 -40.21 -29.25
N GLN B 234 -36.66 -41.09 -30.12
CA GLN B 234 -36.88 -40.76 -31.52
C GLN B 234 -37.62 -39.44 -31.74
N ASN B 235 -38.68 -39.25 -30.95
CA ASN B 235 -39.50 -38.07 -31.05
C ASN B 235 -38.73 -36.80 -30.70
N ASP B 236 -37.89 -36.91 -29.67
CA ASP B 236 -37.11 -35.78 -29.24
C ASP B 236 -36.05 -35.38 -30.31
N ALA B 237 -35.51 -36.39 -30.98
CA ALA B 237 -34.52 -36.16 -32.00
C ALA B 237 -35.21 -35.50 -33.21
N GLU B 238 -36.39 -36.01 -33.57
CA GLU B 238 -37.11 -35.47 -34.72
C GLU B 238 -37.54 -34.04 -34.46
N ASN B 239 -38.00 -33.76 -33.25
CA ASN B 239 -38.41 -32.40 -32.92
C ASN B 239 -37.23 -31.43 -32.98
N THR B 240 -36.09 -31.83 -32.41
CA THR B 240 -34.95 -30.92 -32.40
C THR B 240 -34.50 -30.72 -33.83
N MET B 241 -34.62 -31.79 -34.62
CA MET B 241 -34.24 -31.70 -36.03
C MET B 241 -35.07 -30.63 -36.72
N ARG B 242 -36.39 -30.67 -36.52
CA ARG B 242 -37.27 -29.67 -37.16
C ARG B 242 -37.02 -28.25 -36.61
N GLU B 243 -36.77 -28.15 -35.31
CA GLU B 243 -36.51 -26.87 -34.70
C GLU B 243 -35.20 -26.25 -35.18
N LEU B 244 -34.22 -27.09 -35.54
CA LEU B 244 -32.95 -26.57 -36.06
C LEU B 244 -33.19 -25.86 -37.40
N ALA B 245 -34.02 -26.44 -38.25
CA ALA B 245 -34.26 -25.84 -39.56
C ALA B 245 -35.03 -24.53 -39.40
N VAL B 246 -36.07 -24.58 -38.57
CA VAL B 246 -36.90 -23.41 -38.34
C VAL B 246 -36.23 -22.28 -37.61
N ARG B 247 -35.57 -22.58 -36.49
CA ARG B 247 -34.97 -21.51 -35.70
C ARG B 247 -33.53 -21.20 -35.96
N GLU B 248 -32.81 -22.09 -36.62
CA GLU B 248 -31.39 -21.83 -36.88
C GLU B 248 -31.07 -21.79 -38.35
N GLY B 249 -31.96 -22.35 -39.18
CA GLY B 249 -31.70 -22.36 -40.61
C GLY B 249 -30.76 -23.52 -40.96
N ILE B 250 -30.64 -24.46 -40.03
CA ILE B 250 -29.78 -25.61 -40.20
C ILE B 250 -30.63 -26.82 -40.51
N PHE B 251 -30.54 -27.28 -41.77
CA PHE B 251 -31.32 -28.39 -42.29
C PHE B 251 -30.47 -29.69 -42.25
N CYS B 252 -30.80 -30.58 -41.33
CA CYS B 252 -30.04 -31.81 -41.13
C CYS B 252 -30.95 -33.00 -40.85
N GLY B 253 -30.36 -34.18 -40.66
CA GLY B 253 -31.13 -35.38 -40.41
C GLY B 253 -31.49 -35.65 -38.97
N VAL B 254 -32.19 -36.76 -38.76
CA VAL B 254 -32.67 -37.13 -37.44
C VAL B 254 -31.59 -37.35 -36.37
N SER B 255 -30.52 -38.10 -36.70
CA SER B 255 -29.46 -38.34 -35.71
C SER B 255 -28.82 -37.01 -35.34
N SER B 256 -28.87 -36.05 -36.25
CA SER B 256 -28.30 -34.75 -36.00
C SER B 256 -29.19 -33.98 -35.00
N GLY B 257 -30.49 -34.21 -35.09
CA GLY B 257 -31.39 -33.55 -34.16
C GLY B 257 -31.14 -34.18 -32.81
N GLY B 258 -30.98 -35.49 -32.79
CA GLY B 258 -30.73 -36.19 -31.55
C GLY B 258 -29.43 -35.71 -30.91
N ALA B 259 -28.43 -35.40 -31.74
CA ALA B 259 -27.15 -34.93 -31.26
C ALA B 259 -27.30 -33.55 -30.61
N VAL B 260 -28.01 -32.63 -31.28
CA VAL B 260 -28.25 -31.31 -30.71
C VAL B 260 -29.14 -31.44 -29.46
N ALA B 261 -30.06 -32.39 -29.44
CA ALA B 261 -30.90 -32.60 -28.26
C ALA B 261 -29.99 -32.98 -27.08
N GLY B 262 -29.01 -33.86 -27.35
CA GLY B 262 -28.09 -34.28 -26.32
C GLY B 262 -27.24 -33.10 -25.86
N ALA B 263 -26.77 -32.29 -26.80
CA ALA B 263 -25.96 -31.12 -26.45
C ALA B 263 -26.76 -30.11 -25.61
N LEU B 264 -28.08 -30.02 -25.86
CA LEU B 264 -28.92 -29.10 -25.11
C LEU B 264 -28.99 -29.61 -23.67
N ARG B 265 -29.14 -30.93 -23.47
CA ARG B 265 -29.18 -31.47 -22.11
C ARG B 265 -27.88 -31.14 -21.38
N VAL B 266 -26.76 -31.33 -22.08
CA VAL B 266 -25.46 -31.04 -21.49
C VAL B 266 -25.35 -29.57 -21.15
N ALA B 267 -25.71 -28.71 -22.10
CA ALA B 267 -25.62 -27.27 -21.89
C ALA B 267 -26.48 -26.82 -20.71
N ARG B 268 -27.69 -27.36 -20.61
CA ARG B 268 -28.58 -26.98 -19.55
C ARG B 268 -28.05 -27.41 -18.19
N ALA B 269 -27.46 -28.58 -18.11
CA ALA B 269 -26.93 -29.05 -16.84
C ALA B 269 -25.57 -28.47 -16.47
N THR B 270 -24.89 -27.76 -17.36
CA THR B 270 -23.57 -27.24 -17.02
C THR B 270 -23.34 -25.84 -17.55
N PRO B 271 -23.69 -24.83 -16.75
CA PRO B 271 -23.51 -23.45 -17.16
C PRO B 271 -22.08 -23.21 -17.64
N GLY B 272 -21.92 -22.44 -18.71
CA GLY B 272 -20.59 -22.16 -19.20
C GLY B 272 -19.94 -23.24 -20.05
N ALA B 273 -20.62 -24.37 -20.21
CA ALA B 273 -20.03 -25.45 -21.02
C ALA B 273 -19.91 -25.02 -22.49
N ILE B 274 -18.81 -25.41 -23.15
CA ILE B 274 -18.62 -25.12 -24.56
C ILE B 274 -18.81 -26.47 -25.26
N VAL B 275 -20.05 -26.75 -25.66
CA VAL B 275 -20.40 -28.03 -26.26
C VAL B 275 -20.29 -28.12 -27.79
N VAL B 276 -19.67 -29.18 -28.30
CA VAL B 276 -19.58 -29.39 -29.74
C VAL B 276 -20.35 -30.65 -30.06
N ALA B 277 -21.26 -30.57 -31.02
CA ALA B 277 -22.02 -31.75 -31.42
C ALA B 277 -21.84 -31.97 -32.92
N ILE B 278 -21.84 -33.24 -33.31
CA ILE B 278 -21.68 -33.60 -34.72
C ILE B 278 -23.04 -33.58 -35.44
N ILE B 279 -23.14 -32.81 -36.51
CA ILE B 279 -24.35 -32.81 -37.34
C ILE B 279 -23.88 -33.74 -38.47
N CYS B 280 -24.44 -34.94 -38.50
CA CYS B 280 -24.03 -35.99 -39.46
C CYS B 280 -24.28 -35.86 -40.96
N ASP B 281 -25.41 -35.28 -41.35
CA ASP B 281 -25.75 -35.12 -42.76
C ASP B 281 -26.79 -34.02 -42.94
N ARG B 282 -27.08 -33.66 -44.19
CA ARG B 282 -28.08 -32.66 -44.46
C ARG B 282 -29.46 -33.33 -44.41
N GLY B 283 -30.52 -32.52 -44.41
CA GLY B 283 -31.86 -33.10 -44.36
C GLY B 283 -32.41 -33.61 -45.68
N ASP B 284 -31.81 -33.21 -46.78
CA ASP B 284 -32.31 -33.58 -48.10
C ASP B 284 -32.82 -34.97 -48.28
N ARG B 285 -32.00 -35.96 -47.99
CA ARG B 285 -32.40 -37.36 -48.18
C ARG B 285 -33.44 -37.85 -47.19
N TYR B 286 -33.89 -36.97 -46.31
CA TYR B 286 -34.92 -37.35 -45.33
C TYR B 286 -36.33 -36.82 -45.74
N LEU B 287 -36.37 -35.86 -46.64
CA LEU B 287 -37.65 -35.28 -47.06
C LEU B 287 -38.69 -36.33 -47.44
N SER B 288 -38.30 -37.29 -48.25
CA SER B 288 -39.22 -38.32 -48.71
C SER B 288 -39.78 -39.22 -47.61
N THR B 289 -39.20 -39.14 -46.42
CA THR B 289 -39.66 -40.00 -45.34
C THR B 289 -40.71 -39.31 -44.50
N GLY B 290 -40.98 -38.06 -44.86
CA GLY B 290 -41.99 -37.33 -44.12
C GLY B 290 -41.63 -36.74 -42.77
N VAL B 291 -40.48 -37.08 -42.20
CA VAL B 291 -40.11 -36.54 -40.89
C VAL B 291 -40.13 -35.03 -40.86
N PHE B 292 -40.08 -34.38 -42.01
CA PHE B 292 -40.16 -32.93 -42.02
C PHE B 292 -41.55 -32.53 -42.44
N GLY B 293 -41.64 -31.83 -43.57
CA GLY B 293 -42.92 -31.46 -44.10
C GLY B 293 -43.60 -32.80 -44.36
N GLU B 294 -44.21 -33.34 -43.41
N MET C 1 42.26 17.75 -8.28
CA MET C 1 42.10 16.38 -7.73
C MET C 1 41.31 16.32 -6.41
N ASN C 2 41.66 15.37 -5.55
CA ASN C 2 40.93 15.15 -4.31
C ASN C 2 41.80 15.17 -3.04
N THR C 3 42.97 15.80 -3.12
CA THR C 3 43.90 15.83 -2.00
C THR C 3 44.00 17.16 -1.23
N LEU C 4 44.81 17.12 -0.18
CA LEU C 4 45.07 18.28 0.65
C LEU C 4 45.54 19.43 -0.22
N GLU C 5 46.19 19.10 -1.33
CA GLU C 5 46.70 20.15 -2.20
C GLU C 5 45.62 21.12 -2.69
N GLN C 6 44.40 20.62 -2.84
CA GLN C 6 43.32 21.46 -3.31
C GLN C 6 42.79 22.35 -2.23
N THR C 7 43.27 22.20 -0.99
CA THR C 7 42.83 23.07 0.08
C THR C 7 43.76 24.31 0.27
N ILE C 8 44.69 24.50 -0.66
CA ILE C 8 45.63 25.61 -0.58
C ILE C 8 45.01 26.73 -1.38
N GLY C 9 45.07 27.97 -0.88
CA GLY C 9 44.48 29.07 -1.63
C GLY C 9 42.97 29.19 -1.43
N ASN C 10 42.35 30.13 -2.14
CA ASN C 10 40.90 30.36 -1.95
C ASN C 10 40.56 30.58 -0.50
N THR C 11 41.36 31.40 0.16
CA THR C 11 41.16 31.68 1.59
C THR C 11 40.08 32.72 1.77
N PRO C 12 39.43 32.70 2.92
CA PRO C 12 38.37 33.70 3.11
C PRO C 12 38.82 35.16 3.20
N LEU C 13 37.92 36.06 2.80
CA LEU C 13 38.16 37.51 2.88
C LEU C 13 37.01 38.00 3.76
N VAL C 14 37.29 38.38 5.00
CA VAL C 14 36.24 38.87 5.89
C VAL C 14 36.46 40.31 6.27
N LYS C 15 35.38 41.00 6.60
CA LYS C 15 35.40 42.41 6.95
C LYS C 15 35.50 42.60 8.44
N LEU C 16 36.35 43.51 8.90
CA LEU C 16 36.46 43.77 10.35
C LEU C 16 35.18 44.48 10.76
N GLN C 17 34.63 44.10 11.90
CA GLN C 17 33.38 44.69 12.36
C GLN C 17 33.53 45.81 13.36
N ARG C 18 34.61 45.81 14.14
CA ARG C 18 34.77 46.81 15.15
C ARG C 18 35.96 47.77 15.07
N ILE C 19 37.17 47.30 14.80
CA ILE C 19 38.25 48.27 14.76
C ILE C 19 38.23 49.10 13.48
N GLY C 20 38.88 50.25 13.46
CA GLY C 20 38.83 51.04 12.23
C GLY C 20 37.87 52.23 12.28
N PRO C 21 38.18 53.34 11.58
CA PRO C 21 37.35 54.55 11.54
C PRO C 21 35.97 54.42 10.95
N ASP C 22 35.08 55.27 11.43
CA ASP C 22 33.73 55.27 10.92
C ASP C 22 33.60 56.39 9.87
N ASN C 23 34.44 56.33 8.83
CA ASN C 23 34.44 57.33 7.79
C ASN C 23 34.08 56.75 6.44
N GLY C 24 33.30 55.66 6.45
CA GLY C 24 32.90 55.04 5.20
C GLY C 24 33.90 54.04 4.62
N SER C 25 35.12 54.01 5.16
CA SER C 25 36.10 53.09 4.66
C SER C 25 35.85 51.71 5.25
N GLU C 26 36.29 50.69 4.55
CA GLU C 26 36.12 49.29 4.96
C GLU C 26 37.48 48.63 5.00
N ILE C 27 37.67 47.73 5.95
CA ILE C 27 38.91 47.01 6.02
C ILE C 27 38.58 45.51 5.95
N TRP C 28 39.05 44.86 4.89
CA TRP C 28 38.84 43.43 4.71
C TRP C 28 40.17 42.71 4.91
N VAL C 29 40.15 41.57 5.59
CA VAL C 29 41.37 40.78 5.78
C VAL C 29 41.30 39.39 5.08
N LYS C 30 42.38 39.07 4.35
CA LYS C 30 42.54 37.83 3.60
C LYS C 30 43.19 36.84 4.57
N LEU C 31 42.44 35.79 4.95
CA LEU C 31 42.92 34.85 5.95
C LEU C 31 43.82 33.67 5.53
N GLU C 32 45.08 33.99 5.23
CA GLU C 32 46.06 33.01 4.80
C GLU C 32 46.40 31.90 5.81
N GLY C 33 46.03 32.10 7.07
CA GLY C 33 46.28 31.03 8.02
C GLY C 33 45.34 29.84 7.76
N ASN C 34 44.39 30.02 6.83
CA ASN C 34 43.46 28.95 6.46
C ASN C 34 44.12 27.93 5.55
N ASN C 35 45.27 28.27 4.98
CA ASN C 35 46.02 27.32 4.17
C ASN C 35 46.29 26.11 5.09
N PRO C 36 46.40 24.89 4.50
CA PRO C 36 46.62 23.68 5.28
C PRO C 36 47.71 23.69 6.35
N ALA C 37 48.86 24.30 6.06
CA ALA C 37 49.95 24.33 7.05
C ALA C 37 49.96 25.65 7.85
N GLY C 38 48.87 26.40 7.74
CA GLY C 38 48.68 27.60 8.52
C GLY C 38 49.28 28.93 8.16
N SER C 39 49.77 29.09 6.93
CA SER C 39 50.33 30.37 6.57
C SER C 39 50.30 30.56 5.08
N VAL C 40 50.45 31.82 4.70
CA VAL C 40 50.50 32.23 3.31
C VAL C 40 51.61 31.50 2.53
N LYS C 41 52.60 30.97 3.25
CA LYS C 41 53.71 30.31 2.58
C LYS C 41 53.34 29.04 1.83
N ASP C 42 52.23 28.41 2.22
CA ASP C 42 51.77 27.23 1.50
C ASP C 42 51.64 27.54 -0.01
N ARG C 43 51.24 28.76 -0.37
CA ARG C 43 51.08 29.08 -1.77
C ARG C 43 52.39 29.07 -2.53
N ALA C 44 53.38 29.83 -2.07
CA ALA C 44 54.66 29.87 -2.78
C ALA C 44 55.38 28.53 -2.73
N ALA C 45 55.19 27.79 -1.65
CA ALA C 45 55.84 26.49 -1.55
C ALA C 45 55.26 25.54 -2.62
N LEU C 46 53.95 25.53 -2.79
CA LEU C 46 53.35 24.64 -3.78
C LEU C 46 53.82 25.07 -5.17
N SER C 47 53.75 26.36 -5.41
CA SER C 47 54.14 26.91 -6.70
C SER C 47 55.58 26.63 -7.07
N MET C 48 56.52 26.87 -6.16
CA MET C 48 57.91 26.63 -6.51
C MET C 48 58.14 25.16 -6.87
N ILE C 49 57.49 24.26 -6.14
CA ILE C 49 57.65 22.86 -6.38
C ILE C 49 56.94 22.38 -7.64
N VAL C 50 55.68 22.79 -7.80
CA VAL C 50 54.90 22.41 -8.97
C VAL C 50 55.57 22.95 -10.26
N GLU C 51 56.00 24.20 -10.25
CA GLU C 51 56.63 24.74 -11.44
C GLU C 51 57.97 24.04 -11.75
N ALA C 52 58.68 23.63 -10.70
CA ALA C 52 59.94 22.94 -10.90
C ALA C 52 59.64 21.57 -11.52
N GLU C 53 58.52 20.96 -11.11
CA GLU C 53 58.15 19.69 -11.70
C GLU C 53 57.81 19.92 -13.18
N LYS C 54 57.04 20.95 -13.51
CA LYS C 54 56.68 21.20 -14.89
C LYS C 54 57.89 21.29 -15.76
N ARG C 55 58.96 21.91 -15.24
CA ARG C 55 60.19 22.10 -15.98
C ARG C 55 61.11 20.85 -16.00
N GLY C 56 60.67 19.78 -15.37
CA GLY C 56 61.48 18.58 -15.34
C GLY C 56 62.71 18.65 -14.43
N GLU C 57 62.78 19.68 -13.60
CA GLU C 57 63.89 19.84 -12.69
C GLU C 57 63.85 18.87 -11.52
N ILE C 58 62.67 18.43 -11.12
CA ILE C 58 62.54 17.49 -10.00
C ILE C 58 61.42 16.49 -10.26
N LYS C 59 61.49 15.34 -9.59
CA LYS C 59 60.50 14.30 -9.74
C LYS C 59 60.31 13.80 -8.31
N PRO C 60 59.12 13.32 -7.94
CA PRO C 60 58.95 12.83 -6.56
C PRO C 60 60.08 11.86 -6.18
N GLY C 61 60.56 11.96 -4.95
CA GLY C 61 61.66 11.11 -4.51
C GLY C 61 62.93 11.94 -4.39
N ASP C 62 63.01 13.03 -5.15
CA ASP C 62 64.18 13.90 -5.12
C ASP C 62 64.33 14.65 -3.80
N VAL C 63 65.52 15.24 -3.61
CA VAL C 63 65.84 16.01 -2.43
C VAL C 63 65.63 17.48 -2.73
N LEU C 64 65.01 18.18 -1.80
CA LEU C 64 64.73 19.61 -1.94
C LEU C 64 65.49 20.27 -0.80
N ILE C 65 66.08 21.43 -1.07
CA ILE C 65 66.88 22.14 -0.09
C ILE C 65 66.48 23.60 0.05
N GLU C 66 66.40 24.07 1.28
CA GLU C 66 66.12 25.49 1.53
C GLU C 66 66.61 25.90 2.94
N ALA C 67 67.15 27.11 3.04
CA ALA C 67 67.61 27.57 4.35
C ALA C 67 66.50 28.44 4.90
N THR C 68 65.92 28.00 6.01
CA THR C 68 64.81 28.74 6.60
C THR C 68 64.37 27.94 7.79
N SER C 69 63.56 28.53 8.66
CA SER C 69 63.04 27.75 9.77
C SER C 69 61.69 28.30 10.25
N GLY C 70 61.07 29.12 9.41
CA GLY C 70 59.77 29.66 9.79
C GLY C 70 58.66 29.03 8.97
N ASN C 71 57.68 29.83 8.62
CA ASN C 71 56.56 29.37 7.83
C ASN C 71 57.07 28.73 6.55
N THR C 72 58.03 29.35 5.87
CA THR C 72 58.55 28.78 4.66
C THR C 72 58.99 27.34 4.89
N GLY C 73 59.70 27.10 5.99
CA GLY C 73 60.13 25.75 6.28
C GLY C 73 58.97 24.81 6.54
N ILE C 74 57.98 25.28 7.28
CA ILE C 74 56.79 24.47 7.59
C ILE C 74 56.06 24.19 6.29
N ALA C 75 55.83 25.22 5.49
CA ALA C 75 55.14 25.04 4.22
C ALA C 75 55.87 24.05 3.30
N LEU C 76 57.19 24.22 3.16
CA LEU C 76 57.96 23.32 2.30
C LEU C 76 57.94 21.89 2.82
N ALA C 77 58.08 21.74 4.12
CA ALA C 77 58.05 20.40 4.69
C ALA C 77 56.69 19.76 4.40
N MET C 78 55.62 20.54 4.52
CA MET C 78 54.27 20.03 4.26
C MET C 78 54.12 19.61 2.79
N ILE C 79 54.49 20.49 1.86
CA ILE C 79 54.36 20.13 0.46
C ILE C 79 55.20 18.88 0.13
N ALA C 80 56.38 18.77 0.74
CA ALA C 80 57.22 17.62 0.47
C ALA C 80 56.57 16.33 0.97
N ALA C 81 55.93 16.38 2.13
CA ALA C 81 55.28 15.20 2.67
C ALA C 81 54.05 14.90 1.81
N LEU C 82 53.42 15.94 1.30
CA LEU C 82 52.23 15.79 0.49
C LEU C 82 52.54 15.17 -0.86
N LYS C 83 53.52 15.75 -1.54
CA LYS C 83 53.92 15.29 -2.87
C LYS C 83 55.01 14.21 -2.98
N GLY C 84 55.59 13.79 -1.86
CA GLY C 84 56.62 12.76 -1.89
C GLY C 84 58.06 13.16 -2.17
N TYR C 85 58.51 14.25 -1.57
CA TYR C 85 59.87 14.72 -1.75
C TYR C 85 60.60 14.64 -0.41
N ARG C 86 61.94 14.56 -0.45
CA ARG C 86 62.79 14.51 0.75
C ARG C 86 63.23 15.96 1.00
N MET C 87 62.70 16.59 2.05
CA MET C 87 63.01 17.98 2.34
C MET C 87 64.17 18.14 3.30
N LYS C 88 65.08 19.07 2.99
CA LYS C 88 66.21 19.33 3.87
C LYS C 88 66.17 20.81 4.18
N LEU C 89 66.03 21.14 5.46
CA LEU C 89 65.92 22.53 5.86
C LEU C 89 67.11 22.91 6.71
N LEU C 90 67.79 23.98 6.30
CA LEU C 90 68.99 24.46 6.97
C LEU C 90 68.75 25.66 7.85
N MET C 91 69.26 25.60 9.08
CA MET C 91 69.07 26.70 10.02
C MET C 91 70.13 26.67 11.13
N PRO C 92 70.31 27.81 11.82
CA PRO C 92 71.29 27.86 12.93
C PRO C 92 70.81 27.03 14.11
N ASP C 93 71.75 26.45 14.87
CA ASP C 93 71.45 25.56 16.02
C ASP C 93 70.79 26.15 17.26
N ASN C 94 70.30 27.38 17.18
CA ASN C 94 69.64 28.01 18.31
C ASN C 94 68.10 28.16 18.12
N MET C 95 67.47 27.23 17.39
CA MET C 95 66.03 27.31 17.16
C MET C 95 65.33 26.56 18.27
N SER C 96 64.24 27.11 18.79
CA SER C 96 63.52 26.44 19.86
C SER C 96 63.14 25.01 19.48
N GLN C 97 62.75 24.20 20.46
CA GLN C 97 62.38 22.83 20.15
C GLN C 97 61.04 22.76 19.47
N GLU C 98 60.18 23.73 19.79
CA GLU C 98 58.85 23.79 19.21
C GLU C 98 58.92 24.25 17.77
N ARG C 99 59.82 25.20 17.55
CA ARG C 99 60.02 25.76 16.23
C ARG C 99 60.50 24.66 15.28
N ARG C 100 61.40 23.80 15.75
CA ARG C 100 61.87 22.78 14.86
C ARG C 100 60.91 21.62 14.77
N ALA C 101 60.11 21.41 15.82
CA ALA C 101 59.13 20.34 15.82
C ALA C 101 58.05 20.60 14.74
N ALA C 102 57.75 21.87 14.50
CA ALA C 102 56.77 22.23 13.50
C ALA C 102 57.19 21.73 12.10
N MET C 103 58.51 21.66 11.86
CA MET C 103 59.00 21.18 10.58
C MET C 103 59.28 19.68 10.62
N ARG C 104 59.80 19.18 11.73
CA ARG C 104 60.10 17.75 11.83
C ARG C 104 58.83 16.91 11.76
N ALA C 105 57.73 17.49 12.23
CA ALA C 105 56.46 16.78 12.23
C ALA C 105 56.15 16.23 10.84
N TYR C 106 56.48 16.98 9.80
CA TYR C 106 56.25 16.55 8.44
C TYR C 106 57.31 15.60 7.88
N GLY C 107 58.29 15.24 8.69
CA GLY C 107 59.32 14.32 8.21
C GLY C 107 60.49 15.01 7.54
N ALA C 108 60.60 16.33 7.68
CA ALA C 108 61.73 17.03 7.05
C ALA C 108 63.02 16.79 7.85
N GLU C 109 64.17 16.85 7.18
CA GLU C 109 65.44 16.65 7.87
C GLU C 109 66.01 18.01 8.11
N LEU C 110 66.39 18.27 9.36
CA LEU C 110 66.95 19.59 9.68
C LEU C 110 68.48 19.49 9.76
N ILE C 111 69.15 20.36 9.04
CA ILE C 111 70.60 20.38 9.02
C ILE C 111 70.96 21.67 9.71
N LEU C 112 71.72 21.56 10.79
CA LEU C 112 72.09 22.74 11.56
C LEU C 112 73.47 23.32 11.24
N VAL C 113 73.57 24.64 11.31
CA VAL C 113 74.85 25.29 11.15
C VAL C 113 75.01 25.90 12.55
N THR C 114 76.13 26.56 12.82
CA THR C 114 76.33 27.12 14.16
C THR C 114 75.60 28.43 14.32
N LYS C 115 75.29 28.76 15.57
CA LYS C 115 74.61 29.99 15.91
C LYS C 115 75.38 31.17 15.29
N GLU C 116 76.70 31.07 15.32
CA GLU C 116 77.60 32.10 14.78
C GLU C 116 77.44 32.18 13.28
N GLN C 117 77.51 31.02 12.59
CA GLN C 117 77.34 30.98 11.15
C GLN C 117 76.02 31.68 10.84
N GLY C 118 75.01 31.38 11.68
CA GLY C 118 73.69 31.98 11.56
C GLY C 118 72.91 31.68 10.29
N MET C 119 71.90 32.51 10.04
CA MET C 119 71.07 32.36 8.88
C MET C 119 71.85 32.48 7.56
N GLU C 120 72.75 33.45 7.50
CA GLU C 120 73.53 33.64 6.29
C GLU C 120 74.41 32.42 6.08
N GLY C 121 74.88 31.85 7.17
CA GLY C 121 75.72 30.67 7.06
C GLY C 121 74.90 29.60 6.40
N ALA C 122 73.70 29.38 6.95
CA ALA C 122 72.75 28.40 6.43
C ALA C 122 72.44 28.63 4.94
N ARG C 123 72.22 29.88 4.52
CA ARG C 123 71.96 30.16 3.11
C ARG C 123 73.15 29.63 2.30
N ASP C 124 74.35 29.98 2.76
CA ASP C 124 75.55 29.57 2.04
C ASP C 124 75.69 28.06 1.95
N LEU C 125 75.47 27.39 3.07
CA LEU C 125 75.59 25.95 3.10
C LEU C 125 74.57 25.27 2.18
N ALA C 126 73.36 25.84 2.12
CA ALA C 126 72.31 25.30 1.26
C ALA C 126 72.72 25.47 -0.21
N LEU C 127 73.26 26.64 -0.56
CA LEU C 127 73.72 26.91 -1.91
C LEU C 127 74.87 25.96 -2.28
N ALA C 128 75.82 25.79 -1.36
CA ALA C 128 76.95 24.90 -1.58
C ALA C 128 76.43 23.50 -1.86
N MET C 129 75.55 23.02 -0.99
CA MET C 129 74.96 21.69 -1.13
C MET C 129 74.29 21.55 -2.49
N SER C 130 73.57 22.60 -2.92
CA SER C 130 72.92 22.49 -4.21
C SER C 130 73.99 22.42 -5.28
N GLU C 131 75.08 23.17 -5.07
CA GLU C 131 76.21 23.17 -6.01
C GLU C 131 76.82 21.77 -6.17
N ARG C 132 77.01 21.05 -5.08
CA ARG C 132 77.59 19.70 -5.16
C ARG C 132 76.56 18.72 -5.67
N GLY C 133 75.43 19.25 -6.14
CA GLY C 133 74.37 18.39 -6.65
C GLY C 133 73.67 17.53 -5.59
N GLU C 134 73.55 18.03 -4.36
CA GLU C 134 72.91 17.26 -3.32
C GLU C 134 71.38 17.38 -3.25
N GLY C 135 70.83 18.36 -3.98
CA GLY C 135 69.40 18.58 -4.02
C GLY C 135 69.05 19.89 -4.72
N LYS C 136 67.78 20.12 -4.96
CA LYS C 136 67.34 21.33 -5.63
C LYS C 136 67.15 22.46 -4.64
N LEU C 137 67.76 23.60 -4.89
CA LEU C 137 67.58 24.73 -3.99
C LEU C 137 66.34 25.47 -4.49
N LEU C 138 65.45 25.86 -3.58
CA LEU C 138 64.23 26.57 -3.96
C LEU C 138 64.48 28.07 -4.02
N ASP C 139 65.16 28.58 -3.02
CA ASP C 139 65.49 30.00 -2.95
C ASP C 139 64.28 30.94 -3.03
N GLN C 140 63.55 30.98 -1.92
CA GLN C 140 62.35 31.77 -1.81
C GLN C 140 62.48 33.25 -2.16
N PHE C 141 63.66 33.84 -1.93
CA PHE C 141 63.85 35.27 -2.23
C PHE C 141 64.10 35.59 -3.69
N ASN C 142 64.54 34.61 -4.45
CA ASN C 142 64.80 34.90 -5.86
C ASN C 142 63.98 34.12 -6.86
N ASN C 143 63.30 33.07 -6.40
CA ASN C 143 62.50 32.24 -7.29
C ASN C 143 61.23 32.95 -7.78
N PRO C 144 61.14 33.23 -9.10
CA PRO C 144 59.97 33.91 -9.69
C PRO C 144 58.64 33.19 -9.46
N ASP C 145 58.71 31.91 -9.12
CA ASP C 145 57.52 31.09 -8.91
C ASP C 145 56.80 31.44 -7.60
N ASN C 146 57.52 32.15 -6.71
CA ASN C 146 56.97 32.60 -5.43
C ASN C 146 55.92 33.65 -5.76
N PRO C 147 56.32 34.79 -6.33
CA PRO C 147 55.29 35.79 -6.66
C PRO C 147 54.27 35.30 -7.69
N TYR C 148 54.68 34.36 -8.52
CA TYR C 148 53.81 33.80 -9.56
C TYR C 148 52.56 33.18 -8.96
N ALA C 149 52.69 32.55 -7.81
CA ALA C 149 51.54 31.95 -7.13
C ALA C 149 50.49 33.03 -6.77
N HIS C 150 50.97 34.19 -6.32
CA HIS C 150 50.08 35.27 -5.92
C HIS C 150 49.46 35.99 -7.09
N TYR C 151 50.18 35.96 -8.21
CA TYR C 151 49.71 36.58 -9.44
C TYR C 151 48.55 35.79 -10.03
N THR C 152 48.58 34.48 -9.84
CA THR C 152 47.56 33.60 -10.38
C THR C 152 46.49 33.18 -9.39
N THR C 153 46.75 33.24 -8.10
CA THR C 153 45.72 32.83 -7.14
C THR C 153 45.31 33.94 -6.18
N THR C 154 46.23 34.39 -5.33
CA THR C 154 45.92 35.42 -4.34
C THR C 154 45.29 36.69 -4.91
N GLY C 155 45.94 37.29 -5.90
CA GLY C 155 45.42 38.49 -6.52
C GLY C 155 44.06 38.24 -7.16
N PRO C 156 43.96 37.26 -8.07
CA PRO C 156 42.64 37.04 -8.68
C PRO C 156 41.54 36.79 -7.64
N GLU C 157 41.85 36.09 -6.56
CA GLU C 157 40.85 35.84 -5.52
C GLU C 157 40.40 37.15 -4.88
N ILE C 158 41.35 38.00 -4.52
CA ILE C 158 41.01 39.24 -3.87
C ILE C 158 40.15 40.10 -4.77
N TRP C 159 40.50 40.17 -6.04
CA TRP C 159 39.74 40.99 -6.98
C TRP C 159 38.32 40.49 -7.10
N ARG C 160 38.16 39.18 -7.14
CA ARG C 160 36.86 38.56 -7.24
C ARG C 160 36.07 38.75 -5.95
N GLN C 161 36.68 38.46 -4.80
CA GLN C 161 36.00 38.61 -3.52
C GLN C 161 35.55 40.03 -3.17
N THR C 162 36.21 41.05 -3.68
CA THR C 162 35.76 42.41 -3.39
C THR C 162 34.96 42.93 -4.58
N SER C 163 34.62 42.05 -5.51
CA SER C 163 33.89 42.49 -6.70
C SER C 163 34.50 43.74 -7.33
N GLY C 164 35.81 43.84 -7.37
CA GLY C 164 36.43 45.01 -7.99
C GLY C 164 36.39 46.30 -7.19
N ARG C 165 35.90 46.24 -5.97
CA ARG C 165 35.79 47.43 -5.15
C ARG C 165 37.09 47.88 -4.50
N ILE C 166 38.02 46.95 -4.27
CA ILE C 166 39.30 47.27 -3.61
C ILE C 166 39.95 48.53 -4.14
N THR C 167 40.45 49.38 -3.24
CA THR C 167 41.12 50.61 -3.65
C THR C 167 42.53 50.62 -3.12
N HIS C 168 42.78 49.84 -2.06
CA HIS C 168 44.10 49.79 -1.46
C HIS C 168 44.42 48.36 -1.04
N PHE C 169 45.67 47.95 -1.26
CA PHE C 169 46.15 46.62 -0.89
C PHE C 169 47.33 46.80 0.09
N VAL C 170 47.24 46.20 1.27
CA VAL C 170 48.29 46.34 2.28
C VAL C 170 48.94 45.00 2.57
N SER C 171 50.28 44.96 2.48
CA SER C 171 50.98 43.71 2.71
C SER C 171 52.31 43.82 3.46
N SER C 172 52.46 43.07 4.55
CA SER C 172 53.73 43.05 5.26
C SER C 172 54.72 42.33 4.34
N MET C 173 55.86 42.97 4.05
CA MET C 173 56.84 42.39 3.14
C MET C 173 57.95 41.54 3.75
N GLY C 174 58.02 40.28 3.33
CA GLY C 174 59.05 39.38 3.79
C GLY C 174 59.89 39.13 2.56
N THR C 175 59.52 38.11 1.79
CA THR C 175 60.22 37.81 0.54
C THR C 175 59.73 38.81 -0.49
N THR C 176 58.57 39.40 -0.21
CA THR C 176 57.87 40.35 -1.09
C THR C 176 57.09 39.62 -2.22
N GLY C 177 57.09 38.28 -2.17
CA GLY C 177 56.36 37.50 -3.16
C GLY C 177 54.87 37.86 -3.24
N THR C 178 54.24 38.03 -2.08
CA THR C 178 52.82 38.35 -2.03
C THR C 178 52.48 39.70 -2.62
N ILE C 179 53.15 40.76 -2.16
CA ILE C 179 52.84 42.09 -2.67
C ILE C 179 53.23 42.18 -4.14
N THR C 180 54.33 41.53 -4.51
CA THR C 180 54.77 41.58 -5.90
C THR C 180 53.75 40.91 -6.84
N GLY C 181 53.37 39.68 -6.51
CA GLY C 181 52.42 38.97 -7.34
C GLY C 181 51.05 39.61 -7.33
N VAL C 182 50.56 40.00 -6.16
CA VAL C 182 49.24 40.60 -6.11
C VAL C 182 49.23 41.91 -6.87
N SER C 183 50.28 42.72 -6.71
CA SER C 183 50.31 44.00 -7.41
C SER C 183 50.31 43.82 -8.93
N ARG C 184 51.10 42.86 -9.42
CA ARG C 184 51.17 42.57 -10.84
C ARG C 184 49.74 42.30 -11.36
N PHE C 185 48.98 41.53 -10.59
CA PHE C 185 47.64 41.26 -11.04
C PHE C 185 46.70 42.45 -10.95
N LEU C 186 46.79 43.25 -9.88
CA LEU C 186 45.87 44.38 -9.76
C LEU C 186 46.16 45.45 -10.77
N ARG C 187 47.45 45.67 -11.10
CA ARG C 187 47.80 46.68 -12.09
C ARG C 187 47.12 46.39 -13.43
N GLU C 188 46.87 45.11 -13.71
CA GLU C 188 46.25 44.75 -14.98
C GLU C 188 44.83 45.25 -15.04
N GLN C 189 44.28 45.68 -13.92
CA GLN C 189 42.90 46.15 -13.94
C GLN C 189 42.77 47.61 -14.39
N GLU C 190 41.60 47.93 -14.94
CA GLU C 190 41.35 49.29 -15.42
C GLU C 190 41.40 50.25 -14.24
N LYS C 191 40.59 49.95 -13.24
CA LYS C 191 40.53 50.72 -12.00
C LYS C 191 41.88 50.76 -11.29
N PRO C 192 42.32 51.95 -10.84
CA PRO C 192 43.61 52.05 -10.15
C PRO C 192 43.52 51.49 -8.74
N VAL C 193 44.60 50.90 -8.24
CA VAL C 193 44.60 50.38 -6.89
C VAL C 193 45.94 50.78 -6.26
N THR C 194 45.91 51.35 -5.06
CA THR C 194 47.16 51.74 -4.41
C THR C 194 47.75 50.54 -3.70
N ILE C 195 49.03 50.28 -3.94
CA ILE C 195 49.69 49.13 -3.34
C ILE C 195 50.58 49.66 -2.23
N VAL C 196 50.33 49.20 -1.00
CA VAL C 196 51.04 49.63 0.18
C VAL C 196 51.82 48.49 0.86
N GLY C 197 53.15 48.60 0.88
CA GLY C 197 53.95 47.57 1.51
C GLY C 197 54.36 48.02 2.90
N LEU C 198 54.62 47.08 3.79
CA LEU C 198 54.99 47.41 5.16
C LEU C 198 56.30 46.75 5.57
N GLN C 199 57.08 47.46 6.37
CA GLN C 199 58.35 46.92 6.84
C GLN C 199 58.57 47.33 8.27
N PRO C 200 59.27 46.53 9.05
CA PRO C 200 59.45 46.97 10.43
C PRO C 200 60.30 48.24 10.52
N GLU C 201 60.05 49.01 11.57
CA GLU C 201 60.80 50.24 11.84
C GLU C 201 62.18 49.74 12.26
N GLU C 202 63.21 50.56 12.11
CA GLU C 202 64.54 50.12 12.52
C GLU C 202 64.51 49.77 14.00
N GLY C 203 65.08 48.62 14.34
CA GLY C 203 65.09 48.18 15.72
C GLY C 203 63.86 47.37 16.10
N SER C 204 62.81 47.43 15.26
CA SER C 204 61.59 46.65 15.53
C SER C 204 61.76 45.23 15.00
N SER C 205 61.30 44.26 15.78
CA SER C 205 61.38 42.88 15.39
C SER C 205 59.97 42.28 15.22
N ILE C 206 59.62 41.99 13.97
CA ILE C 206 58.32 41.43 13.62
C ILE C 206 58.56 40.11 12.87
N PRO C 207 58.35 38.97 13.54
CA PRO C 207 58.55 37.64 12.94
C PRO C 207 57.95 37.47 11.56
N GLY C 208 58.68 36.84 10.65
CA GLY C 208 58.17 36.64 9.30
C GLY C 208 58.64 37.65 8.29
N ILE C 209 58.91 38.88 8.71
CA ILE C 209 59.41 39.89 7.78
C ILE C 209 60.71 40.46 8.34
N ARG C 210 61.30 41.41 7.63
CA ARG C 210 62.54 42.03 8.08
C ARG C 210 62.66 43.35 7.34
N ARG C 211 63.46 44.26 7.90
CA ARG C 211 63.68 45.55 7.26
C ARG C 211 64.86 45.28 6.31
N TRP C 212 64.62 45.44 5.01
CA TRP C 212 65.68 45.16 4.05
C TRP C 212 66.61 46.33 3.82
N PRO C 213 67.92 46.07 3.70
CA PRO C 213 68.89 47.15 3.46
C PRO C 213 68.43 47.87 2.18
N ALA C 214 68.25 49.19 2.27
CA ALA C 214 67.77 50.03 1.15
C ALA C 214 67.90 49.44 -0.26
N GLU C 215 69.09 48.96 -0.63
CA GLU C 215 69.29 48.40 -1.96
C GLU C 215 69.74 46.95 -1.91
N TYR C 216 69.10 46.18 -1.04
CA TYR C 216 69.38 44.76 -0.89
C TYR C 216 68.07 43.97 -0.80
N MET C 217 67.03 44.58 -1.38
CA MET C 217 65.70 44.00 -1.44
C MET C 217 65.82 42.64 -2.12
N PRO C 218 64.96 41.67 -1.75
CA PRO C 218 65.09 40.37 -2.40
C PRO C 218 65.01 40.48 -3.93
N GLY C 219 65.63 39.52 -4.61
CA GLY C 219 65.63 39.55 -6.06
C GLY C 219 64.28 39.64 -6.76
N ILE C 220 63.25 38.99 -6.23
CA ILE C 220 61.94 39.04 -6.89
C ILE C 220 61.24 40.38 -6.78
N PHE C 221 61.72 41.25 -5.87
CA PHE C 221 61.07 42.55 -5.66
C PHE C 221 61.18 43.53 -6.82
N ASN C 222 60.12 44.30 -7.01
CA ASN C 222 60.06 45.28 -8.10
C ASN C 222 59.47 46.59 -7.54
N ALA C 223 60.35 47.49 -7.13
CA ALA C 223 59.94 48.76 -6.55
C ALA C 223 58.79 49.47 -7.25
N SER C 224 58.75 49.45 -8.56
CA SER C 224 57.69 50.15 -9.25
C SER C 224 56.27 49.57 -9.02
N LEU C 225 56.19 48.35 -8.49
CA LEU C 225 54.90 47.72 -8.23
C LEU C 225 54.28 48.18 -6.90
N VAL C 226 55.11 48.78 -6.04
CA VAL C 226 54.67 49.27 -4.74
C VAL C 226 54.54 50.79 -4.71
N ASP C 227 53.34 51.29 -4.42
CA ASP C 227 53.10 52.73 -4.39
C ASP C 227 53.57 53.45 -3.12
N GLU C 228 53.53 52.76 -1.99
CA GLU C 228 53.96 53.36 -0.72
C GLU C 228 54.50 52.29 0.18
N VAL C 229 55.52 52.62 0.97
CA VAL C 229 56.07 51.69 1.93
C VAL C 229 55.95 52.39 3.29
N LEU C 230 55.30 51.74 4.26
CA LEU C 230 55.13 52.30 5.58
C LEU C 230 55.91 51.48 6.58
N ASP C 231 56.32 52.15 7.65
CA ASP C 231 57.09 51.49 8.69
C ASP C 231 56.11 51.18 9.81
N ILE C 232 56.27 50.02 10.44
CA ILE C 232 55.37 49.62 11.49
C ILE C 232 56.23 49.32 12.68
N HIS C 233 55.86 49.86 13.83
CA HIS C 233 56.65 49.61 15.02
C HIS C 233 56.20 48.30 15.62
N GLN C 234 57.15 47.54 16.12
CA GLN C 234 56.89 46.25 16.73
C GLN C 234 55.73 46.27 17.73
N ASN C 235 55.78 47.24 18.63
CA ASN C 235 54.78 47.37 19.66
C ASN C 235 53.40 47.62 19.04
N ASP C 236 53.36 48.40 17.99
CA ASP C 236 52.10 48.70 17.32
C ASP C 236 51.52 47.43 16.63
N ALA C 237 52.41 46.60 16.08
CA ALA C 237 51.98 45.38 15.42
C ALA C 237 51.45 44.40 16.46
N GLU C 238 52.17 44.27 17.57
CA GLU C 238 51.75 43.37 18.62
C GLU C 238 50.42 43.83 19.23
N ASN C 239 50.24 45.14 19.42
CA ASN C 239 49.00 45.64 19.98
C ASN C 239 47.82 45.31 19.10
N THR C 240 47.96 45.60 17.80
CA THR C 240 46.88 45.33 16.87
C THR C 240 46.61 43.84 16.78
N MET C 241 47.65 43.03 16.84
CA MET C 241 47.48 41.60 16.83
C MET C 241 46.54 41.20 17.98
N ARG C 242 46.92 41.58 19.21
CA ARG C 242 46.12 41.26 20.39
C ARG C 242 44.70 41.82 20.30
N GLU C 243 44.58 42.99 19.71
CA GLU C 243 43.28 43.61 19.59
C GLU C 243 42.36 42.89 18.56
N LEU C 244 42.96 42.26 17.56
CA LEU C 244 42.20 41.56 16.57
C LEU C 244 41.51 40.37 17.21
N ALA C 245 42.24 39.67 18.07
CA ALA C 245 41.70 38.52 18.73
C ALA C 245 40.61 38.91 19.72
N VAL C 246 40.85 39.95 20.50
CA VAL C 246 39.91 40.41 21.50
C VAL C 246 38.68 41.12 20.97
N ARG C 247 38.83 41.92 19.92
CA ARG C 247 37.69 42.65 19.39
C ARG C 247 37.07 42.18 18.09
N GLU C 248 37.70 41.23 17.40
CA GLU C 248 37.16 40.71 16.14
C GLU C 248 37.14 39.19 16.14
N GLY C 249 37.82 38.60 17.11
CA GLY C 249 37.88 37.16 17.23
C GLY C 249 38.82 36.56 16.19
N ILE C 250 39.65 37.40 15.60
CA ILE C 250 40.62 36.93 14.61
C ILE C 250 42.00 36.73 15.30
N PHE C 251 42.39 35.47 15.46
CA PHE C 251 43.64 35.09 16.12
C PHE C 251 44.73 34.87 15.06
N CYS C 252 45.67 35.82 14.98
CA CYS C 252 46.73 35.76 13.98
C CYS C 252 48.12 36.13 14.55
N GLY C 253 49.12 36.21 13.65
CA GLY C 253 50.48 36.54 14.07
C GLY C 253 50.82 38.03 14.09
N VAL C 254 52.05 38.31 14.53
CA VAL C 254 52.51 39.70 14.66
C VAL C 254 52.54 40.46 13.34
N SER C 255 52.99 39.83 12.26
CA SER C 255 52.98 40.57 11.00
C SER C 255 51.55 40.90 10.54
N SER C 256 50.61 40.06 10.93
CA SER C 256 49.19 40.26 10.56
C SER C 256 48.69 41.47 11.34
N GLY C 257 49.05 41.53 12.61
CA GLY C 257 48.69 42.70 13.39
C GLY C 257 49.34 43.91 12.72
N GLY C 258 50.60 43.74 12.28
CA GLY C 258 51.27 44.86 11.60
C GLY C 258 50.53 45.29 10.34
N ALA C 259 50.01 44.31 9.60
CA ALA C 259 49.29 44.60 8.37
C ALA C 259 47.98 45.35 8.64
N VAL C 260 47.26 44.93 9.68
CA VAL C 260 46.02 45.62 10.00
C VAL C 260 46.35 47.02 10.57
N ALA C 261 47.48 47.15 11.27
CA ALA C 261 47.87 48.46 11.77
C ALA C 261 48.05 49.36 10.54
N GLY C 262 48.71 48.82 9.51
CA GLY C 262 48.90 49.60 8.30
C GLY C 262 47.60 49.95 7.62
N ALA C 263 46.71 48.97 7.57
CA ALA C 263 45.41 49.14 6.95
C ALA C 263 44.61 50.21 7.70
N LEU C 264 44.73 50.24 9.03
CA LEU C 264 44.03 51.27 9.82
C LEU C 264 44.54 52.69 9.42
N ARG C 265 45.86 52.86 9.30
CA ARG C 265 46.41 54.15 8.90
C ARG C 265 45.79 54.58 7.57
N VAL C 266 45.83 53.66 6.60
CA VAL C 266 45.28 53.96 5.30
C VAL C 266 43.81 54.34 5.42
N ALA C 267 43.05 53.49 6.11
CA ALA C 267 41.61 53.72 6.26
C ALA C 267 41.32 55.08 6.89
N ARG C 268 42.10 55.45 7.89
CA ARG C 268 41.89 56.72 8.56
C ARG C 268 42.21 57.89 7.67
N ALA C 269 43.29 57.78 6.92
CA ALA C 269 43.68 58.85 6.01
C ALA C 269 42.87 58.91 4.72
N THR C 270 42.03 57.92 4.45
CA THR C 270 41.28 57.94 3.21
C THR C 270 39.82 57.51 3.35
N PRO C 271 38.96 58.45 3.72
CA PRO C 271 37.53 58.13 3.87
C PRO C 271 37.02 57.37 2.65
N GLY C 272 36.23 56.32 2.88
CA GLY C 272 35.66 55.53 1.80
C GLY C 272 36.58 54.51 1.14
N ALA C 273 37.81 54.41 1.62
CA ALA C 273 38.76 53.48 1.05
C ALA C 273 38.34 52.05 1.32
N ILE C 274 38.47 51.17 0.32
CA ILE C 274 38.15 49.75 0.50
C ILE C 274 39.51 49.07 0.57
N VAL C 275 40.01 48.87 1.80
CA VAL C 275 41.33 48.30 2.05
C VAL C 275 41.32 46.81 2.32
N VAL C 276 42.25 46.11 1.67
CA VAL C 276 42.40 44.67 1.87
C VAL C 276 43.80 44.44 2.47
N ALA C 277 43.87 43.73 3.57
CA ALA C 277 45.17 43.46 4.17
C ALA C 277 45.35 41.96 4.26
N ILE C 278 46.58 41.50 4.09
CA ILE C 278 46.88 40.07 4.17
C ILE C 278 47.10 39.69 5.64
N ILE C 279 46.44 38.65 6.11
CA ILE C 279 46.66 38.13 7.47
C ILE C 279 47.46 36.87 7.09
N CYS C 280 48.75 36.86 7.41
CA CYS C 280 49.69 35.81 7.04
C CYS C 280 49.60 34.44 7.70
N ASP C 281 49.15 34.39 8.95
CA ASP C 281 49.04 33.10 9.63
C ASP C 281 48.17 33.17 10.86
N ARG C 282 47.97 32.03 11.51
CA ARG C 282 47.18 31.98 12.73
C ARG C 282 48.10 32.27 13.90
N GLY C 283 47.55 32.57 15.07
CA GLY C 283 48.41 32.89 16.19
C GLY C 283 48.91 31.69 16.96
N ASP C 284 48.47 30.50 16.61
CA ASP C 284 48.88 29.34 17.37
C ASP C 284 50.35 29.18 17.66
N ARG C 285 51.17 29.32 16.63
CA ARG C 285 52.60 29.12 16.83
C ARG C 285 53.32 30.25 17.54
N TYR C 286 52.60 31.31 17.85
CA TYR C 286 53.16 32.44 18.56
C TYR C 286 52.90 32.35 20.07
N LEU C 287 51.98 31.49 20.50
CA LEU C 287 51.64 31.43 21.92
C LEU C 287 52.82 31.22 22.86
N SER C 288 53.70 30.31 22.52
CA SER C 288 54.86 30.02 23.38
C SER C 288 55.88 31.14 23.40
N THR C 289 55.70 32.17 22.59
CA THR C 289 56.66 33.27 22.57
C THR C 289 56.20 34.42 23.45
N GLY C 290 55.06 34.27 24.12
CA GLY C 290 54.60 35.33 25.00
C GLY C 290 53.94 36.57 24.41
N VAL C 291 54.04 36.81 23.11
CA VAL C 291 53.39 37.99 22.55
C VAL C 291 51.88 38.10 22.86
N PHE C 292 51.26 37.01 23.27
CA PHE C 292 49.86 37.10 23.65
C PHE C 292 49.86 37.12 25.18
N GLY C 293 50.05 35.94 25.76
CA GLY C 293 50.06 35.84 27.22
C GLY C 293 51.17 34.98 27.80
N GLU C 294 51.49 33.91 27.20
N MET D 1 27.37 36.93 5.91
CA MET D 1 27.41 38.40 6.12
C MET D 1 28.84 38.90 6.40
N ASN D 2 29.73 38.70 5.43
CA ASN D 2 31.10 39.20 5.52
C ASN D 2 31.98 39.10 6.80
N THR D 3 31.61 38.31 7.82
CA THR D 3 32.47 38.23 9.00
C THR D 3 33.12 36.88 9.19
N LEU D 4 33.98 36.79 10.19
CA LEU D 4 34.68 35.57 10.49
C LEU D 4 33.67 34.43 10.71
N GLU D 5 32.48 34.79 11.19
CA GLU D 5 31.43 33.83 11.46
C GLU D 5 31.10 32.98 10.22
N GLN D 6 31.17 33.58 9.05
CA GLN D 6 30.91 32.82 7.86
C GLN D 6 32.01 31.82 7.48
N THR D 7 33.12 31.78 8.22
CA THR D 7 34.19 30.85 7.84
C THR D 7 34.06 29.59 8.67
N ILE D 8 33.11 29.56 9.57
CA ILE D 8 32.93 28.34 10.37
C ILE D 8 32.21 27.30 9.50
N GLY D 9 32.60 26.04 9.62
CA GLY D 9 32.00 24.99 8.82
C GLY D 9 32.44 24.99 7.37
N ASN D 10 31.79 24.16 6.56
CA ASN D 10 32.14 23.98 5.14
C ASN D 10 33.61 23.64 4.99
N THR D 11 34.07 22.73 5.85
CA THR D 11 35.44 22.33 5.84
C THR D 11 35.74 21.34 4.74
N PRO D 12 36.98 21.34 4.26
CA PRO D 12 37.31 20.40 3.20
C PRO D 12 37.26 18.94 3.59
N LEU D 13 37.04 18.09 2.58
CA LEU D 13 37.00 16.63 2.74
C LEU D 13 38.02 16.15 1.72
N VAL D 14 39.09 15.53 2.19
CA VAL D 14 40.11 15.08 1.25
C VAL D 14 40.37 13.60 1.40
N LYS D 15 40.86 13.02 0.31
CA LYS D 15 41.14 11.61 0.30
C LYS D 15 42.60 11.30 0.66
N LEU D 16 42.81 10.30 1.51
CA LEU D 16 44.16 9.91 1.85
C LEU D 16 44.77 9.26 0.63
N GLN D 17 46.01 9.62 0.29
CA GLN D 17 46.67 9.08 -0.88
C GLN D 17 47.58 7.88 -0.62
N ARG D 18 48.04 7.68 0.60
CA ARG D 18 49.00 6.59 0.82
C ARG D 18 48.75 5.60 1.91
N ILE D 19 48.20 6.01 3.04
CA ILE D 19 47.98 5.00 4.07
C ILE D 19 46.68 4.26 3.76
N GLY D 20 46.51 3.07 4.33
CA GLY D 20 45.29 2.31 4.04
C GLY D 20 45.46 1.15 3.08
N PRO D 21 44.61 0.12 3.18
CA PRO D 21 44.67 -1.07 2.31
C PRO D 21 44.29 -0.80 0.86
N ASP D 22 44.86 -1.59 -0.04
CA ASP D 22 44.57 -1.45 -1.47
C ASP D 22 43.51 -2.48 -1.87
N ASN D 23 42.32 -2.34 -1.30
CA ASN D 23 41.22 -3.26 -1.55
C ASN D 23 39.98 -2.53 -2.02
N GLY D 24 40.18 -1.41 -2.71
CA GLY D 24 39.05 -0.66 -3.22
C GLY D 24 38.41 0.27 -2.20
N SER D 25 38.84 0.18 -0.95
CA SER D 25 38.32 1.06 0.08
C SER D 25 38.87 2.47 -0.13
N GLU D 26 38.10 3.47 0.31
CA GLU D 26 38.54 4.86 0.23
C GLU D 26 38.44 5.50 1.63
N ILE D 27 39.47 6.21 2.06
CA ILE D 27 39.40 6.88 3.34
C ILE D 27 39.44 8.40 3.12
N TRP D 28 38.35 9.07 3.47
CA TRP D 28 38.29 10.52 3.33
C TRP D 28 38.31 11.14 4.72
N VAL D 29 39.00 12.28 4.84
CA VAL D 29 39.06 12.97 6.13
C VAL D 29 38.43 14.36 6.03
N LYS D 30 37.61 14.69 7.02
CA LYS D 30 36.88 15.97 7.10
C LYS D 30 37.79 16.85 7.96
N LEU D 31 38.38 17.90 7.39
CA LEU D 31 39.35 18.77 8.10
C LEU D 31 38.77 19.90 8.96
N GLU D 32 38.37 19.53 10.17
CA GLU D 32 37.75 20.47 11.06
C GLU D 32 38.73 21.50 11.64
N GLY D 33 40.03 21.25 11.43
CA GLY D 33 41.05 22.19 11.88
C GLY D 33 40.95 23.46 11.06
N ASN D 34 40.21 23.41 9.96
CA ASN D 34 40.04 24.57 9.11
C ASN D 34 39.08 25.58 9.69
N ASN D 35 38.34 25.23 10.74
CA ASN D 35 37.47 26.22 11.35
C ASN D 35 38.38 27.37 11.85
N PRO D 36 37.85 28.60 11.95
CA PRO D 36 38.66 29.73 12.40
C PRO D 36 39.52 29.60 13.66
N ALA D 37 39.06 28.88 14.68
CA ALA D 37 39.83 28.70 15.90
C ALA D 37 40.48 27.32 15.94
N GLY D 38 40.61 26.72 14.75
CA GLY D 38 41.30 25.45 14.60
C GLY D 38 40.72 24.14 15.08
N SER D 39 39.42 24.08 15.34
CA SER D 39 38.88 22.81 15.78
C SER D 39 37.41 22.66 15.49
N VAL D 40 36.97 21.41 15.52
CA VAL D 40 35.58 21.08 15.27
C VAL D 40 34.62 21.83 16.25
N LYS D 41 35.14 22.19 17.43
CA LYS D 41 34.30 22.85 18.42
C LYS D 41 33.73 24.19 17.98
N ASP D 42 34.30 24.81 16.97
CA ASP D 42 33.74 26.10 16.60
C ASP D 42 32.26 25.94 16.17
N ARG D 43 31.91 24.77 15.65
CA ARG D 43 30.56 24.52 15.16
C ARG D 43 29.55 24.52 16.32
N ALA D 44 29.83 23.71 17.34
CA ALA D 44 28.94 23.68 18.49
C ALA D 44 28.96 24.98 19.30
N ALA D 45 30.13 25.62 19.38
CA ALA D 45 30.20 26.87 20.14
C ALA D 45 29.33 27.89 19.43
N LEU D 46 29.45 28.01 18.12
CA LEU D 46 28.61 28.97 17.41
C LEU D 46 27.11 28.65 17.60
N SER D 47 26.75 27.38 17.41
CA SER D 47 25.39 26.93 17.52
C SER D 47 24.82 27.15 18.94
N MET D 48 25.51 26.70 19.97
CA MET D 48 24.98 26.91 21.31
C MET D 48 24.71 28.38 21.61
N ILE D 49 25.55 29.27 21.10
CA ILE D 49 25.32 30.68 21.36
C ILE D 49 24.24 31.32 20.46
N VAL D 50 24.27 31.02 19.16
CA VAL D 50 23.26 31.57 18.26
C VAL D 50 21.85 31.11 18.65
N GLU D 51 21.71 29.84 19.05
CA GLU D 51 20.40 29.33 19.41
C GLU D 51 19.94 29.97 20.71
N ALA D 52 20.84 30.12 21.67
CA ALA D 52 20.47 30.77 22.92
C ALA D 52 20.06 32.24 22.65
N GLU D 53 20.63 32.87 21.63
CA GLU D 53 20.23 34.23 21.32
C GLU D 53 18.80 34.15 20.74
N LYS D 54 18.55 33.23 19.81
CA LYS D 54 17.21 33.11 19.19
C LYS D 54 16.16 32.98 20.28
N ARG D 55 16.48 32.24 21.34
CA ARG D 55 15.53 32.05 22.41
C ARG D 55 15.48 33.19 23.43
N GLY D 56 16.21 34.27 23.15
CA GLY D 56 16.23 35.43 24.04
C GLY D 56 16.91 35.18 25.38
N GLU D 57 17.60 34.06 25.50
CA GLU D 57 18.28 33.76 26.75
C GLU D 57 19.56 34.62 26.96
N ILE D 58 20.14 35.15 25.87
CA ILE D 58 21.35 35.97 26.00
C ILE D 58 21.33 37.04 24.95
N LYS D 59 22.00 38.17 25.23
CA LYS D 59 22.13 39.30 24.31
C LYS D 59 23.58 39.70 24.40
N PRO D 60 24.13 40.25 23.31
CA PRO D 60 25.53 40.68 23.35
C PRO D 60 25.78 41.50 24.62
N GLY D 61 26.89 41.22 25.29
CA GLY D 61 27.22 41.92 26.51
C GLY D 61 27.04 41.03 27.72
N ASP D 62 26.25 39.96 27.59
CA ASP D 62 26.02 39.06 28.71
C ASP D 62 27.24 38.19 28.99
N VAL D 63 27.22 37.56 30.15
CA VAL D 63 28.28 36.67 30.58
C VAL D 63 27.91 35.24 30.26
N LEU D 64 28.85 34.52 29.65
CA LEU D 64 28.70 33.12 29.29
C LEU D 64 29.62 32.34 30.20
N ILE D 65 29.20 31.16 30.63
CA ILE D 65 29.99 30.35 31.53
C ILE D 65 30.11 28.92 31.04
N GLU D 66 31.26 28.31 31.29
CA GLU D 66 31.50 26.92 30.90
C GLU D 66 32.78 26.42 31.55
N ALA D 67 32.73 25.22 32.09
CA ALA D 67 33.87 24.60 32.72
C ALA D 67 34.55 23.78 31.64
N THR D 68 35.76 24.16 31.26
CA THR D 68 36.47 23.45 30.20
C THR D 68 37.77 24.15 30.00
N SER D 69 38.72 23.52 29.34
CA SER D 69 39.96 24.20 29.07
C SER D 69 40.60 23.71 27.79
N GLY D 70 39.84 23.05 26.93
CA GLY D 70 40.38 22.57 25.68
C GLY D 70 39.83 23.33 24.48
N ASN D 71 39.57 22.61 23.40
CA ASN D 71 39.03 23.24 22.20
C ASN D 71 37.69 23.93 22.46
N THR D 72 36.89 23.37 23.36
CA THR D 72 35.60 24.00 23.68
C THR D 72 35.85 25.39 24.25
N GLY D 73 36.81 25.49 25.16
CA GLY D 73 37.16 26.77 25.76
C GLY D 73 37.66 27.74 24.69
N ILE D 74 38.57 27.25 23.85
CA ILE D 74 39.12 28.10 22.78
C ILE D 74 37.99 28.56 21.88
N ALA D 75 37.15 27.62 21.44
CA ALA D 75 36.02 27.95 20.55
C ALA D 75 35.01 28.94 21.15
N LEU D 76 34.62 28.72 22.41
CA LEU D 76 33.66 29.63 23.05
C LEU D 76 34.29 31.01 23.20
N ALA D 77 35.56 31.04 23.60
CA ALA D 77 36.26 32.31 23.75
C ALA D 77 36.19 33.04 22.43
N MET D 78 36.49 32.33 21.35
CA MET D 78 36.48 32.95 20.03
C MET D 78 35.10 33.47 19.63
N ILE D 79 34.07 32.65 19.81
CA ILE D 79 32.74 33.12 19.45
C ILE D 79 32.35 34.30 20.34
N ALA D 80 32.73 34.27 21.61
CA ALA D 80 32.43 35.39 22.53
C ALA D 80 33.10 36.70 22.06
N ALA D 81 34.35 36.60 21.61
CA ALA D 81 35.06 37.77 21.11
C ALA D 81 34.43 38.19 19.80
N LEU D 82 34.13 37.22 18.96
CA LEU D 82 33.51 37.53 17.66
C LEU D 82 32.14 38.20 17.80
N LYS D 83 31.29 37.69 18.70
CA LYS D 83 29.94 38.25 18.84
C LYS D 83 29.69 39.25 19.95
N GLY D 84 30.69 39.53 20.79
CA GLY D 84 30.49 40.51 21.83
C GLY D 84 30.00 40.05 23.20
N TYR D 85 30.44 38.89 23.66
CA TYR D 85 30.02 38.36 24.96
C TYR D 85 31.23 38.28 25.90
N ARG D 86 30.99 38.24 27.21
CA ARG D 86 32.06 38.11 28.19
C ARG D 86 32.12 36.62 28.48
N MET D 87 33.24 35.98 28.20
CA MET D 87 33.34 34.56 28.43
C MET D 87 34.07 34.21 29.71
N LYS D 88 33.46 33.39 30.58
CA LYS D 88 34.15 32.94 31.78
C LYS D 88 34.33 31.43 31.67
N LEU D 89 35.57 30.99 31.79
CA LEU D 89 35.90 29.58 31.66
C LEU D 89 36.52 29.08 32.93
N LEU D 90 35.97 28.00 33.48
CA LEU D 90 36.47 27.43 34.74
C LEU D 90 37.32 26.20 34.50
N MET D 91 38.42 26.09 35.24
CA MET D 91 39.32 24.97 35.09
C MET D 91 40.27 24.85 36.28
N PRO D 92 40.81 23.66 36.52
CA PRO D 92 41.73 23.52 37.65
C PRO D 92 43.01 24.32 37.39
N ASP D 93 43.66 24.81 38.46
CA ASP D 93 44.85 25.66 38.34
C ASP D 93 46.16 25.06 37.86
N ASN D 94 46.11 23.81 37.42
CA ASN D 94 47.28 23.09 36.93
C ASN D 94 47.36 23.03 35.40
N MET D 95 46.65 23.90 34.72
CA MET D 95 46.65 23.92 33.27
C MET D 95 47.90 24.64 32.78
N SER D 96 48.61 24.07 31.83
CA SER D 96 49.82 24.71 31.32
C SER D 96 49.58 26.16 30.97
N GLN D 97 50.68 26.86 30.69
CA GLN D 97 50.60 28.25 30.36
C GLN D 97 50.05 28.37 28.96
N GLU D 98 50.63 27.61 28.05
CA GLU D 98 50.17 27.69 26.67
C GLU D 98 48.70 27.36 26.52
N ARG D 99 48.27 26.43 27.32
CA ARG D 99 46.90 25.99 27.29
C ARG D 99 45.96 27.12 27.63
N ARG D 100 46.27 27.86 28.67
CA ARG D 100 45.40 28.96 29.06
C ARG D 100 45.62 30.17 28.16
N ALA D 101 46.79 30.26 27.57
CA ALA D 101 47.08 31.39 26.69
C ALA D 101 46.15 31.33 25.48
N ALA D 102 45.89 30.13 24.98
CA ALA D 102 45.02 29.98 23.82
C ALA D 102 43.61 30.56 24.07
N MET D 103 43.10 30.41 25.29
CA MET D 103 41.79 30.98 25.63
C MET D 103 41.91 32.46 25.99
N ARG D 104 42.91 32.80 26.79
CA ARG D 104 43.08 34.17 27.19
C ARG D 104 43.26 35.12 26.00
N ALA D 105 43.91 34.65 24.95
CA ALA D 105 44.11 35.49 23.77
C ALA D 105 42.84 36.14 23.22
N TYR D 106 41.70 35.46 23.36
CA TYR D 106 40.43 36.00 22.89
C TYR D 106 39.78 36.93 23.93
N GLY D 107 40.41 37.07 25.09
CA GLY D 107 39.86 37.95 26.08
C GLY D 107 38.94 37.28 27.09
N ALA D 108 38.98 35.97 27.11
CA ALA D 108 38.16 35.24 28.03
C ALA D 108 38.77 35.34 29.41
N GLU D 109 37.92 35.38 30.44
CA GLU D 109 38.38 35.38 31.81
C GLU D 109 38.44 33.93 32.29
N LEU D 110 39.57 33.55 32.84
CA LEU D 110 39.71 32.20 33.36
C LEU D 110 39.60 32.21 34.87
N ILE D 111 38.73 31.37 35.41
CA ILE D 111 38.56 31.24 36.83
C ILE D 111 39.21 29.92 37.19
N LEU D 112 40.05 29.90 38.21
CA LEU D 112 40.69 28.65 38.55
C LEU D 112 40.15 28.03 39.83
N VAL D 113 39.98 26.70 39.80
CA VAL D 113 39.54 25.98 40.97
C VAL D 113 40.82 25.22 41.35
N THR D 114 40.84 24.52 42.48
CA THR D 114 42.06 23.82 42.88
C THR D 114 42.32 22.53 42.08
N LYS D 115 43.59 22.12 41.96
CA LYS D 115 43.94 20.88 41.24
C LYS D 115 43.06 19.78 41.79
N GLU D 116 42.86 19.82 43.10
CA GLU D 116 42.07 18.84 43.79
C GLU D 116 40.61 18.89 43.37
N GLN D 117 39.98 20.08 43.44
CA GLN D 117 38.58 20.18 43.03
C GLN D 117 38.43 19.61 41.61
N GLY D 118 39.52 19.72 40.84
CA GLY D 118 39.59 19.21 39.48
C GLY D 118 38.49 19.61 38.52
N MET D 119 38.47 18.94 37.37
CA MET D 119 37.44 19.22 36.35
C MET D 119 36.01 19.12 36.86
N GLU D 120 35.75 18.17 37.75
CA GLU D 120 34.42 18.01 38.30
C GLU D 120 34.06 19.19 39.21
N GLY D 121 35.03 19.66 39.99
CA GLY D 121 34.80 20.80 40.85
C GLY D 121 34.42 21.98 39.97
N ALA D 122 35.17 22.15 38.88
CA ALA D 122 34.90 23.23 37.94
C ALA D 122 33.48 23.15 37.38
N ARG D 123 33.06 21.96 37.00
CA ARG D 123 31.70 21.78 36.48
C ARG D 123 30.71 22.24 37.53
N ASP D 124 30.95 21.84 38.77
CA ASP D 124 30.08 22.19 39.87
C ASP D 124 30.08 23.69 40.13
N LEU D 125 31.29 24.21 40.29
CA LEU D 125 31.47 25.62 40.56
C LEU D 125 30.93 26.51 39.46
N ALA D 126 30.83 26.00 38.23
CA ALA D 126 30.26 26.77 37.10
C ALA D 126 28.74 26.72 37.23
N LEU D 127 28.21 25.54 37.54
CA LEU D 127 26.78 25.37 37.69
C LEU D 127 26.30 26.30 38.81
N ALA D 128 27.07 26.33 39.91
CA ALA D 128 26.78 27.18 41.05
C ALA D 128 26.70 28.64 40.61
N MET D 129 27.77 29.11 39.97
CA MET D 129 27.80 30.49 39.46
C MET D 129 26.53 30.75 38.65
N SER D 130 26.13 29.75 37.87
CA SER D 130 24.96 29.88 37.02
C SER D 130 23.74 30.11 37.92
N GLU D 131 23.69 29.35 39.01
CA GLU D 131 22.60 29.41 39.98
C GLU D 131 22.50 30.79 40.58
N ARG D 132 23.63 31.32 41.04
CA ARG D 132 23.65 32.65 41.62
C ARG D 132 23.29 33.70 40.57
N GLY D 133 22.91 33.27 39.37
CA GLY D 133 22.54 34.21 38.30
C GLY D 133 23.70 34.99 37.73
N GLU D 134 24.90 34.42 37.76
CA GLU D 134 26.08 35.12 37.26
C GLU D 134 26.33 35.03 35.76
N GLY D 135 25.59 34.17 35.06
CA GLY D 135 25.77 34.05 33.61
C GLY D 135 25.21 32.76 33.05
N LYS D 136 25.11 32.68 31.73
CA LYS D 136 24.56 31.51 31.07
C LYS D 136 25.54 30.36 30.96
N LEU D 137 25.18 29.22 31.52
CA LEU D 137 26.01 28.03 31.43
C LEU D 137 25.67 27.41 30.07
N LEU D 138 26.67 26.96 29.31
CA LEU D 138 26.37 26.38 28.00
C LEU D 138 26.16 24.89 28.08
N ASP D 139 26.94 24.23 28.92
CA ASP D 139 26.88 22.80 29.12
C ASP D 139 26.94 21.97 27.83
N GLN D 140 28.12 21.91 27.24
CA GLN D 140 28.40 21.19 26.01
C GLN D 140 27.99 19.70 25.99
N PHE D 141 27.92 19.07 27.16
CA PHE D 141 27.57 17.67 27.26
C PHE D 141 26.08 17.36 27.24
N ASN D 142 25.25 18.37 27.49
CA ASN D 142 23.81 18.18 27.53
C ASN D 142 23.03 19.14 26.66
N ASN D 143 23.71 20.08 26.03
CA ASN D 143 23.03 21.07 25.23
C ASN D 143 22.73 20.52 23.85
N PRO D 144 21.45 20.38 23.51
CA PRO D 144 20.96 19.86 22.23
C PRO D 144 21.47 20.64 21.05
N ASP D 145 21.85 21.89 21.30
CA ASP D 145 22.34 22.72 20.22
C ASP D 145 23.72 22.31 19.71
N ASN D 146 24.44 21.52 20.50
CA ASN D 146 25.74 21.03 20.13
C ASN D 146 25.52 20.05 18.96
N PRO D 147 24.84 18.89 19.19
CA PRO D 147 24.64 17.99 18.04
C PRO D 147 23.84 18.62 16.89
N TYR D 148 22.96 19.54 17.23
CA TYR D 148 22.18 20.25 16.23
C TYR D 148 23.05 20.94 15.15
N ALA D 149 24.23 21.43 15.54
CA ALA D 149 25.11 22.09 14.58
C ALA D 149 25.55 21.05 13.53
N HIS D 150 25.88 19.86 14.00
CA HIS D 150 26.32 18.82 13.08
C HIS D 150 25.20 18.25 12.24
N TYR D 151 23.98 18.25 12.78
CA TYR D 151 22.82 17.77 12.06
C TYR D 151 22.55 18.67 10.86
N THR D 152 22.73 19.98 11.04
CA THR D 152 22.49 20.94 9.96
C THR D 152 23.67 21.34 9.09
N THR D 153 24.89 21.13 9.55
CA THR D 153 26.04 21.53 8.70
C THR D 153 27.00 20.39 8.39
N THR D 154 27.66 19.85 9.40
CA THR D 154 28.62 18.77 9.18
C THR D 154 28.06 17.58 8.38
N GLY D 155 26.99 16.97 8.87
CA GLY D 155 26.40 15.84 8.17
C GLY D 155 26.02 16.22 6.75
N PRO D 156 25.24 17.29 6.57
CA PRO D 156 24.87 17.67 5.22
C PRO D 156 26.08 17.90 4.29
N GLU D 157 27.18 18.44 4.83
CA GLU D 157 28.36 18.70 3.99
C GLU D 157 29.00 17.37 3.58
N ILE D 158 29.16 16.46 4.52
CA ILE D 158 29.77 15.18 4.21
C ILE D 158 28.97 14.46 3.12
N TRP D 159 27.64 14.44 3.27
CA TRP D 159 26.76 13.78 2.30
C TRP D 159 26.95 14.36 0.91
N ARG D 160 26.96 15.67 0.83
CA ARG D 160 27.14 16.37 -0.42
C ARG D 160 28.54 16.20 -1.00
N GLN D 161 29.56 16.22 -0.14
CA GLN D 161 30.93 16.10 -0.60
C GLN D 161 31.26 14.71 -1.11
N THR D 162 30.66 13.69 -0.52
CA THR D 162 30.91 12.33 -1.01
C THR D 162 29.85 11.96 -2.09
N SER D 163 29.04 12.92 -2.51
CA SER D 163 27.99 12.62 -3.47
C SER D 163 27.23 11.36 -3.03
N GLY D 164 26.88 11.27 -1.76
CA GLY D 164 26.16 10.12 -1.26
C GLY D 164 26.87 8.77 -1.26
N ARG D 165 28.14 8.73 -1.64
CA ARG D 165 28.87 7.47 -1.66
C ARG D 165 29.32 6.95 -0.32
N ILE D 166 29.35 7.81 0.70
CA ILE D 166 29.80 7.36 2.01
C ILE D 166 29.10 6.08 2.47
N THR D 167 29.84 5.15 3.06
CA THR D 167 29.24 3.91 3.56
C THR D 167 29.50 3.75 5.06
N HIS D 168 30.54 4.40 5.55
CA HIS D 168 30.90 4.36 6.96
C HIS D 168 31.34 5.75 7.44
N PHE D 169 30.98 6.08 8.68
CA PHE D 169 31.34 7.34 9.28
C PHE D 169 32.06 7.02 10.58
N VAL D 170 33.28 7.53 10.75
CA VAL D 170 34.05 7.26 11.95
C VAL D 170 34.28 8.55 12.72
N SER D 171 34.08 8.50 14.03
CA SER D 171 34.22 9.70 14.83
C SER D 171 34.70 9.44 16.25
N SER D 172 35.78 10.11 16.68
CA SER D 172 36.25 9.95 18.06
C SER D 172 35.21 10.66 18.90
N MET D 173 34.74 10.02 19.96
CA MET D 173 33.70 10.62 20.78
C MET D 173 34.13 11.38 22.03
N GLY D 174 33.74 12.64 22.10
CA GLY D 174 34.03 13.45 23.25
C GLY D 174 32.70 13.79 23.87
N THR D 175 32.08 14.86 23.41
CA THR D 175 30.77 15.21 23.94
C THR D 175 29.74 14.30 23.26
N THR D 176 30.15 13.76 22.11
CA THR D 176 29.39 12.88 21.19
C THR D 176 28.49 13.75 20.31
N GLY D 177 28.66 15.06 20.41
CA GLY D 177 27.86 15.97 19.60
C GLY D 177 28.04 15.77 18.10
N THR D 178 29.27 15.49 17.67
CA THR D 178 29.52 15.30 16.24
C THR D 178 28.91 13.98 15.70
N ILE D 179 29.20 12.87 16.36
CA ILE D 179 28.67 11.60 15.88
C ILE D 179 27.14 11.59 15.96
N THR D 180 26.61 12.13 17.06
CA THR D 180 25.17 12.19 17.26
C THR D 180 24.46 12.97 16.19
N GLY D 181 24.96 14.13 15.86
CA GLY D 181 24.30 14.94 14.86
C GLY D 181 24.55 14.49 13.44
N VAL D 182 25.75 14.01 13.16
CA VAL D 182 26.00 13.53 11.82
C VAL D 182 25.15 12.26 11.58
N SER D 183 25.06 11.40 12.58
CA SER D 183 24.27 10.18 12.43
C SER D 183 22.82 10.52 12.13
N ARG D 184 22.24 11.40 12.94
CA ARG D 184 20.87 11.85 12.78
C ARG D 184 20.59 12.23 11.35
N PHE D 185 21.57 12.87 10.71
CA PHE D 185 21.34 13.29 9.36
C PHE D 185 21.50 12.18 8.35
N LEU D 186 22.49 11.33 8.57
CA LEU D 186 22.73 10.25 7.63
C LEU D 186 21.56 9.25 7.68
N ARG D 187 21.02 8.96 8.86
CA ARG D 187 19.89 8.03 8.96
C ARG D 187 18.71 8.50 8.08
N GLU D 188 18.57 9.80 7.90
CA GLU D 188 17.48 10.29 7.07
C GLU D 188 17.70 10.00 5.61
N GLN D 189 18.77 9.28 5.30
CA GLN D 189 19.02 8.98 3.89
C GLN D 189 18.54 7.56 3.58
N GLU D 190 18.15 7.35 2.32
CA GLU D 190 17.67 6.03 1.92
C GLU D 190 18.78 5.00 2.13
N LYS D 191 19.92 5.28 1.49
CA LYS D 191 21.10 4.43 1.58
C LYS D 191 21.53 4.25 3.03
N PRO D 192 21.84 3.01 3.44
CA PRO D 192 22.26 2.81 4.83
C PRO D 192 23.73 3.26 4.99
N VAL D 193 24.09 3.68 6.20
CA VAL D 193 25.45 4.12 6.47
C VAL D 193 25.76 3.65 7.88
N THR D 194 26.92 3.00 8.06
CA THR D 194 27.34 2.49 9.35
C THR D 194 28.06 3.60 10.12
N ILE D 195 27.61 3.83 11.34
CA ILE D 195 28.15 4.87 12.22
C ILE D 195 29.08 4.21 13.21
N VAL D 196 30.36 4.56 13.16
CA VAL D 196 31.36 3.98 14.05
C VAL D 196 31.91 5.03 15.02
N GLY D 197 31.72 4.81 16.30
CA GLY D 197 32.21 5.75 17.28
C GLY D 197 33.48 5.18 17.88
N LEU D 198 34.40 6.06 18.29
CA LEU D 198 35.64 5.59 18.90
C LEU D 198 35.79 6.15 20.31
N GLN D 199 36.40 5.36 21.18
CA GLN D 199 36.64 5.81 22.54
C GLN D 199 38.00 5.26 22.94
N PRO D 200 38.65 5.91 23.89
CA PRO D 200 39.96 5.35 24.23
C PRO D 200 39.88 4.05 25.02
N GLU D 201 40.89 3.20 24.84
CA GLU D 201 41.01 1.95 25.57
C GLU D 201 41.19 2.36 27.04
N GLU D 202 40.82 1.49 27.98
CA GLU D 202 41.00 1.86 29.38
C GLU D 202 42.47 2.09 29.62
N GLY D 203 42.77 3.17 30.33
CA GLY D 203 44.15 3.48 30.61
C GLY D 203 44.75 4.39 29.55
N SER D 204 44.20 4.37 28.35
CA SER D 204 44.72 5.22 27.30
C SER D 204 44.28 6.66 27.49
N SER D 205 45.17 7.60 27.15
CA SER D 205 44.84 9.00 27.26
C SER D 205 44.93 9.66 25.88
N ILE D 206 43.79 10.17 25.41
CA ILE D 206 43.68 10.79 24.11
C ILE D 206 42.99 12.11 24.30
N PRO D 207 43.76 13.21 24.24
CA PRO D 207 43.24 14.56 24.42
C PRO D 207 41.99 14.85 23.59
N GLY D 208 40.98 15.44 24.23
CA GLY D 208 39.77 15.79 23.53
C GLY D 208 38.61 14.85 23.75
N ILE D 209 38.90 13.59 24.05
CA ILE D 209 37.83 12.64 24.31
C ILE D 209 38.15 11.96 25.62
N ARG D 210 37.28 11.05 26.03
CA ARG D 210 37.49 10.32 27.26
C ARG D 210 36.65 9.04 27.16
N ARG D 211 37.02 8.05 27.96
CA ARG D 211 36.27 6.81 27.99
C ARG D 211 35.18 7.08 29.02
N TRP D 212 33.94 7.11 28.57
CA TRP D 212 32.82 7.36 29.46
C TRP D 212 32.41 6.13 30.26
N PRO D 213 32.00 6.31 31.54
CA PRO D 213 31.58 5.16 32.35
C PRO D 213 30.39 4.53 31.60
N ALA D 214 30.41 3.22 31.45
CA ALA D 214 29.37 2.46 30.72
C ALA D 214 27.96 3.10 30.69
N GLU D 215 27.41 3.37 31.88
CA GLU D 215 26.08 3.94 31.95
C GLU D 215 26.05 5.41 32.35
N TYR D 216 27.05 6.16 31.89
CA TYR D 216 27.13 7.59 32.17
C TYR D 216 27.64 8.39 30.98
N MET D 217 27.07 8.10 29.82
CA MET D 217 27.40 8.78 28.57
C MET D 217 26.85 10.20 28.64
N PRO D 218 27.39 11.12 27.83
CA PRO D 218 26.82 12.47 27.91
C PRO D 218 25.31 12.52 27.61
N GLY D 219 24.61 13.47 28.21
CA GLY D 219 23.19 13.58 28.00
C GLY D 219 22.70 13.65 26.56
N ILE D 220 23.45 14.27 25.67
CA ILE D 220 23.02 14.37 24.29
C ILE D 220 23.17 13.08 23.52
N PHE D 221 23.90 12.12 24.07
CA PHE D 221 24.15 10.86 23.39
C PHE D 221 22.93 9.95 23.24
N ASN D 222 22.85 9.27 22.11
CA ASN D 222 21.75 8.36 21.81
C ASN D 222 22.37 7.07 21.29
N ALA D 223 22.58 6.10 22.19
CA ALA D 223 23.20 4.84 21.82
C ALA D 223 22.69 4.21 20.52
N SER D 224 21.42 4.42 20.19
CA SER D 224 20.85 3.82 18.99
C SER D 224 21.36 4.44 17.70
N LEU D 225 22.00 5.59 17.78
CA LEU D 225 22.48 6.27 16.58
C LEU D 225 23.84 5.77 16.15
N VAL D 226 24.47 4.99 17.03
CA VAL D 226 25.80 4.47 16.78
C VAL D 226 25.80 2.95 16.60
N ASP D 227 26.23 2.50 15.43
CA ASP D 227 26.27 1.07 15.13
C ASP D 227 27.39 0.31 15.80
N GLU D 228 28.60 0.86 15.85
CA GLU D 228 29.72 0.18 16.52
C GLU D 228 30.62 1.13 17.28
N VAL D 229 31.08 0.68 18.43
CA VAL D 229 32.00 1.49 19.20
C VAL D 229 33.31 0.72 19.30
N LEU D 230 34.39 1.29 18.77
CA LEU D 230 35.71 0.66 18.82
C LEU D 230 36.58 1.33 19.86
N ASP D 231 37.54 0.59 20.39
CA ASP D 231 38.46 1.17 21.35
C ASP D 231 39.74 1.49 20.62
N ILE D 232 40.32 2.65 20.92
CA ILE D 232 41.57 3.01 20.28
C ILE D 232 42.59 3.15 21.39
N HIS D 233 43.78 2.61 21.15
CA HIS D 233 44.85 2.69 22.13
C HIS D 233 45.65 3.97 21.87
N GLN D 234 45.93 4.69 22.96
CA GLN D 234 46.67 5.92 22.90
C GLN D 234 47.89 5.85 21.97
N ASN D 235 48.65 4.76 22.09
CA ASN D 235 49.85 4.61 21.27
C ASN D 235 49.54 4.52 19.79
N ASP D 236 48.49 3.78 19.47
CA ASP D 236 48.06 3.60 18.09
C ASP D 236 47.50 4.93 17.49
N ALA D 237 46.85 5.74 18.33
CA ALA D 237 46.35 7.03 17.86
C ALA D 237 47.52 8.00 17.61
N GLU D 238 48.51 8.00 18.49
CA GLU D 238 49.66 8.87 18.35
C GLU D 238 50.48 8.50 17.15
N ASN D 239 50.64 7.19 16.91
CA ASN D 239 51.41 6.74 15.77
C ASN D 239 50.75 7.13 14.46
N THR D 240 49.43 6.94 14.38
CA THR D 240 48.72 7.27 13.16
C THR D 240 48.78 8.77 12.96
N MET D 241 48.70 9.50 14.06
CA MET D 241 48.80 10.96 13.98
C MET D 241 50.14 11.37 13.34
N ARG D 242 51.24 10.80 13.82
CA ARG D 242 52.54 11.17 13.26
C ARG D 242 52.67 10.69 11.83
N GLU D 243 52.10 9.51 11.55
CA GLU D 243 52.16 8.98 10.21
C GLU D 243 51.36 9.84 9.19
N LEU D 244 50.26 10.45 9.64
CA LEU D 244 49.49 11.28 8.73
C LEU D 244 50.34 12.48 8.31
N ALA D 245 51.07 13.07 9.25
CA ALA D 245 51.87 14.22 8.89
C ALA D 245 53.00 13.85 7.93
N VAL D 246 53.65 12.71 8.19
CA VAL D 246 54.77 12.24 7.36
C VAL D 246 54.40 11.69 5.99
N ARG D 247 53.35 10.87 5.93
CA ARG D 247 52.94 10.24 4.68
C ARG D 247 51.82 10.91 3.90
N GLU D 248 51.04 11.77 4.54
CA GLU D 248 49.94 12.45 3.84
C GLU D 248 50.10 13.95 3.85
N GLY D 249 50.97 14.45 4.73
CA GLY D 249 51.17 15.89 4.85
C GLY D 249 50.03 16.52 5.63
N ILE D 250 49.31 15.70 6.40
CA ILE D 250 48.16 16.17 7.16
C ILE D 250 48.57 16.27 8.62
N PHE D 251 48.68 17.49 9.12
CA PHE D 251 49.14 17.74 10.49
C PHE D 251 47.95 17.95 11.41
N CYS D 252 47.65 16.97 12.25
CA CYS D 252 46.49 17.06 13.11
C CYS D 252 46.80 16.53 14.50
N GLY D 253 45.80 16.51 15.37
CA GLY D 253 45.99 16.01 16.73
C GLY D 253 45.82 14.52 16.99
N VAL D 254 45.96 14.15 18.26
CA VAL D 254 45.89 12.76 18.65
C VAL D 254 44.56 12.07 18.39
N SER D 255 43.45 12.73 18.71
CA SER D 255 42.16 12.10 18.48
C SER D 255 41.96 11.92 16.97
N SER D 256 42.53 12.82 16.17
CA SER D 256 42.42 12.69 14.72
C SER D 256 43.20 11.44 14.24
N GLY D 257 44.32 11.16 14.89
CA GLY D 257 45.09 9.99 14.53
C GLY D 257 44.26 8.79 14.92
N GLY D 258 43.60 8.87 16.08
CA GLY D 258 42.75 7.78 16.54
C GLY D 258 41.59 7.53 15.57
N ALA D 259 41.03 8.59 15.00
CA ALA D 259 39.93 8.45 14.07
C ALA D 259 40.41 7.79 12.79
N VAL D 260 41.58 8.16 12.27
CA VAL D 260 42.07 7.53 11.04
C VAL D 260 42.48 6.09 11.37
N ALA D 261 43.01 5.85 12.57
CA ALA D 261 43.36 4.49 12.96
C ALA D 261 42.06 3.65 12.86
N GLY D 262 40.97 4.21 13.35
CA GLY D 262 39.72 3.49 13.29
C GLY D 262 39.23 3.31 11.85
N ALA D 263 39.41 4.33 11.02
CA ALA D 263 38.95 4.23 9.64
C ALA D 263 39.78 3.18 8.93
N LEU D 264 41.04 3.01 9.34
CA LEU D 264 41.89 2.00 8.71
C LEU D 264 41.33 0.59 9.02
N ARG D 265 40.92 0.36 10.27
CA ARG D 265 40.34 -0.92 10.67
C ARG D 265 39.10 -1.18 9.82
N VAL D 266 38.22 -0.20 9.70
CA VAL D 266 37.02 -0.35 8.89
C VAL D 266 37.37 -0.66 7.42
N ALA D 267 38.23 0.18 6.85
CA ALA D 267 38.66 0.00 5.47
C ALA D 267 39.20 -1.41 5.23
N ARG D 268 40.10 -1.84 6.11
CA ARG D 268 40.70 -3.16 5.98
C ARG D 268 39.71 -4.30 6.08
N ALA D 269 38.74 -4.17 6.97
CA ALA D 269 37.75 -5.21 7.14
C ALA D 269 36.60 -5.13 6.14
N THR D 270 36.57 -4.09 5.31
CA THR D 270 35.45 -3.98 4.37
C THR D 270 35.86 -3.46 3.01
N PRO D 271 36.33 -4.35 2.14
CA PRO D 271 36.77 -3.94 0.81
C PRO D 271 35.71 -3.10 0.17
N GLY D 272 36.14 -2.04 -0.51
CA GLY D 272 35.24 -1.14 -1.22
C GLY D 272 34.49 -0.11 -0.39
N ALA D 273 34.71 -0.12 0.92
CA ALA D 273 34.04 0.83 1.80
C ALA D 273 34.51 2.25 1.49
N ILE D 274 33.60 3.22 1.64
CA ILE D 274 33.92 4.63 1.43
C ILE D 274 33.80 5.24 2.82
N VAL D 275 34.91 5.24 3.55
CA VAL D 275 34.96 5.73 4.93
C VAL D 275 35.29 7.20 5.06
N VAL D 276 34.53 7.89 5.91
CA VAL D 276 34.76 9.30 6.18
C VAL D 276 35.10 9.40 7.65
N ALA D 277 36.26 10.01 7.96
CA ALA D 277 36.63 10.16 9.35
C ALA D 277 36.81 11.65 9.66
N ILE D 278 36.46 12.03 10.88
CA ILE D 278 36.57 13.42 11.31
C ILE D 278 37.99 13.70 11.85
N ILE D 279 38.63 14.71 11.29
CA ILE D 279 39.95 15.16 11.76
C ILE D 279 39.52 16.36 12.61
N CYS D 280 39.57 16.22 13.92
CA CYS D 280 39.12 17.26 14.86
C CYS D 280 39.82 18.62 14.94
N ASP D 281 41.15 18.65 14.76
CA ASP D 281 41.90 19.91 14.85
C ASP D 281 43.28 19.79 14.21
N ARG D 282 44.02 20.89 14.18
CA ARG D 282 45.38 20.88 13.60
C ARG D 282 46.35 20.42 14.66
N GLY D 283 47.58 20.11 14.26
CA GLY D 283 48.55 19.64 15.22
C GLY D 283 49.27 20.72 16.03
N ASP D 284 49.14 21.97 15.62
CA ASP D 284 49.82 23.07 16.27
C ASP D 284 49.81 23.08 17.77
N ARG D 285 48.62 23.05 18.37
CA ARG D 285 48.54 23.08 19.82
C ARG D 285 49.03 21.84 20.53
N TYR D 286 49.54 20.86 19.78
CA TYR D 286 50.06 19.64 20.41
C TYR D 286 51.60 19.62 20.42
N LEU D 287 52.22 20.51 19.64
CA LEU D 287 53.66 20.53 19.54
C LEU D 287 54.37 20.56 20.90
N SER D 288 53.93 21.44 21.79
CA SER D 288 54.57 21.56 23.10
C SER D 288 54.37 20.38 24.02
N THR D 289 53.52 19.44 23.66
CA THR D 289 53.31 18.30 24.54
C THR D 289 54.25 17.17 24.20
N GLY D 290 54.97 17.33 23.11
CA GLY D 290 55.94 16.33 22.72
C GLY D 290 55.46 15.15 21.90
N VAL D 291 54.16 15.00 21.70
CA VAL D 291 53.66 13.86 20.92
C VAL D 291 54.24 13.80 19.51
N PHE D 292 54.72 14.92 18.98
CA PHE D 292 55.32 14.91 17.64
C PHE D 292 56.82 14.89 17.83
N GLY D 293 57.40 16.07 17.62
CA GLY D 293 58.83 16.26 17.79
C GLY D 293 59.08 16.45 19.27
N GLU D 294 58.95 15.44 20.01
N MET E 1 -15.71 44.52 24.08
CA MET E 1 -15.47 45.52 25.15
C MET E 1 -14.83 44.84 26.37
N ASN E 2 -13.68 44.21 26.15
CA ASN E 2 -12.92 43.58 27.22
C ASN E 2 -13.47 42.52 28.19
N THR E 3 -14.74 42.12 28.12
CA THR E 3 -15.17 41.08 29.06
C THR E 3 -15.23 39.70 28.39
N LEU E 4 -15.49 38.68 29.20
CA LEU E 4 -15.62 37.31 28.73
C LEU E 4 -16.66 37.26 27.62
N GLU E 5 -17.68 38.13 27.71
CA GLU E 5 -18.75 38.16 26.71
C GLU E 5 -18.23 38.25 25.27
N GLN E 6 -17.15 38.97 25.04
CA GLN E 6 -16.64 39.09 23.70
C GLN E 6 -15.87 37.83 23.27
N THR E 7 -15.74 36.83 24.15
CA THR E 7 -15.06 35.61 23.74
C THR E 7 -16.05 34.55 23.20
N ILE E 8 -17.34 34.92 23.17
CA ILE E 8 -18.37 34.03 22.65
C ILE E 8 -18.40 34.18 21.15
N GLY E 9 -18.50 33.07 20.42
CA GLY E 9 -18.55 33.18 18.97
C GLY E 9 -17.21 33.35 18.31
N ASN E 10 -17.19 33.51 16.99
CA ASN E 10 -15.93 33.63 16.24
C ASN E 10 -15.03 32.46 16.55
N THR E 11 -15.61 31.27 16.57
CA THR E 11 -14.88 30.04 16.86
C THR E 11 -14.05 29.61 15.63
N PRO E 12 -13.00 28.82 15.89
CA PRO E 12 -12.21 28.43 14.72
C PRO E 12 -12.88 27.40 13.81
N LEU E 13 -12.50 27.44 12.55
CA LEU E 13 -13.00 26.47 11.58
C LEU E 13 -11.71 25.82 11.08
N VAL E 14 -11.52 24.54 11.37
CA VAL E 14 -10.32 23.85 10.92
C VAL E 14 -10.61 22.66 10.00
N LYS E 15 -9.67 22.34 9.12
CA LYS E 15 -9.84 21.23 8.20
C LYS E 15 -9.32 19.91 8.75
N LEU E 16 -10.09 18.82 8.57
CA LEU E 16 -9.63 17.51 9.05
C LEU E 16 -8.47 17.12 8.15
N GLN E 17 -7.45 16.50 8.73
CA GLN E 17 -6.26 16.14 7.94
C GLN E 17 -6.21 14.68 7.53
N ARG E 18 -6.78 13.80 8.32
CA ARG E 18 -6.70 12.39 8.05
C ARG E 18 -7.98 11.65 7.72
N ILE E 19 -9.04 11.81 8.51
CA ILE E 19 -10.25 11.07 8.18
C ILE E 19 -10.97 11.65 6.93
N GLY E 20 -11.80 10.83 6.29
CA GLY E 20 -12.49 11.33 5.10
C GLY E 20 -11.89 10.83 3.80
N PRO E 21 -12.70 10.69 2.74
CA PRO E 21 -12.27 10.21 1.42
C PRO E 21 -11.31 11.12 0.68
N ASP E 22 -10.46 10.51 -0.12
CA ASP E 22 -9.49 11.25 -0.92
C ASP E 22 -10.07 11.49 -2.33
N ASN E 23 -11.25 12.12 -2.37
CA ASN E 23 -11.92 12.38 -3.62
C ASN E 23 -12.07 13.85 -3.90
N GLY E 24 -11.17 14.65 -3.35
CA GLY E 24 -11.22 16.09 -3.60
C GLY E 24 -12.15 16.86 -2.65
N SER E 25 -12.94 16.16 -1.85
CA SER E 25 -13.83 16.84 -0.94
C SER E 25 -13.07 17.20 0.35
N GLU E 26 -13.46 18.30 0.98
CA GLU E 26 -12.84 18.77 2.21
C GLU E 26 -13.85 18.76 3.33
N ILE E 27 -13.43 18.40 4.53
CA ILE E 27 -14.32 18.42 5.67
C ILE E 27 -13.79 19.42 6.71
N TRP E 28 -14.50 20.54 6.89
CA TRP E 28 -14.10 21.55 7.86
C TRP E 28 -14.98 21.48 9.11
N VAL E 29 -14.38 21.59 10.30
CA VAL E 29 -15.18 21.55 11.51
C VAL E 29 -15.12 22.88 12.28
N LYS E 30 -16.29 23.32 12.73
CA LYS E 30 -16.51 24.58 13.45
C LYS E 30 -16.46 24.21 14.93
N LEU E 31 -15.40 24.67 15.60
CA LEU E 31 -15.16 24.30 16.99
C LEU E 31 -15.90 25.07 18.06
N GLU E 32 -17.19 24.80 18.21
CA GLU E 32 -17.96 25.50 19.21
C GLU E 32 -17.57 25.21 20.65
N GLY E 33 -16.73 24.21 20.85
CA GLY E 33 -16.27 23.93 22.21
C GLY E 33 -15.38 25.09 22.68
N ASN E 34 -14.94 25.94 21.74
CA ASN E 34 -14.14 27.10 22.08
C ASN E 34 -14.88 28.24 22.79
N ASN E 35 -16.21 28.21 22.81
CA ASN E 35 -16.97 29.22 23.52
C ASN E 35 -16.58 29.10 24.99
N PRO E 36 -16.68 30.22 25.74
CA PRO E 36 -16.29 30.21 27.15
C PRO E 36 -16.77 29.10 28.05
N ALA E 37 -18.01 28.64 27.90
CA ALA E 37 -18.51 27.57 28.76
C ALA E 37 -18.47 26.21 28.03
N GLY E 38 -17.71 26.18 26.95
CA GLY E 38 -17.47 24.95 26.24
C GLY E 38 -18.49 24.31 25.32
N SER E 39 -19.46 25.08 24.85
CA SER E 39 -20.44 24.51 23.95
C SER E 39 -21.09 25.55 23.09
N VAL E 40 -21.67 25.08 22.00
CA VAL E 40 -22.38 25.92 21.05
C VAL E 40 -23.49 26.70 21.76
N LYS E 41 -24.03 26.17 22.86
CA LYS E 41 -25.11 26.85 23.57
C LYS E 41 -24.78 28.24 24.11
N ASP E 42 -23.50 28.57 24.27
CA ASP E 42 -23.16 29.91 24.75
C ASP E 42 -23.78 30.96 23.81
N ARG E 43 -23.84 30.67 22.51
CA ARG E 43 -24.38 31.64 21.55
C ARG E 43 -25.86 31.95 21.81
N ALA E 44 -26.69 30.91 21.85
CA ALA E 44 -28.11 31.10 22.07
C ALA E 44 -28.38 31.65 23.46
N ALA E 45 -27.62 31.20 24.45
CA ALA E 45 -27.85 31.70 25.80
C ALA E 45 -27.59 33.20 25.85
N LEU E 46 -26.56 33.68 25.17
CA LEU E 46 -26.27 35.10 25.15
C LEU E 46 -27.37 35.86 24.40
N SER E 47 -27.73 35.35 23.24
CA SER E 47 -28.73 35.97 22.39
C SER E 47 -30.10 36.06 23.07
N MET E 48 -30.58 34.98 23.65
CA MET E 48 -31.87 35.03 24.29
C MET E 48 -31.89 36.10 25.39
N ILE E 49 -30.80 36.20 26.15
CA ILE E 49 -30.73 37.16 27.24
C ILE E 49 -30.52 38.57 26.75
N VAL E 50 -29.62 38.74 25.79
CA VAL E 50 -29.37 40.07 25.27
C VAL E 50 -30.61 40.66 24.57
N GLU E 51 -31.30 39.86 23.76
CA GLU E 51 -32.48 40.38 23.07
C GLU E 51 -33.60 40.68 24.08
N ALA E 52 -33.75 39.84 25.10
CA ALA E 52 -34.77 40.09 26.10
C ALA E 52 -34.46 41.44 26.80
N GLU E 53 -33.17 41.74 27.00
CA GLU E 53 -32.77 43.01 27.62
C GLU E 53 -33.17 44.15 26.68
N LYS E 54 -32.89 43.99 25.39
CA LYS E 54 -33.24 45.02 24.42
C LYS E 54 -34.71 45.33 24.44
N ARG E 55 -35.53 44.32 24.71
CA ARG E 55 -36.97 44.51 24.72
C ARG E 55 -37.47 45.03 26.06
N GLY E 56 -36.57 45.18 27.03
CA GLY E 56 -36.97 45.65 28.34
C GLY E 56 -37.68 44.62 29.21
N GLU E 57 -37.59 43.35 28.82
CA GLU E 57 -38.25 42.30 29.59
C GLU E 57 -37.47 41.91 30.83
N ILE E 58 -36.17 42.17 30.82
CA ILE E 58 -35.33 41.81 31.96
C ILE E 58 -34.24 42.83 32.17
N LYS E 59 -33.79 42.95 33.41
CA LYS E 59 -32.73 43.88 33.81
C LYS E 59 -31.88 43.10 34.80
N PRO E 60 -30.58 43.37 34.84
CA PRO E 60 -29.70 42.65 35.78
C PRO E 60 -30.33 42.59 37.17
N GLY E 61 -30.30 41.42 37.79
CA GLY E 61 -30.89 41.26 39.11
C GLY E 61 -32.13 40.38 39.06
N ASP E 62 -32.75 40.31 37.88
CA ASP E 62 -33.95 39.50 37.67
C ASP E 62 -33.69 38.00 37.67
N VAL E 63 -34.75 37.24 37.88
CA VAL E 63 -34.68 35.80 37.87
C VAL E 63 -34.96 35.27 36.46
N LEU E 64 -34.15 34.32 36.01
CA LEU E 64 -34.32 33.70 34.72
C LEU E 64 -34.65 32.23 35.03
N ILE E 65 -35.51 31.61 34.22
CA ILE E 65 -35.92 30.23 34.45
C ILE E 65 -35.84 29.40 33.19
N GLU E 66 -35.36 28.15 33.33
CA GLU E 66 -35.31 27.25 32.18
C GLU E 66 -35.17 25.84 32.70
N ALA E 67 -35.87 24.90 32.05
CA ALA E 67 -35.81 23.50 32.46
C ALA E 67 -34.81 22.89 31.54
N THR E 68 -33.74 22.40 32.12
CA THR E 68 -32.66 21.81 31.33
C THR E 68 -31.57 21.42 32.30
N SER E 69 -30.62 20.60 31.85
CA SER E 69 -29.53 20.26 32.74
C SER E 69 -28.28 19.89 31.99
N GLY E 70 -28.19 20.32 30.73
CA GLY E 70 -27.01 20.02 29.92
C GLY E 70 -26.28 21.29 29.54
N ASN E 71 -25.81 21.33 28.31
CA ASN E 71 -25.10 22.50 27.84
C ASN E 71 -25.90 23.77 27.99
N THR E 72 -27.21 23.71 27.72
CA THR E 72 -28.03 24.90 27.85
C THR E 72 -28.01 25.42 29.28
N GLY E 73 -28.14 24.51 30.22
CA GLY E 73 -28.15 24.92 31.59
C GLY E 73 -26.79 25.53 31.95
N ILE E 74 -25.69 24.92 31.47
CA ILE E 74 -24.35 25.41 31.76
C ILE E 74 -24.17 26.77 31.14
N ALA E 75 -24.55 26.87 29.87
CA ALA E 75 -24.42 28.14 29.15
C ALA E 75 -25.24 29.25 29.79
N LEU E 76 -26.47 28.93 30.22
CA LEU E 76 -27.31 29.96 30.83
C LEU E 76 -26.76 30.37 32.18
N ALA E 77 -26.30 29.39 32.95
CA ALA E 77 -25.75 29.68 34.28
C ALA E 77 -24.55 30.63 34.11
N MET E 78 -23.75 30.40 33.08
CA MET E 78 -22.59 31.22 32.81
C MET E 78 -22.98 32.64 32.39
N ILE E 79 -23.91 32.79 31.45
CA ILE E 79 -24.32 34.13 31.04
C ILE E 79 -24.95 34.87 32.22
N ALA E 80 -25.65 34.16 33.09
CA ALA E 80 -26.28 34.81 34.23
C ALA E 80 -25.23 35.29 35.22
N ALA E 81 -24.16 34.51 35.37
CA ALA E 81 -23.09 34.88 36.28
C ALA E 81 -22.33 36.04 35.63
N LEU E 82 -22.16 35.95 34.33
CA LEU E 82 -21.44 36.98 33.62
C LEU E 82 -22.16 38.33 33.64
N LYS E 83 -23.46 38.30 33.36
CA LYS E 83 -24.26 39.51 33.30
C LYS E 83 -25.03 39.96 34.54
N GLY E 84 -25.02 39.18 35.60
CA GLY E 84 -25.73 39.62 36.78
C GLY E 84 -27.18 39.17 36.99
N TYR E 85 -27.54 37.98 36.54
CA TYR E 85 -28.90 37.48 36.71
C TYR E 85 -28.92 36.31 37.66
N ARG E 86 -30.07 36.06 38.27
CA ARG E 86 -30.23 34.93 39.16
C ARG E 86 -30.86 33.82 38.32
N MET E 87 -30.10 32.75 38.07
CA MET E 87 -30.57 31.68 37.23
C MET E 87 -31.15 30.52 38.00
N LYS E 88 -32.32 30.05 37.57
CA LYS E 88 -32.99 28.90 38.19
C LYS E 88 -33.14 27.85 37.11
N LEU E 89 -32.56 26.68 37.36
CA LEU E 89 -32.60 25.58 36.39
C LEU E 89 -33.38 24.42 36.97
N LEU E 90 -34.34 23.92 36.18
CA LEU E 90 -35.22 22.83 36.61
C LEU E 90 -34.87 21.51 35.93
N MET E 91 -34.89 20.45 36.71
CA MET E 91 -34.53 19.14 36.16
C MET E 91 -34.93 18.02 37.13
N PRO E 92 -35.00 16.77 36.62
CA PRO E 92 -35.36 15.64 37.47
C PRO E 92 -34.24 15.33 38.49
N ASP E 93 -34.67 14.71 39.57
CA ASP E 93 -33.83 14.36 40.71
C ASP E 93 -32.79 13.26 40.50
N ASN E 94 -32.62 12.82 39.26
CA ASN E 94 -31.67 11.75 39.00
C ASN E 94 -30.44 12.21 38.20
N MET E 95 -29.97 13.43 38.44
CA MET E 95 -28.83 13.94 37.69
C MET E 95 -27.55 13.70 38.47
N SER E 96 -26.52 13.24 37.78
CA SER E 96 -25.23 12.97 38.43
C SER E 96 -24.76 14.20 39.20
N GLN E 97 -23.82 14.03 40.11
CA GLN E 97 -23.37 15.18 40.86
C GLN E 97 -22.44 16.06 40.05
N GLU E 98 -21.74 15.45 39.10
CA GLU E 98 -20.85 16.20 38.24
C GLU E 98 -21.66 17.01 37.26
N ARG E 99 -22.76 16.42 36.82
CA ARG E 99 -23.64 17.08 35.88
C ARG E 99 -24.29 18.31 36.53
N ARG E 100 -24.63 18.22 37.80
CA ARG E 100 -25.23 19.37 38.44
C ARG E 100 -24.18 20.34 38.95
N ALA E 101 -22.95 19.83 39.13
CA ALA E 101 -21.84 20.67 39.59
C ALA E 101 -21.48 21.67 38.48
N ALA E 102 -21.51 21.20 37.24
CA ALA E 102 -21.19 22.08 36.11
C ALA E 102 -22.09 23.35 36.07
N MET E 103 -23.30 23.23 36.61
CA MET E 103 -24.23 24.35 36.63
C MET E 103 -24.13 25.13 37.91
N ARG E 104 -24.09 24.43 39.05
CA ARG E 104 -23.96 25.10 40.33
C ARG E 104 -22.72 25.96 40.39
N ALA E 105 -21.64 25.50 39.74
CA ALA E 105 -20.37 26.22 39.77
C ALA E 105 -20.55 27.70 39.48
N TYR E 106 -21.46 28.00 38.56
CA TYR E 106 -21.71 29.39 38.20
C TYR E 106 -22.69 30.07 39.17
N GLY E 107 -23.09 29.35 40.21
CA GLY E 107 -24.01 29.93 41.18
C GLY E 107 -25.49 29.79 40.83
N ALA E 108 -25.81 29.00 39.82
CA ALA E 108 -27.19 28.83 39.45
C ALA E 108 -27.91 28.03 40.52
N GLU E 109 -29.21 28.24 40.67
CA GLU E 109 -29.95 27.49 41.65
C GLU E 109 -30.61 26.35 40.92
N LEU E 110 -30.52 25.15 41.46
CA LEU E 110 -31.15 24.03 40.79
C LEU E 110 -32.43 23.66 41.55
N ILE E 111 -33.52 23.47 40.80
CA ILE E 111 -34.79 23.12 41.41
C ILE E 111 -35.13 21.76 40.86
N LEU E 112 -35.29 20.80 41.75
CA LEU E 112 -35.54 19.44 41.32
C LEU E 112 -36.99 18.95 41.30
N VAL E 113 -37.37 18.24 40.25
CA VAL E 113 -38.69 17.65 40.21
C VAL E 113 -38.32 16.17 40.43
N THR E 114 -39.32 15.29 40.55
CA THR E 114 -39.01 13.89 40.78
C THR E 114 -38.55 13.23 39.48
N LYS E 115 -37.83 12.13 39.64
CA LYS E 115 -37.33 11.36 38.51
C LYS E 115 -38.50 10.95 37.62
N GLU E 116 -39.64 10.70 38.27
CA GLU E 116 -40.90 10.30 37.61
C GLU E 116 -41.46 11.46 36.80
N GLN E 117 -41.63 12.62 37.45
CA GLN E 117 -42.13 13.82 36.77
C GLN E 117 -41.25 14.02 35.54
N GLY E 118 -39.96 13.69 35.70
CA GLY E 118 -39.01 13.81 34.60
C GLY E 118 -38.79 15.17 33.97
N MET E 119 -38.19 15.15 32.79
CA MET E 119 -37.91 16.38 32.06
C MET E 119 -39.16 17.16 31.70
N GLU E 120 -40.23 16.44 31.35
CA GLU E 120 -41.47 17.11 30.97
C GLU E 120 -42.07 17.75 32.21
N GLY E 121 -41.91 17.08 33.35
CA GLY E 121 -42.43 17.62 34.58
C GLY E 121 -41.74 18.95 34.82
N ALA E 122 -40.42 18.95 34.59
CA ALA E 122 -39.61 20.14 34.78
C ALA E 122 -40.01 21.26 33.82
N ARG E 123 -40.29 20.93 32.56
CA ARG E 123 -40.72 21.95 31.61
C ARG E 123 -41.99 22.58 32.17
N ASP E 124 -42.89 21.72 32.65
CA ASP E 124 -44.15 22.16 33.20
C ASP E 124 -43.99 23.04 34.43
N LEU E 125 -43.17 22.61 35.37
CA LEU E 125 -42.98 23.41 36.58
C LEU E 125 -42.35 24.75 36.26
N ALA E 126 -41.51 24.77 35.22
CA ALA E 126 -40.83 26.01 34.81
C ALA E 126 -41.86 26.99 34.26
N LEU E 127 -42.72 26.48 33.39
CA LEU E 127 -43.78 27.30 32.78
C LEU E 127 -44.73 27.84 33.87
N ALA E 128 -45.09 26.98 34.82
CA ALA E 128 -45.97 27.39 35.90
C ALA E 128 -45.32 28.54 36.61
N MET E 129 -44.08 28.32 37.06
CA MET E 129 -43.32 29.35 37.79
C MET E 129 -43.27 30.66 37.02
N SER E 130 -43.04 30.57 35.72
CA SER E 130 -42.94 31.81 34.96
C SER E 130 -44.27 32.55 34.98
N GLU E 131 -45.37 31.81 34.89
CA GLU E 131 -46.69 32.44 34.88
C GLU E 131 -47.16 32.93 36.25
N ARG E 132 -46.62 32.34 37.31
CA ARG E 132 -46.94 32.80 38.64
C ARG E 132 -46.06 34.04 38.84
N GLY E 133 -45.44 34.50 37.74
CA GLY E 133 -44.56 35.65 37.79
C GLY E 133 -43.27 35.52 38.59
N GLU E 134 -42.73 34.30 38.72
CA GLU E 134 -41.50 34.09 39.47
C GLU E 134 -40.17 34.34 38.71
N GLY E 135 -40.23 34.58 37.40
CA GLY E 135 -39.03 34.84 36.61
C GLY E 135 -39.27 34.66 35.12
N LYS E 136 -38.35 35.16 34.29
CA LYS E 136 -38.47 35.08 32.84
C LYS E 136 -38.08 33.70 32.31
N LEU E 137 -39.00 33.01 31.65
CA LEU E 137 -38.71 31.70 31.07
C LEU E 137 -38.01 31.97 29.74
N LEU E 138 -36.98 31.21 29.42
CA LEU E 138 -36.27 31.44 28.16
C LEU E 138 -36.82 30.59 27.03
N ASP E 139 -37.16 29.34 27.33
CA ASP E 139 -37.73 28.39 26.39
C ASP E 139 -36.93 28.20 25.09
N GLN E 140 -35.77 27.58 25.23
CA GLN E 140 -34.86 27.34 24.13
C GLN E 140 -35.45 26.71 22.88
N PHE E 141 -36.51 25.91 23.03
CA PHE E 141 -37.11 25.27 21.87
C PHE E 141 -38.03 26.16 21.03
N ASN E 142 -38.57 27.22 21.65
CA ASN E 142 -39.48 28.11 20.92
C ASN E 142 -39.02 29.56 20.80
N ASN E 143 -37.97 29.92 21.53
CA ASN E 143 -37.48 31.29 21.51
C ASN E 143 -36.77 31.63 20.20
N PRO E 144 -37.29 32.57 19.40
CA PRO E 144 -36.65 32.93 18.11
C PRO E 144 -35.25 33.53 18.24
N ASP E 145 -34.90 33.91 19.45
CA ASP E 145 -33.61 34.51 19.69
C ASP E 145 -32.47 33.49 19.65
N ASN E 146 -32.83 32.21 19.81
CA ASN E 146 -31.91 31.08 19.73
C ASN E 146 -31.40 31.02 18.28
N PRO E 147 -32.24 30.65 17.30
CA PRO E 147 -31.69 30.63 15.93
C PRO E 147 -31.13 31.98 15.43
N TYR E 148 -31.69 33.07 15.95
CA TYR E 148 -31.22 34.40 15.56
C TYR E 148 -29.69 34.59 15.83
N ALA E 149 -29.20 33.95 16.89
CA ALA E 149 -27.79 34.03 17.23
C ALA E 149 -26.96 33.47 16.08
N HIS E 150 -27.40 32.33 15.53
CA HIS E 150 -26.69 31.66 14.45
C HIS E 150 -26.84 32.31 13.10
N TYR E 151 -27.95 33.03 12.93
CA TYR E 151 -28.24 33.78 11.71
C TYR E 151 -27.30 34.98 11.62
N THR E 152 -27.01 35.60 12.77
CA THR E 152 -26.14 36.77 12.82
C THR E 152 -24.66 36.50 13.10
N THR E 153 -24.31 35.37 13.74
CA THR E 153 -22.89 35.10 14.03
C THR E 153 -22.36 33.82 13.40
N THR E 154 -22.81 32.67 13.86
CA THR E 154 -22.36 31.40 13.31
C THR E 154 -22.39 31.32 11.76
N GLY E 155 -23.54 31.61 11.16
CA GLY E 155 -23.67 31.54 9.71
C GLY E 155 -22.72 32.49 9.02
N PRO E 156 -22.78 33.79 9.34
CA PRO E 156 -21.85 34.72 8.69
C PRO E 156 -20.39 34.33 8.89
N GLU E 157 -20.04 33.78 10.05
CA GLU E 157 -18.65 33.37 10.29
C GLU E 157 -18.25 32.25 9.33
N ILE E 158 -19.08 31.22 9.23
CA ILE E 158 -18.77 30.10 8.37
C ILE E 158 -18.60 30.55 6.94
N TRP E 159 -19.54 31.36 6.47
CA TRP E 159 -19.50 31.85 5.10
C TRP E 159 -18.20 32.60 4.81
N ARG E 160 -17.77 33.41 5.76
CA ARG E 160 -16.55 34.19 5.62
C ARG E 160 -15.30 33.29 5.74
N GLN E 161 -15.28 32.40 6.73
CA GLN E 161 -14.16 31.51 6.94
C GLN E 161 -13.89 30.59 5.73
N THR E 162 -14.94 30.14 5.04
CA THR E 162 -14.74 29.28 3.88
C THR E 162 -14.67 30.12 2.60
N SER E 163 -14.60 31.43 2.74
CA SER E 163 -14.55 32.29 1.56
C SER E 163 -15.65 31.98 0.55
N GLY E 164 -16.81 31.53 1.01
CA GLY E 164 -17.89 31.23 0.10
C GLY E 164 -17.80 29.87 -0.60
N ARG E 165 -16.79 29.09 -0.28
CA ARG E 165 -16.63 27.79 -0.93
C ARG E 165 -17.55 26.69 -0.38
N ILE E 166 -18.07 26.87 0.84
CA ILE E 166 -18.93 25.85 1.43
C ILE E 166 -20.00 25.38 0.46
N THR E 167 -20.24 24.06 0.40
CA THR E 167 -21.25 23.52 -0.48
C THR E 167 -22.26 22.72 0.33
N HIS E 168 -21.85 22.27 1.51
CA HIS E 168 -22.73 21.48 2.38
C HIS E 168 -22.54 21.87 3.84
N PHE E 169 -23.64 21.95 4.58
CA PHE E 169 -23.58 22.29 5.98
C PHE E 169 -24.23 21.15 6.73
N VAL E 170 -23.51 20.56 7.69
CA VAL E 170 -23.99 19.43 8.48
C VAL E 170 -24.14 19.81 9.94
N SER E 171 -25.30 19.51 10.51
CA SER E 171 -25.55 19.86 11.90
C SER E 171 -26.42 18.88 12.65
N SER E 172 -25.97 18.44 13.82
CA SER E 172 -26.77 17.55 14.66
C SER E 172 -27.86 18.43 15.27
N MET E 173 -29.12 18.00 15.17
CA MET E 173 -30.26 18.79 15.66
C MET E 173 -30.79 18.52 17.05
N GLY E 174 -30.74 19.54 17.92
CA GLY E 174 -31.27 19.41 19.27
C GLY E 174 -32.47 20.35 19.26
N THR E 175 -32.26 21.62 19.59
CA THR E 175 -33.33 22.59 19.54
C THR E 175 -33.54 22.98 18.06
N THR E 176 -32.52 22.73 17.24
CA THR E 176 -32.47 23.08 15.81
C THR E 176 -32.12 24.57 15.60
N GLY E 177 -31.82 25.27 16.70
CA GLY E 177 -31.46 26.69 16.56
C GLY E 177 -30.28 26.88 15.63
N THR E 178 -29.28 26.01 15.74
CA THR E 178 -28.10 26.16 14.91
C THR E 178 -28.36 25.96 13.42
N ILE E 179 -28.97 24.83 13.07
CA ILE E 179 -29.18 24.56 11.64
C ILE E 179 -30.15 25.56 11.06
N THR E 180 -31.15 25.92 11.86
CA THR E 180 -32.16 26.88 11.42
C THR E 180 -31.52 28.24 11.10
N GLY E 181 -30.81 28.80 12.08
CA GLY E 181 -30.20 30.09 11.88
C GLY E 181 -29.12 30.09 10.80
N VAL E 182 -28.31 29.05 10.74
CA VAL E 182 -27.26 29.04 9.74
C VAL E 182 -27.86 28.91 8.37
N SER E 183 -28.89 28.07 8.25
CA SER E 183 -29.53 27.89 6.96
C SER E 183 -30.12 29.21 6.46
N ARG E 184 -30.84 29.88 7.36
CA ARG E 184 -31.42 31.16 7.00
C ARG E 184 -30.36 32.05 6.38
N PHE E 185 -29.20 32.14 7.04
CA PHE E 185 -28.16 32.98 6.48
C PHE E 185 -27.57 32.48 5.17
N LEU E 186 -27.38 31.17 5.05
CA LEU E 186 -26.77 30.64 3.83
C LEU E 186 -27.72 30.77 2.63
N ARG E 187 -29.02 30.57 2.83
CA ARG E 187 -29.99 30.69 1.73
C ARG E 187 -29.93 32.06 1.06
N GLU E 188 -29.55 33.10 1.81
CA GLU E 188 -29.50 34.45 1.25
C GLU E 188 -28.35 34.60 0.28
N GLN E 189 -27.50 33.61 0.17
CA GLN E 189 -26.36 33.73 -0.73
C GLN E 189 -26.75 33.28 -2.13
N GLU E 190 -26.07 33.83 -3.12
CA GLU E 190 -26.35 33.47 -4.50
C GLU E 190 -26.10 31.99 -4.70
N LYS E 191 -24.89 31.57 -4.35
CA LYS E 191 -24.47 30.19 -4.47
C LYS E 191 -25.34 29.27 -3.62
N PRO E 192 -25.79 28.15 -4.18
CA PRO E 192 -26.64 27.22 -3.42
C PRO E 192 -25.80 26.45 -2.39
N VAL E 193 -26.41 26.04 -1.30
CA VAL E 193 -25.70 25.27 -0.29
C VAL E 193 -26.67 24.23 0.26
N THR E 194 -26.29 22.96 0.25
CA THR E 194 -27.15 21.91 0.77
C THR E 194 -27.10 21.94 2.30
N ILE E 195 -28.24 21.86 2.96
CA ILE E 195 -28.29 21.89 4.40
C ILE E 195 -28.69 20.51 4.86
N VAL E 196 -27.84 19.88 5.67
CA VAL E 196 -28.07 18.54 6.13
C VAL E 196 -28.19 18.50 7.63
N GLY E 197 -29.33 18.03 8.13
CA GLY E 197 -29.54 17.92 9.55
C GLY E 197 -29.39 16.46 9.94
N LEU E 198 -29.09 16.19 11.21
CA LEU E 198 -28.89 14.82 11.66
C LEU E 198 -29.67 14.55 12.89
N GLN E 199 -30.16 13.32 13.04
CA GLN E 199 -30.91 12.98 14.23
C GLN E 199 -30.54 11.55 14.59
N PRO E 200 -30.65 11.20 15.87
CA PRO E 200 -30.30 9.84 16.23
C PRO E 200 -31.27 8.83 15.64
N GLU E 201 -30.77 7.65 15.31
CA GLU E 201 -31.57 6.56 14.79
C GLU E 201 -32.48 6.17 15.94
N GLU E 202 -33.62 5.52 15.66
CA GLU E 202 -34.52 5.15 16.75
C GLU E 202 -33.81 4.20 17.70
N GLY E 203 -33.92 4.46 18.99
CA GLY E 203 -33.24 3.62 19.96
C GLY E 203 -31.84 4.12 20.25
N SER E 204 -31.25 4.93 19.34
CA SER E 204 -29.91 5.47 19.59
C SER E 204 -29.96 6.65 20.56
N SER E 205 -29.01 6.66 21.49
CA SER E 205 -28.92 7.73 22.46
C SER E 205 -27.66 8.57 22.23
N ILE E 206 -27.84 9.82 21.82
CA ILE E 206 -26.76 10.74 21.54
C ILE E 206 -26.99 12.02 22.35
N PRO E 207 -26.30 12.17 23.50
CA PRO E 207 -26.44 13.34 24.38
C PRO E 207 -26.46 14.67 23.66
N GLY E 208 -27.37 15.57 24.08
CA GLY E 208 -27.49 16.87 23.44
C GLY E 208 -28.53 16.99 22.34
N ILE E 209 -28.84 15.88 21.67
CA ILE E 209 -29.87 15.92 20.66
C ILE E 209 -30.88 14.84 21.00
N ARG E 210 -31.91 14.70 20.16
CA ARG E 210 -32.94 13.69 20.40
C ARG E 210 -33.67 13.50 19.08
N ARG E 211 -34.36 12.37 18.95
CA ARG E 211 -35.14 12.09 17.75
C ARG E 211 -36.53 12.65 18.05
N TRP E 212 -36.91 13.69 17.31
CA TRP E 212 -38.19 14.34 17.53
C TRP E 212 -39.34 13.60 16.85
N PRO E 213 -40.49 13.51 17.55
CA PRO E 213 -41.67 12.85 16.97
C PRO E 213 -41.94 13.57 15.65
N ALA E 214 -42.08 12.80 14.57
CA ALA E 214 -42.30 13.32 13.21
C ALA E 214 -42.89 14.73 13.08
N GLU E 215 -43.98 15.00 13.80
CA GLU E 215 -44.63 16.32 13.70
C GLU E 215 -44.68 17.11 14.99
N TYR E 216 -43.68 16.88 15.85
CA TYR E 216 -43.56 17.60 17.11
C TYR E 216 -42.17 18.21 17.23
N MET E 217 -41.64 18.62 16.08
CA MET E 217 -40.33 19.26 16.00
C MET E 217 -40.44 20.53 16.86
N PRO E 218 -39.30 21.02 17.40
CA PRO E 218 -39.39 22.23 18.23
C PRO E 218 -39.95 23.42 17.43
N GLY E 219 -40.62 24.32 18.13
CA GLY E 219 -41.23 25.47 17.48
C GLY E 219 -40.40 26.28 16.50
N ILE E 220 -39.12 26.51 16.82
CA ILE E 220 -38.27 27.33 15.95
C ILE E 220 -37.93 26.66 14.64
N PHE E 221 -38.11 25.34 14.58
CA PHE E 221 -37.79 24.57 13.37
C PHE E 221 -38.63 24.91 12.14
N ASN E 222 -37.99 24.93 10.99
CA ASN E 222 -38.66 25.26 9.76
C ASN E 222 -38.15 24.27 8.71
N ALA E 223 -38.93 23.20 8.50
CA ALA E 223 -38.58 22.14 7.58
C ALA E 223 -38.03 22.53 6.21
N SER E 224 -38.51 23.63 5.65
CA SER E 224 -38.03 24.03 4.34
C SER E 224 -36.58 24.53 4.31
N LEU E 225 -36.00 24.77 5.50
CA LEU E 225 -34.63 25.25 5.60
C LEU E 225 -33.62 24.11 5.55
N VAL E 226 -34.11 22.90 5.83
CA VAL E 226 -33.27 21.71 5.80
C VAL E 226 -33.50 20.86 4.55
N ASP E 227 -32.48 20.72 3.71
CA ASP E 227 -32.55 19.90 2.49
C ASP E 227 -32.60 18.38 2.69
N GLU E 228 -31.86 17.86 3.67
CA GLU E 228 -31.84 16.42 3.94
C GLU E 228 -31.68 16.12 5.42
N VAL E 229 -32.27 15.05 5.90
CA VAL E 229 -32.13 14.67 7.29
C VAL E 229 -31.61 13.25 7.31
N LEU E 230 -30.44 13.05 7.93
CA LEU E 230 -29.82 11.73 8.02
C LEU E 230 -29.92 11.21 9.43
N ASP E 231 -29.98 9.89 9.54
CA ASP E 231 -30.05 9.24 10.86
C ASP E 231 -28.62 8.79 11.23
N ILE E 232 -28.26 8.92 12.50
CA ILE E 232 -26.95 8.53 12.92
C ILE E 232 -27.09 7.57 14.06
N HIS E 233 -26.42 6.42 13.95
CA HIS E 233 -26.49 5.43 15.00
C HIS E 233 -25.57 5.84 16.14
N GLN E 234 -25.99 5.59 17.37
CA GLN E 234 -25.23 5.93 18.54
C GLN E 234 -23.78 5.45 18.43
N ASN E 235 -23.61 4.18 18.10
CA ASN E 235 -22.31 3.55 17.98
C ASN E 235 -21.43 4.26 16.93
N ASP E 236 -22.00 4.62 15.79
CA ASP E 236 -21.25 5.28 14.75
C ASP E 236 -20.77 6.68 15.20
N ALA E 237 -21.59 7.33 16.04
CA ALA E 237 -21.29 8.66 16.55
C ALA E 237 -20.17 8.54 17.58
N GLU E 238 -20.29 7.57 18.47
CA GLU E 238 -19.27 7.35 19.47
C GLU E 238 -17.93 6.95 18.81
N ASN E 239 -17.98 6.14 17.75
CA ASN E 239 -16.75 5.74 17.07
C ASN E 239 -16.04 6.90 16.42
N THR E 240 -16.80 7.72 15.72
CA THR E 240 -16.20 8.85 15.04
C THR E 240 -15.67 9.86 16.08
N MET E 241 -16.34 9.92 17.22
CA MET E 241 -15.94 10.79 18.30
C MET E 241 -14.53 10.34 18.75
N ARG E 242 -14.40 9.07 19.10
CA ARG E 242 -13.12 8.52 19.57
C ARG E 242 -12.02 8.60 18.52
N GLU E 243 -12.40 8.50 17.27
CA GLU E 243 -11.45 8.58 16.20
C GLU E 243 -11.03 10.01 15.86
N LEU E 244 -11.82 11.00 16.26
CA LEU E 244 -11.43 12.38 16.00
C LEU E 244 -10.31 12.71 16.99
N ALA E 245 -10.43 12.22 18.22
CA ALA E 245 -9.42 12.51 19.21
C ALA E 245 -8.08 11.83 18.82
N VAL E 246 -8.13 10.56 18.48
CA VAL E 246 -6.97 9.78 18.11
C VAL E 246 -6.29 10.10 16.79
N ARG E 247 -7.06 10.45 15.76
CA ARG E 247 -6.46 10.70 14.45
C ARG E 247 -6.40 12.13 14.01
N GLU E 248 -7.07 13.02 14.74
CA GLU E 248 -7.05 14.45 14.38
C GLU E 248 -6.70 15.29 15.58
N GLY E 249 -6.70 14.69 16.76
CA GLY E 249 -6.39 15.41 17.98
C GLY E 249 -7.52 16.34 18.37
N ILE E 250 -8.72 16.09 17.85
CA ILE E 250 -9.91 16.90 18.15
C ILE E 250 -10.73 16.15 19.18
N PHE E 251 -10.74 16.65 20.41
CA PHE E 251 -11.44 16.00 21.51
C PHE E 251 -12.80 16.68 21.71
N CYS E 252 -13.85 16.00 21.28
CA CYS E 252 -15.22 16.54 21.34
C CYS E 252 -16.26 15.56 21.88
N GLY E 253 -17.54 15.95 21.83
CA GLY E 253 -18.63 15.11 22.34
C GLY E 253 -19.24 14.14 21.33
N VAL E 254 -20.14 13.29 21.81
CA VAL E 254 -20.81 12.30 20.93
C VAL E 254 -21.53 12.92 19.73
N SER E 255 -22.28 13.99 19.95
CA SER E 255 -23.01 14.61 18.84
C SER E 255 -22.05 15.20 17.83
N SER E 256 -20.85 15.54 18.29
CA SER E 256 -19.85 16.09 17.36
C SER E 256 -19.32 14.92 16.53
N GLY E 257 -19.18 13.77 17.15
CA GLY E 257 -18.78 12.61 16.37
C GLY E 257 -19.88 12.28 15.35
N GLY E 258 -21.13 12.38 15.81
CA GLY E 258 -22.24 12.13 14.88
C GLY E 258 -22.18 13.10 13.72
N ALA E 259 -21.87 14.37 14.02
CA ALA E 259 -21.78 15.39 13.00
C ALA E 259 -20.73 15.04 11.98
N VAL E 260 -19.56 14.62 12.46
CA VAL E 260 -18.49 14.30 11.51
C VAL E 260 -18.86 12.98 10.77
N ALA E 261 -19.49 12.04 11.47
CA ALA E 261 -19.94 10.82 10.76
C ALA E 261 -20.84 11.25 9.60
N GLY E 262 -21.79 12.16 9.87
CA GLY E 262 -22.64 12.64 8.80
C GLY E 262 -21.89 13.35 7.69
N ALA E 263 -20.91 14.17 8.08
CA ALA E 263 -20.12 14.89 7.08
C ALA E 263 -19.33 13.90 6.22
N LEU E 264 -18.90 12.78 6.81
CA LEU E 264 -18.16 11.76 6.05
C LEU E 264 -19.07 11.16 4.95
N ARG E 265 -20.32 10.82 5.31
CA ARG E 265 -21.27 10.29 4.33
C ARG E 265 -21.39 11.31 3.20
N VAL E 266 -21.61 12.56 3.55
CA VAL E 266 -21.73 13.57 2.53
C VAL E 266 -20.48 13.63 1.67
N ALA E 267 -19.32 13.72 2.29
CA ALA E 267 -18.06 13.83 1.53
C ALA E 267 -17.83 12.64 0.60
N ARG E 268 -18.11 11.45 1.10
CA ARG E 268 -17.92 10.25 0.30
C ARG E 268 -18.86 10.21 -0.90
N ALA E 269 -20.12 10.60 -0.69
CA ALA E 269 -21.10 10.59 -1.78
C ALA E 269 -20.97 11.77 -2.74
N THR E 270 -20.13 12.76 -2.44
CA THR E 270 -20.02 13.91 -3.33
C THR E 270 -18.60 14.39 -3.50
N PRO E 271 -17.89 13.85 -4.50
CA PRO E 271 -16.51 14.26 -4.73
C PRO E 271 -16.45 15.76 -4.85
N GLY E 272 -15.42 16.37 -4.27
CA GLY E 272 -15.26 17.81 -4.36
C GLY E 272 -16.11 18.68 -3.43
N ALA E 273 -16.97 18.07 -2.64
CA ALA E 273 -17.81 18.82 -1.73
C ALA E 273 -16.93 19.52 -0.71
N ILE E 274 -17.34 20.72 -0.28
CA ILE E 274 -16.63 21.47 0.75
C ILE E 274 -17.63 21.46 1.90
N VAL E 275 -17.58 20.44 2.73
CA VAL E 275 -18.50 20.25 3.84
C VAL E 275 -18.03 20.91 5.13
N VAL E 276 -18.97 21.51 5.86
CA VAL E 276 -18.68 22.14 7.15
C VAL E 276 -19.61 21.50 8.15
N ALA E 277 -19.08 21.01 9.26
CA ALA E 277 -19.86 20.37 10.29
C ALA E 277 -19.59 21.10 11.61
N ILE E 278 -20.60 21.14 12.47
CA ILE E 278 -20.52 21.81 13.76
C ILE E 278 -20.01 20.81 14.79
N ILE E 279 -19.00 21.22 15.56
CA ILE E 279 -18.50 20.39 16.67
C ILE E 279 -19.08 21.19 17.82
N CYS E 280 -20.08 20.62 18.48
CA CYS E 280 -20.83 21.27 19.54
C CYS E 280 -20.14 21.55 20.85
N ASP E 281 -19.27 20.66 21.29
CA ASP E 281 -18.60 20.90 22.53
C ASP E 281 -17.30 20.09 22.64
N ARG E 282 -16.61 20.23 23.75
CA ARG E 282 -15.36 19.53 23.99
C ARG E 282 -15.69 18.22 24.68
N GLY E 283 -14.77 17.27 24.63
CA GLY E 283 -15.03 15.99 25.27
C GLY E 283 -14.89 15.91 26.77
N ASP E 284 -14.39 16.95 27.40
CA ASP E 284 -14.19 16.90 28.84
C ASP E 284 -15.34 16.41 29.68
N ARG E 285 -16.52 16.97 29.44
CA ARG E 285 -17.65 16.60 30.27
C ARG E 285 -18.21 15.22 29.97
N TYR E 286 -17.66 14.56 28.98
CA TYR E 286 -18.08 13.22 28.66
C TYR E 286 -17.19 12.14 29.30
N LEU E 287 -15.99 12.51 29.76
CA LEU E 287 -15.09 11.51 30.32
C LEU E 287 -15.68 10.62 31.40
N SER E 288 -16.39 11.21 32.35
CA SER E 288 -16.96 10.42 33.43
C SER E 288 -18.07 9.46 33.01
N THR E 289 -18.59 9.61 31.79
CA THR E 289 -19.65 8.72 31.31
C THR E 289 -19.12 7.46 30.63
N GLY E 290 -17.82 7.37 30.37
CA GLY E 290 -17.28 6.15 29.77
C GLY E 290 -17.15 6.08 28.27
N VAL E 291 -17.89 6.91 27.53
CA VAL E 291 -17.81 6.86 26.07
C VAL E 291 -16.40 6.93 25.48
N PHE E 292 -15.41 7.34 26.25
CA PHE E 292 -14.05 7.36 25.74
C PHE E 292 -13.39 6.18 26.45
N GLY E 293 -12.85 6.45 27.63
CA GLY E 293 -12.20 5.42 28.43
C GLY E 293 -12.84 5.20 29.80
N GLU E 294 -13.03 6.20 30.56
N MET F 1 -2.14 27.51 9.08
CA MET F 1 -2.51 26.62 7.96
C MET F 1 -3.65 25.65 8.33
N ASN F 2 -4.88 26.17 8.29
CA ASN F 2 -6.10 25.39 8.55
C ASN F 2 -6.22 24.20 9.52
N THR F 3 -5.21 23.84 10.33
CA THR F 3 -5.43 22.71 11.23
C THR F 3 -5.64 23.15 12.66
N LEU F 4 -5.94 22.18 13.52
CA LEU F 4 -6.14 22.44 14.93
C LEU F 4 -4.90 23.15 15.54
N GLU F 5 -3.73 22.83 14.97
CA GLU F 5 -2.49 23.40 15.46
C GLU F 5 -2.54 24.92 15.50
N GLN F 6 -3.18 25.54 14.51
CA GLN F 6 -3.27 26.99 14.48
C GLN F 6 -4.22 27.56 15.52
N THR F 7 -4.86 26.73 16.32
CA THR F 7 -5.76 27.27 17.33
C THR F 7 -5.03 27.32 18.66
N ILE F 8 -3.75 26.98 18.64
CA ILE F 8 -2.97 27.02 19.87
C ILE F 8 -2.48 28.46 20.03
N GLY F 9 -2.53 28.98 21.25
CA GLY F 9 -2.11 30.36 21.46
C GLY F 9 -3.14 31.39 21.01
N ASN F 10 -2.78 32.67 21.10
CA ASN F 10 -3.66 33.80 20.77
C ASN F 10 -4.93 33.71 21.59
N THR F 11 -4.76 33.38 22.85
CA THR F 11 -5.87 33.26 23.76
C THR F 11 -6.37 34.64 24.16
N PRO F 12 -7.65 34.73 24.52
CA PRO F 12 -8.18 36.02 24.91
C PRO F 12 -7.67 36.55 26.23
N LEU F 13 -7.64 37.88 26.33
CA LEU F 13 -7.24 38.58 27.55
C LEU F 13 -8.47 39.42 27.90
N VAL F 14 -9.11 39.15 29.02
CA VAL F 14 -10.30 39.89 29.41
C VAL F 14 -10.18 40.49 30.80
N LYS F 15 -10.89 41.59 31.01
CA LYS F 15 -10.86 42.33 32.26
C LYS F 15 -11.92 41.86 33.24
N LEU F 16 -11.56 41.70 34.50
CA LEU F 16 -12.50 41.29 35.51
C LEU F 16 -13.41 42.48 35.75
N GLN F 17 -14.72 42.23 35.87
CA GLN F 17 -15.70 43.30 36.02
C GLN F 17 -16.15 43.57 37.45
N ARG F 18 -16.01 42.58 38.33
CA ARG F 18 -16.51 42.77 39.68
C ARG F 18 -15.54 42.51 40.85
N ILE F 19 -14.66 41.52 40.76
CA ILE F 19 -13.80 41.34 41.91
C ILE F 19 -12.64 42.33 41.84
N GLY F 20 -11.98 42.58 42.97
CA GLY F 20 -10.86 43.51 42.96
C GLY F 20 -11.18 44.88 43.55
N PRO F 21 -10.16 45.60 44.05
CA PRO F 21 -10.34 46.92 44.65
C PRO F 21 -10.72 48.03 43.67
N ASP F 22 -11.42 49.03 44.17
CA ASP F 22 -11.79 50.16 43.32
C ASP F 22 -10.80 51.32 43.51
N ASN F 23 -9.55 51.08 43.15
CA ASN F 23 -8.49 52.05 43.30
C ASN F 23 -7.80 52.41 41.99
N GLY F 24 -8.51 52.22 40.88
CA GLY F 24 -7.94 52.56 39.58
C GLY F 24 -7.10 51.46 38.94
N SER F 25 -6.80 50.41 39.69
CA SER F 25 -6.03 49.32 39.15
C SER F 25 -6.96 48.39 38.34
N GLU F 26 -6.40 47.68 37.38
CA GLU F 26 -7.18 46.76 36.55
C GLU F 26 -6.58 45.35 36.60
N ILE F 27 -7.43 44.33 36.63
CA ILE F 27 -6.95 42.94 36.62
C ILE F 27 -7.42 42.23 35.36
N TRP F 28 -6.48 41.87 34.49
CA TRP F 28 -6.83 41.19 33.26
C TRP F 28 -6.39 39.74 33.36
N VAL F 29 -7.19 38.83 32.82
CA VAL F 29 -6.84 37.42 32.85
C VAL F 29 -6.63 36.87 31.44
N LYS F 30 -5.54 36.12 31.26
CA LYS F 30 -5.17 35.49 29.99
C LYS F 30 -5.80 34.08 30.07
N LEU F 31 -6.76 33.81 29.17
CA LEU F 31 -7.51 32.55 29.18
C LEU F 31 -6.88 31.38 28.44
N GLU F 32 -5.91 30.74 29.10
CA GLU F 32 -5.19 29.64 28.48
C GLU F 32 -6.03 28.38 28.33
N GLY F 33 -7.20 28.40 28.98
CA GLY F 33 -8.14 27.29 28.88
C GLY F 33 -8.70 27.23 27.45
N ASN F 34 -8.49 28.29 26.68
CA ASN F 34 -8.95 28.35 25.31
C ASN F 34 -8.13 27.54 24.31
N ASN F 35 -6.93 27.11 24.73
CA ASN F 35 -6.10 26.28 23.86
C ASN F 35 -6.91 25.02 23.58
N PRO F 36 -6.67 24.36 22.44
CA PRO F 36 -7.43 23.15 22.09
C PRO F 36 -7.61 22.06 23.14
N ALA F 37 -6.59 21.72 23.93
CA ALA F 37 -6.76 20.68 24.93
C ALA F 37 -7.06 21.24 26.32
N GLY F 38 -7.45 22.51 26.33
CA GLY F 38 -7.86 23.18 27.55
C GLY F 38 -6.88 23.70 28.57
N SER F 39 -5.61 23.82 28.22
CA SER F 39 -4.66 24.35 29.19
C SER F 39 -3.50 25.00 28.52
N VAL F 40 -2.79 25.78 29.33
CA VAL F 40 -1.60 26.51 28.93
C VAL F 40 -0.54 25.55 28.40
N LYS F 41 -0.56 24.31 28.88
CA LYS F 41 0.45 23.36 28.44
C LYS F 41 0.47 23.11 26.95
N ASP F 42 -0.61 23.39 26.22
CA ASP F 42 -0.55 23.09 24.79
C ASP F 42 0.59 23.88 24.14
N ARG F 43 0.91 25.02 24.72
CA ARG F 43 1.92 25.88 24.14
C ARG F 43 3.31 25.25 24.20
N ALA F 44 3.68 24.76 25.38
CA ALA F 44 4.97 24.12 25.57
C ALA F 44 5.00 22.78 24.86
N ALA F 45 3.89 22.04 24.93
CA ALA F 45 3.84 20.75 24.24
C ALA F 45 4.11 20.97 22.76
N LEU F 46 3.45 21.94 22.16
CA LEU F 46 3.67 22.17 20.73
C LEU F 46 5.12 22.59 20.44
N SER F 47 5.66 23.50 21.26
CA SER F 47 7.02 24.01 21.07
C SER F 47 8.09 22.90 21.23
N MET F 48 8.05 22.16 22.34
CA MET F 48 9.01 21.10 22.56
C MET F 48 9.04 20.10 21.40
N ILE F 49 7.87 19.76 20.86
CA ILE F 49 7.86 18.82 19.75
C ILE F 49 8.31 19.46 18.43
N VAL F 50 7.78 20.64 18.10
CA VAL F 50 8.16 21.31 16.85
C VAL F 50 9.69 21.60 16.82
N GLU F 51 10.26 22.06 17.93
CA GLU F 51 11.68 22.37 17.94
C GLU F 51 12.50 21.08 17.78
N ALA F 52 12.10 20.02 18.48
CA ALA F 52 12.78 18.74 18.35
C ALA F 52 12.72 18.27 16.89
N GLU F 53 11.62 18.56 16.18
CA GLU F 53 11.55 18.18 14.78
C GLU F 53 12.57 19.03 14.00
N LYS F 54 12.63 20.34 14.28
CA LYS F 54 13.56 21.21 13.54
C LYS F 54 14.96 20.66 13.69
N ARG F 55 15.27 20.12 14.87
CA ARG F 55 16.60 19.59 15.13
C ARG F 55 16.85 18.15 14.65
N GLY F 56 15.88 17.61 13.91
CA GLY F 56 16.03 16.26 13.41
C GLY F 56 16.04 15.20 14.50
N GLU F 57 15.67 15.53 15.71
CA GLU F 57 15.68 14.51 16.76
C GLU F 57 14.45 13.58 16.65
N ILE F 58 13.40 14.03 15.98
CA ILE F 58 12.23 13.20 15.86
C ILE F 58 11.57 13.44 14.53
N LYS F 59 10.88 12.39 14.05
CA LYS F 59 10.11 12.47 12.82
C LYS F 59 8.76 11.77 13.10
N PRO F 60 7.69 12.21 12.42
CA PRO F 60 6.38 11.59 12.66
C PRO F 60 6.46 10.06 12.65
N GLY F 61 5.87 9.43 13.65
CA GLY F 61 5.93 7.99 13.73
C GLY F 61 6.75 7.59 14.94
N ASP F 62 7.68 8.46 15.35
CA ASP F 62 8.54 8.17 16.49
C ASP F 62 7.79 8.15 17.81
N VAL F 63 8.42 7.58 18.83
CA VAL F 63 7.87 7.47 20.15
C VAL F 63 8.34 8.62 21.01
N LEU F 64 7.40 9.31 21.67
CA LEU F 64 7.71 10.42 22.57
C LEU F 64 7.46 9.90 23.97
N ILE F 65 8.31 10.29 24.92
CA ILE F 65 8.20 9.84 26.30
C ILE F 65 8.17 11.01 27.25
N GLU F 66 7.45 10.85 28.37
CA GLU F 66 7.39 11.88 29.39
C GLU F 66 6.67 11.32 30.59
N ALA F 67 7.20 11.60 31.77
CA ALA F 67 6.59 11.13 33.00
C ALA F 67 5.72 12.30 33.46
N THR F 68 4.41 12.08 33.54
CA THR F 68 3.47 13.13 33.93
C THR F 68 2.07 12.59 33.80
N SER F 69 1.11 13.27 34.40
CA SER F 69 -0.26 12.81 34.24
C SER F 69 -1.30 13.89 34.39
N GLY F 70 -0.92 15.13 34.15
CA GLY F 70 -1.89 16.20 34.29
C GLY F 70 -1.98 16.91 32.95
N ASN F 71 -2.08 18.23 32.99
CA ASN F 71 -2.18 18.98 31.75
C ASN F 71 -1.04 18.74 30.77
N THR F 72 0.16 18.47 31.26
CA THR F 72 1.26 18.23 30.35
C THR F 72 0.99 16.94 29.58
N GLY F 73 0.54 15.92 30.29
CA GLY F 73 0.25 14.66 29.63
C GLY F 73 -0.88 14.81 28.59
N ILE F 74 -1.94 15.53 28.97
CA ILE F 74 -3.06 15.76 28.05
C ILE F 74 -2.56 16.49 26.82
N ALA F 75 -1.84 17.59 27.05
CA ALA F 75 -1.31 18.39 25.94
C ALA F 75 -0.39 17.62 25.00
N LEU F 76 0.50 16.83 25.58
CA LEU F 76 1.44 16.03 24.77
C LEU F 76 0.68 14.95 23.99
N ALA F 77 -0.28 14.30 24.66
CA ALA F 77 -1.10 13.27 24.00
C ALA F 77 -1.80 13.90 22.80
N MET F 78 -2.32 15.11 23.00
CA MET F 78 -2.99 15.85 21.93
C MET F 78 -2.06 16.21 20.78
N ILE F 79 -0.92 16.81 21.08
CA ILE F 79 0.01 17.17 20.00
C ILE F 79 0.47 15.89 19.26
N ALA F 80 0.71 14.82 20.00
CA ALA F 80 1.12 13.57 19.37
C ALA F 80 0.06 13.08 18.37
N ALA F 81 -1.21 13.10 18.79
CA ALA F 81 -2.33 12.67 17.95
C ALA F 81 -2.43 13.62 16.77
N LEU F 82 -2.33 14.90 17.06
CA LEU F 82 -2.41 15.90 16.02
C LEU F 82 -1.31 15.78 14.97
N LYS F 83 -0.07 15.57 15.40
CA LYS F 83 1.06 15.50 14.44
C LYS F 83 1.54 14.13 14.00
N GLY F 84 1.02 13.06 14.61
CA GLY F 84 1.40 11.74 14.18
C GLY F 84 2.52 11.04 14.92
N TYR F 85 2.57 11.17 16.25
CA TYR F 85 3.61 10.54 17.05
C TYR F 85 2.98 9.56 18.03
N ARG F 86 3.74 8.60 18.52
CA ARG F 86 3.21 7.67 19.52
C ARG F 86 3.64 8.26 20.84
N MET F 87 2.70 8.52 21.72
CA MET F 87 3.03 9.12 23.00
C MET F 87 2.99 8.13 24.13
N LYS F 88 4.06 8.04 24.92
CA LYS F 88 4.05 7.14 26.07
C LYS F 88 4.17 8.03 27.31
N LEU F 89 3.24 7.87 28.24
CA LEU F 89 3.22 8.67 29.45
C LEU F 89 3.35 7.78 30.65
N LEU F 90 4.28 8.11 31.56
CA LEU F 90 4.52 7.32 32.76
C LEU F 90 3.97 8.00 34.00
N MET F 91 3.38 7.22 34.89
CA MET F 91 2.80 7.75 36.11
C MET F 91 2.51 6.62 37.08
N PRO F 92 2.35 6.94 38.36
CA PRO F 92 2.05 5.88 39.33
C PRO F 92 0.65 5.29 39.14
N ASP F 93 0.48 4.02 39.47
CA ASP F 93 -0.77 3.33 39.27
C ASP F 93 -2.00 3.82 40.03
N ASN F 94 -1.84 4.82 40.89
CA ASN F 94 -2.95 5.34 41.69
C ASN F 94 -3.66 6.57 41.10
N MET F 95 -3.45 6.86 39.83
CA MET F 95 -4.12 7.98 39.22
C MET F 95 -5.59 7.57 39.04
N SER F 96 -6.52 8.53 39.08
CA SER F 96 -7.95 8.22 38.91
C SER F 96 -8.28 7.73 37.52
N GLN F 97 -9.47 7.16 37.41
CA GLN F 97 -9.96 6.65 36.16
C GLN F 97 -10.06 7.80 35.15
N GLU F 98 -10.73 8.88 35.55
CA GLU F 98 -10.94 10.04 34.68
C GLU F 98 -9.66 10.73 34.30
N ARG F 99 -8.75 10.80 35.26
CA ARG F 99 -7.46 11.41 35.02
C ARG F 99 -6.70 10.74 33.89
N ARG F 100 -6.74 9.42 33.86
CA ARG F 100 -6.08 8.68 32.82
C ARG F 100 -6.82 8.78 31.51
N ALA F 101 -8.15 8.83 31.61
CA ALA F 101 -9.03 8.85 30.45
C ALA F 101 -8.75 10.06 29.60
N ALA F 102 -8.43 11.15 30.28
CA ALA F 102 -8.14 12.38 29.57
C ALA F 102 -6.96 12.22 28.60
N MET F 103 -5.97 11.41 28.97
CA MET F 103 -4.80 11.20 28.11
C MET F 103 -5.06 10.03 27.18
N ARG F 104 -5.68 8.99 27.72
CA ARG F 104 -5.97 7.85 26.88
C ARG F 104 -6.85 8.25 25.67
N ALA F 105 -7.80 9.16 25.88
CA ALA F 105 -8.65 9.61 24.77
C ALA F 105 -7.92 9.98 23.50
N TYR F 106 -6.73 10.56 23.61
CA TYR F 106 -5.98 10.93 22.41
C TYR F 106 -5.17 9.79 21.83
N GLY F 107 -5.25 8.64 22.49
CA GLY F 107 -4.52 7.50 21.98
C GLY F 107 -3.12 7.33 22.55
N ALA F 108 -2.87 7.96 23.68
CA ALA F 108 -1.58 7.87 24.31
C ALA F 108 -1.47 6.55 25.06
N GLU F 109 -0.30 5.94 25.04
CA GLU F 109 -0.09 4.71 25.81
C GLU F 109 0.36 5.09 27.20
N LEU F 110 -0.33 4.59 28.22
CA LEU F 110 0.03 4.89 29.60
C LEU F 110 0.79 3.72 30.21
N ILE F 111 1.91 4.04 30.84
CA ILE F 111 2.76 3.06 31.47
C ILE F 111 2.68 3.37 32.95
N LEU F 112 2.26 2.41 33.75
CA LEU F 112 2.12 2.64 35.18
C LEU F 112 3.21 2.06 36.06
N VAL F 113 3.77 2.87 36.94
CA VAL F 113 4.82 2.42 37.84
C VAL F 113 4.07 2.25 39.15
N THR F 114 4.70 1.65 40.15
CA THR F 114 4.01 1.44 41.41
C THR F 114 3.75 2.73 42.17
N LYS F 115 2.80 2.67 43.07
CA LYS F 115 2.48 3.80 43.90
C LYS F 115 3.74 4.15 44.69
N GLU F 116 4.47 3.13 45.10
CA GLU F 116 5.70 3.30 45.86
C GLU F 116 6.72 4.06 45.05
N GLN F 117 6.94 3.62 43.81
CA GLN F 117 7.90 4.31 42.96
C GLN F 117 7.49 5.76 42.75
N GLY F 118 6.19 6.03 42.84
CA GLY F 118 5.67 7.39 42.70
C GLY F 118 6.11 8.20 41.49
N MET F 119 5.83 9.48 41.52
CA MET F 119 6.18 10.38 40.42
C MET F 119 7.69 10.42 40.12
N GLU F 120 8.49 10.30 41.16
CA GLU F 120 9.93 10.33 40.97
C GLU F 120 10.38 9.04 40.27
N GLY F 121 9.82 7.92 40.67
CA GLY F 121 10.17 6.67 40.03
C GLY F 121 9.83 6.77 38.55
N ALA F 122 8.67 7.35 38.23
CA ALA F 122 8.27 7.51 36.85
C ALA F 122 9.30 8.33 36.09
N ARG F 123 9.72 9.44 36.68
CA ARG F 123 10.72 10.30 36.02
C ARG F 123 11.95 9.48 35.68
N ASP F 124 12.41 8.69 36.64
CA ASP F 124 13.58 7.85 36.47
C ASP F 124 13.42 6.83 35.37
N LEU F 125 12.34 6.05 35.48
CA LEU F 125 12.05 5.01 34.51
C LEU F 125 11.86 5.57 33.10
N ALA F 126 11.38 6.80 33.01
CA ALA F 126 11.21 7.41 31.70
C ALA F 126 12.60 7.72 31.15
N LEU F 127 13.47 8.23 32.02
CA LEU F 127 14.83 8.56 31.61
C LEU F 127 15.53 7.30 31.14
N ALA F 128 15.31 6.22 31.89
CA ALA F 128 15.90 4.91 31.56
C ALA F 128 15.52 4.53 30.13
N MET F 129 14.22 4.65 29.80
CA MET F 129 13.70 4.31 28.48
C MET F 129 14.39 5.09 27.38
N SER F 130 14.58 6.39 27.57
CA SER F 130 15.21 7.19 26.53
C SER F 130 16.67 6.78 26.34
N GLU F 131 17.33 6.40 27.43
CA GLU F 131 18.73 5.99 27.32
C GLU F 131 18.86 4.67 26.58
N ARG F 132 17.88 3.80 26.79
CA ARG F 132 17.82 2.52 26.12
C ARG F 132 17.45 2.79 24.65
N GLY F 133 17.32 4.06 24.30
CA GLY F 133 16.96 4.43 22.94
C GLY F 133 15.50 4.17 22.55
N GLU F 134 14.60 3.99 23.53
CA GLU F 134 13.18 3.69 23.28
C GLU F 134 12.30 4.85 22.78
N GLY F 135 12.80 6.08 22.88
CA GLY F 135 12.05 7.25 22.43
C GLY F 135 12.55 8.55 23.05
N LYS F 136 12.16 9.67 22.47
CA LYS F 136 12.54 10.99 22.91
C LYS F 136 11.88 11.50 24.18
N LEU F 137 12.67 11.73 25.22
CA LEU F 137 12.14 12.24 26.47
C LEU F 137 12.00 13.75 26.27
N LEU F 138 10.90 14.34 26.71
CA LEU F 138 10.70 15.76 26.50
C LEU F 138 11.22 16.59 27.66
N ASP F 139 11.10 16.03 28.86
CA ASP F 139 11.56 16.67 30.07
C ASP F 139 11.10 18.13 30.16
N GLN F 140 9.83 18.33 30.51
CA GLN F 140 9.22 19.65 30.61
C GLN F 140 9.93 20.60 31.59
N PHE F 141 10.57 20.03 32.62
CA PHE F 141 11.24 20.84 33.63
C PHE F 141 12.61 21.40 33.25
N ASN F 142 13.23 20.83 32.22
CA ASN F 142 14.55 21.29 31.81
C ASN F 142 14.64 21.62 30.36
N ASN F 143 13.56 21.40 29.60
CA ASN F 143 13.61 21.67 28.16
C ASN F 143 13.44 23.15 27.91
N PRO F 144 14.45 23.79 27.31
CA PRO F 144 14.41 25.23 27.04
C PRO F 144 13.29 25.63 26.10
N ASP F 145 12.78 24.67 25.34
CA ASP F 145 11.72 24.94 24.39
C ASP F 145 10.37 25.21 25.10
N ASN F 146 10.26 24.82 26.36
CA ASN F 146 9.05 25.06 27.12
C ASN F 146 8.94 26.59 27.27
N PRO F 147 9.89 27.25 27.99
CA PRO F 147 9.78 28.73 28.11
C PRO F 147 9.85 29.46 26.78
N TYR F 148 10.56 28.87 25.83
CA TYR F 148 10.67 29.47 24.52
C TYR F 148 9.31 29.74 23.87
N ALA F 149 8.36 28.86 24.12
CA ALA F 149 7.02 29.02 23.56
C ALA F 149 6.40 30.34 24.09
N HIS F 150 6.51 30.56 25.38
CA HIS F 150 5.98 31.75 25.99
C HIS F 150 6.73 33.03 25.65
N TYR F 151 8.02 32.89 25.32
CA TYR F 151 8.86 34.01 24.94
C TYR F 151 8.42 34.49 23.56
N THR F 152 7.99 33.57 22.72
CA THR F 152 7.58 33.93 21.36
C THR F 152 6.08 34.12 21.13
N THR F 153 5.23 33.65 22.04
CA THR F 153 3.80 33.83 21.80
C THR F 153 3.07 34.46 22.99
N THR F 154 3.04 33.78 24.13
CA THR F 154 2.34 34.32 25.29
C THR F 154 2.79 35.74 25.67
N GLY F 155 4.11 35.95 25.79
CA GLY F 155 4.62 37.26 26.16
C GLY F 155 4.23 38.31 25.13
N PRO F 156 4.61 38.10 23.86
CA PRO F 156 4.25 39.06 22.83
C PRO F 156 2.75 39.34 22.79
N GLU F 157 1.92 38.31 22.95
CA GLU F 157 0.47 38.52 22.92
C GLU F 157 0.03 39.46 24.05
N ILE F 158 0.42 39.15 25.27
CA ILE F 158 0.05 39.97 26.41
C ILE F 158 0.48 41.42 26.20
N TRP F 159 1.71 41.62 25.73
CA TRP F 159 2.22 42.96 25.49
C TRP F 159 1.34 43.73 24.49
N ARG F 160 1.02 43.09 23.38
CA ARG F 160 0.18 43.68 22.36
C ARG F 160 -1.27 43.89 22.84
N GLN F 161 -1.79 42.90 23.58
CA GLN F 161 -3.16 42.99 24.04
C GLN F 161 -3.35 44.10 25.06
N THR F 162 -2.36 44.35 25.90
CA THR F 162 -2.51 45.44 26.87
C THR F 162 -1.94 46.74 26.28
N SER F 163 -1.69 46.75 24.98
CA SER F 163 -1.10 47.92 24.33
C SER F 163 0.06 48.49 25.17
N GLY F 164 0.84 47.62 25.80
CA GLY F 164 1.97 48.09 26.59
C GLY F 164 1.61 48.68 27.94
N ARG F 165 0.36 48.61 28.35
CA ARG F 165 0.00 49.19 29.64
C ARG F 165 0.30 48.31 30.83
N ILE F 166 0.54 47.02 30.61
CA ILE F 166 0.80 46.13 31.74
C ILE F 166 1.93 46.64 32.66
N THR F 167 1.71 46.54 33.97
CA THR F 167 2.70 46.98 34.95
C THR F 167 3.11 45.81 35.82
N HIS F 168 2.23 44.82 35.94
CA HIS F 168 2.55 43.63 36.73
C HIS F 168 2.09 42.36 36.02
N PHE F 169 2.88 41.30 36.15
CA PHE F 169 2.56 40.02 35.56
C PHE F 169 2.53 38.98 36.68
N VAL F 170 1.40 38.27 36.84
CA VAL F 170 1.30 37.27 37.89
C VAL F 170 1.14 35.87 37.28
N SER F 171 1.86 34.89 37.83
CA SER F 171 1.81 33.52 37.30
C SER F 171 2.08 32.45 38.33
N SER F 172 1.19 31.46 38.42
CA SER F 172 1.39 30.35 39.33
C SER F 172 2.50 29.54 38.71
N MET F 173 3.49 29.15 39.51
CA MET F 173 4.63 28.42 38.98
C MET F 173 4.62 26.90 39.12
N GLY F 174 4.68 26.20 37.98
CA GLY F 174 4.75 24.76 37.97
C GLY F 174 6.12 24.41 37.41
N THR F 175 6.26 24.36 36.09
CA THR F 175 7.55 24.10 35.50
C THR F 175 8.30 25.44 35.44
N THR F 176 7.55 26.54 35.58
CA THR F 176 8.03 27.94 35.54
C THR F 176 8.24 28.36 34.10
N GLY F 177 7.88 27.46 33.19
CA GLY F 177 8.03 27.80 31.78
C GLY F 177 7.32 29.06 31.34
N THR F 178 6.11 29.27 31.87
CA THR F 178 5.31 30.44 31.52
C THR F 178 5.90 31.75 32.08
N ILE F 179 6.12 31.82 33.40
CA ILE F 179 6.69 33.02 33.99
C ILE F 179 8.08 33.31 33.39
N THR F 180 8.90 32.28 33.24
CA THR F 180 10.21 32.48 32.68
C THR F 180 10.18 33.09 31.27
N GLY F 181 9.38 32.49 30.39
CA GLY F 181 9.31 32.97 29.00
C GLY F 181 8.61 34.29 28.84
N VAL F 182 7.60 34.54 29.66
CA VAL F 182 6.91 35.81 29.54
C VAL F 182 7.83 36.88 30.11
N SER F 183 8.38 36.66 31.30
CA SER F 183 9.31 37.65 31.88
C SER F 183 10.39 38.04 30.87
N ARG F 184 11.06 37.03 30.33
CA ARG F 184 12.11 37.26 29.36
C ARG F 184 11.65 38.19 28.26
N PHE F 185 10.42 38.02 27.78
CA PHE F 185 10.00 38.93 26.73
C PHE F 185 9.69 40.34 27.24
N LEU F 186 9.11 40.41 28.43
CA LEU F 186 8.78 41.72 28.96
C LEU F 186 10.05 42.52 29.33
N ARG F 187 11.09 41.86 29.85
CA ARG F 187 12.32 42.59 30.20
C ARG F 187 12.89 43.32 29.00
N GLU F 188 12.70 42.77 27.80
CA GLU F 188 13.22 43.43 26.60
C GLU F 188 12.48 44.72 26.28
N GLN F 189 11.50 45.10 27.08
CA GLN F 189 10.77 46.32 26.78
C GLN F 189 11.36 47.46 27.59
N GLU F 190 11.19 48.68 27.08
CA GLU F 190 11.69 49.85 27.79
C GLU F 190 11.01 49.97 29.15
N LYS F 191 9.68 50.06 29.13
CA LYS F 191 8.89 50.17 30.34
C LYS F 191 9.17 49.00 31.29
N PRO F 192 9.34 49.28 32.57
CA PRO F 192 9.60 48.21 33.55
C PRO F 192 8.30 47.50 33.86
N VAL F 193 8.38 46.21 34.20
CA VAL F 193 7.18 45.45 34.53
C VAL F 193 7.56 44.55 35.69
N THR F 194 6.76 44.53 36.75
CA THR F 194 7.06 43.67 37.89
C THR F 194 6.54 42.26 37.61
N ILE F 195 7.41 41.26 37.77
CA ILE F 195 7.07 39.87 37.55
C ILE F 195 6.85 39.22 38.89
N VAL F 196 5.63 38.74 39.14
CA VAL F 196 5.27 38.09 40.38
C VAL F 196 4.95 36.63 40.14
N GLY F 197 5.68 35.75 40.81
CA GLY F 197 5.43 34.34 40.66
C GLY F 197 4.72 33.90 41.91
N LEU F 198 3.97 32.80 41.82
CA LEU F 198 3.22 32.29 42.97
C LEU F 198 3.52 30.83 43.20
N GLN F 199 3.53 30.42 44.47
CA GLN F 199 3.77 29.03 44.82
C GLN F 199 2.87 28.69 45.98
N PRO F 200 2.57 27.42 46.16
CA PRO F 200 1.69 27.12 47.29
C PRO F 200 2.39 27.27 48.63
N GLU F 201 1.61 27.63 49.65
CA GLU F 201 2.12 27.74 51.02
C GLU F 201 2.49 26.30 51.39
N GLU F 202 3.39 26.13 52.35
CA GLU F 202 3.76 24.78 52.74
C GLU F 202 2.52 24.09 53.27
N GLY F 203 2.31 22.85 52.82
CA GLY F 203 1.15 22.11 53.27
C GLY F 203 -0.06 22.28 52.35
N SER F 204 -0.08 23.36 51.59
CA SER F 204 -1.17 23.62 50.67
C SER F 204 -1.03 22.78 49.41
N SER F 205 -2.13 22.26 48.92
CA SER F 205 -2.09 21.48 47.70
C SER F 205 -2.86 22.20 46.59
N ILE F 206 -2.17 22.57 45.52
CA ILE F 206 -2.79 23.26 44.42
C ILE F 206 -2.37 22.54 43.15
N PRO F 207 -3.31 21.79 42.54
CA PRO F 207 -3.07 21.03 41.31
C PRO F 207 -2.37 21.85 40.23
N GLY F 208 -1.42 21.24 39.54
CA GLY F 208 -0.70 21.94 38.49
C GLY F 208 0.65 22.55 38.87
N ILE F 209 0.77 22.94 40.13
CA ILE F 209 2.01 23.53 40.63
C ILE F 209 2.42 22.79 41.89
N ARG F 210 3.58 23.17 42.43
CA ARG F 210 4.09 22.55 43.65
C ARG F 210 5.07 23.54 44.26
N ARG F 211 5.30 23.40 45.55
CA ARG F 211 6.24 24.24 46.26
C ARG F 211 7.61 23.57 46.04
N TRP F 212 8.49 24.24 45.30
CA TRP F 212 9.81 23.66 45.02
C TRP F 212 10.77 23.83 46.18
N PRO F 213 11.64 22.82 46.43
CA PRO F 213 12.60 22.97 47.54
C PRO F 213 13.46 24.19 47.19
N ALA F 214 13.69 25.04 48.19
CA ALA F 214 14.46 26.28 47.99
C ALA F 214 15.57 26.25 46.91
N GLU F 215 16.38 25.19 46.93
CA GLU F 215 17.49 25.08 45.98
C GLU F 215 17.34 23.96 44.96
N TYR F 216 16.11 23.67 44.56
CA TYR F 216 15.86 22.61 43.58
C TYR F 216 14.78 23.02 42.58
N MET F 217 14.79 24.30 42.21
CA MET F 217 13.85 24.84 41.24
C MET F 217 14.09 24.15 39.90
N PRO F 218 13.07 24.08 39.05
CA PRO F 218 13.31 23.42 37.77
C PRO F 218 14.47 24.03 36.95
N GLY F 219 15.16 23.20 36.19
CA GLY F 219 16.26 23.65 35.37
C GLY F 219 16.07 24.90 34.52
N ILE F 220 14.91 25.05 33.91
CA ILE F 220 14.67 26.22 33.06
C ILE F 220 14.49 27.52 33.81
N PHE F 221 14.28 27.45 35.12
CA PHE F 221 14.04 28.65 35.94
C PHE F 221 15.26 29.58 36.10
N ASN F 222 14.97 30.88 36.09
CA ASN F 222 16.00 31.89 36.24
C ASN F 222 15.54 32.90 37.29
N ALA F 223 15.97 32.70 38.53
CA ALA F 223 15.57 33.57 39.64
C ALA F 223 15.58 35.08 39.39
N SER F 224 16.50 35.55 38.55
CA SER F 224 16.57 36.97 38.32
C SER F 224 15.42 37.50 37.46
N LEU F 225 14.67 36.59 36.82
CA LEU F 225 13.57 36.99 35.96
C LEU F 225 12.31 37.27 36.78
N VAL F 226 12.30 36.78 38.01
CA VAL F 226 11.15 36.95 38.89
C VAL F 226 11.41 37.95 40.03
N ASP F 227 10.69 39.08 39.99
CA ASP F 227 10.85 40.12 40.99
C ASP F 227 10.33 39.80 42.38
N GLU F 228 9.27 39.01 42.47
CA GLU F 228 8.70 38.69 43.76
C GLU F 228 8.01 37.34 43.71
N VAL F 229 8.03 36.61 44.82
CA VAL F 229 7.38 35.32 44.86
C VAL F 229 6.45 35.30 46.06
N LEU F 230 5.16 35.09 45.82
CA LEU F 230 4.17 35.06 46.88
C LEU F 230 3.67 33.66 47.16
N ASP F 231 3.28 33.42 48.39
CA ASP F 231 2.72 32.12 48.77
C ASP F 231 1.21 32.22 48.65
N ILE F 232 0.58 31.14 48.20
CA ILE F 232 -0.86 31.13 48.09
C ILE F 232 -1.37 29.95 48.87
N HIS F 233 -2.30 30.18 49.78
CA HIS F 233 -2.87 29.08 50.56
C HIS F 233 -3.92 28.38 49.69
N GLN F 234 -3.94 27.06 49.74
CA GLN F 234 -4.88 26.26 48.97
C GLN F 234 -6.36 26.78 49.08
N ASN F 235 -6.80 27.01 50.31
CA ASN F 235 -8.14 27.47 50.58
C ASN F 235 -8.41 28.81 49.92
N ASP F 236 -7.42 29.69 49.90
CA ASP F 236 -7.60 30.99 49.29
C ASP F 236 -7.67 30.84 47.75
N ALA F 237 -6.92 29.90 47.19
CA ALA F 237 -6.93 29.66 45.76
C ALA F 237 -8.28 29.03 45.38
N GLU F 238 -8.74 28.07 46.16
CA GLU F 238 -10.02 27.44 45.86
C GLU F 238 -11.19 28.43 45.96
N ASN F 239 -11.19 29.28 46.98
CA ASN F 239 -12.27 30.26 47.14
C ASN F 239 -12.32 31.24 45.99
N THR F 240 -11.16 31.71 45.55
CA THR F 240 -11.13 32.66 44.46
C THR F 240 -11.57 31.98 43.17
N MET F 241 -11.28 30.69 43.05
CA MET F 241 -11.68 29.94 41.86
C MET F 241 -13.22 29.90 41.78
N ARG F 242 -13.84 29.58 42.92
CA ARG F 242 -15.28 29.50 43.00
C ARG F 242 -15.91 30.85 42.79
N GLU F 243 -15.29 31.88 43.36
CA GLU F 243 -15.79 33.23 43.25
C GLU F 243 -15.68 33.77 41.83
N LEU F 244 -14.69 33.32 41.08
CA LEU F 244 -14.55 33.78 39.70
C LEU F 244 -15.71 33.23 38.85
N ALA F 245 -16.10 31.98 39.11
CA ALA F 245 -17.19 31.40 38.34
C ALA F 245 -18.52 32.12 38.69
N VAL F 246 -18.76 32.35 39.97
CA VAL F 246 -19.95 32.99 40.45
C VAL F 246 -20.08 34.47 40.14
N ARG F 247 -19.00 35.24 40.29
CA ARG F 247 -19.08 36.69 40.07
C ARG F 247 -18.54 37.23 38.77
N GLU F 248 -17.88 36.38 37.99
CA GLU F 248 -17.34 36.86 36.73
C GLU F 248 -17.74 35.97 35.59
N GLY F 249 -18.28 34.79 35.92
CA GLY F 249 -18.64 33.82 34.90
C GLY F 249 -17.40 33.14 34.32
N ILE F 250 -16.28 33.20 35.02
CA ILE F 250 -15.05 32.58 34.53
C ILE F 250 -14.85 31.28 35.28
N PHE F 251 -14.94 30.17 34.55
CA PHE F 251 -14.84 28.83 35.14
C PHE F 251 -13.44 28.29 34.90
N CYS F 252 -12.62 28.24 35.94
CA CYS F 252 -11.23 27.80 35.77
C CYS F 252 -10.76 26.89 36.91
N GLY F 253 -9.53 26.42 36.82
CA GLY F 253 -8.97 25.54 37.84
C GLY F 253 -8.43 26.20 39.10
N VAL F 254 -7.99 25.40 40.06
CA VAL F 254 -7.48 25.91 41.33
C VAL F 254 -6.26 26.84 41.21
N SER F 255 -5.32 26.50 40.35
CA SER F 255 -4.15 27.36 40.21
C SER F 255 -4.54 28.71 39.60
N SER F 256 -5.64 28.71 38.83
CA SER F 256 -6.11 29.95 38.22
C SER F 256 -6.70 30.84 39.31
N GLY F 257 -7.34 30.22 40.28
CA GLY F 257 -7.90 30.98 41.38
C GLY F 257 -6.74 31.54 42.18
N GLY F 258 -5.69 30.75 42.33
CA GLY F 258 -4.50 31.21 43.05
C GLY F 258 -3.92 32.42 42.33
N ALA F 259 -3.78 32.33 41.02
CA ALA F 259 -3.25 33.44 40.27
C ALA F 259 -4.07 34.73 40.47
N VAL F 260 -5.41 34.63 40.42
CA VAL F 260 -6.22 35.82 40.58
C VAL F 260 -6.14 36.30 42.05
N ALA F 261 -6.06 35.36 42.99
CA ALA F 261 -5.92 35.73 44.39
C ALA F 261 -4.63 36.56 44.49
N GLY F 262 -3.60 36.12 43.80
CA GLY F 262 -2.35 36.85 43.82
C GLY F 262 -2.50 38.22 43.19
N ALA F 263 -3.16 38.28 42.03
CA ALA F 263 -3.34 39.54 41.33
C ALA F 263 -4.16 40.51 42.19
N LEU F 264 -5.03 39.97 43.03
CA LEU F 264 -5.84 40.80 43.88
C LEU F 264 -4.96 41.46 44.92
N ARG F 265 -4.01 40.71 45.48
CA ARG F 265 -3.09 41.28 46.47
C ARG F 265 -2.34 42.41 45.79
N VAL F 266 -1.80 42.14 44.61
CA VAL F 266 -1.06 43.16 43.91
C VAL F 266 -1.91 44.40 43.65
N ALA F 267 -3.10 44.18 43.09
CA ALA F 267 -4.00 45.29 42.75
C ALA F 267 -4.34 46.13 43.97
N ARG F 268 -4.57 45.46 45.10
CA ARG F 268 -4.89 46.14 46.33
C ARG F 268 -3.71 46.94 46.88
N ALA F 269 -2.52 46.38 46.82
CA ALA F 269 -1.35 47.08 47.32
C ALA F 269 -0.82 48.12 46.35
N THR F 270 -1.32 48.17 45.13
CA THR F 270 -0.78 49.14 44.17
C THR F 270 -1.82 49.82 43.32
N PRO F 271 -2.42 50.89 43.85
CA PRO F 271 -3.44 51.63 43.09
C PRO F 271 -2.97 51.97 41.67
N GLY F 272 -3.84 51.79 40.69
CA GLY F 272 -3.50 52.10 39.31
C GLY F 272 -2.71 51.05 38.54
N ALA F 273 -2.37 49.97 39.22
CA ALA F 273 -1.62 48.88 38.61
C ALA F 273 -2.45 48.21 37.49
N ILE F 274 -1.80 47.81 36.40
CA ILE F 274 -2.49 47.11 35.33
C ILE F 274 -1.96 45.68 35.39
N VAL F 275 -2.60 44.85 36.20
CA VAL F 275 -2.18 43.47 36.42
C VAL F 275 -2.74 42.45 35.42
N VAL F 276 -1.87 41.56 34.97
CA VAL F 276 -2.26 40.49 34.06
C VAL F 276 -1.93 39.18 34.78
N ALA F 277 -2.90 38.30 34.90
CA ALA F 277 -2.68 37.02 35.53
C ALA F 277 -3.02 35.91 34.53
N ILE F 278 -2.32 34.79 34.62
CA ILE F 278 -2.55 33.66 33.75
C ILE F 278 -3.63 32.75 34.35
N ILE F 279 -4.67 32.47 33.57
CA ILE F 279 -5.71 31.52 33.97
C ILE F 279 -5.22 30.30 33.19
N CYS F 280 -4.78 29.27 33.90
CA CYS F 280 -4.18 28.09 33.25
C CYS F 280 -5.04 27.10 32.52
N ASP F 281 -6.26 26.88 32.98
CA ASP F 281 -7.15 25.94 32.34
C ASP F 281 -8.59 26.21 32.73
N ARG F 282 -9.51 25.44 32.15
CA ARG F 282 -10.94 25.59 32.47
C ARG F 282 -11.21 24.77 33.71
N GLY F 283 -12.37 24.96 34.32
CA GLY F 283 -12.70 24.21 35.53
C GLY F 283 -13.24 22.80 35.31
N ASP F 284 -13.55 22.45 34.08
CA ASP F 284 -14.11 21.15 33.76
C ASP F 284 -13.46 19.94 34.41
N ARG F 285 -12.17 19.77 34.20
CA ARG F 285 -11.50 18.61 34.74
C ARG F 285 -11.39 18.60 36.24
N TYR F 286 -11.89 19.65 36.89
CA TYR F 286 -11.84 19.71 38.35
C TYR F 286 -13.18 19.34 39.00
N LEU F 287 -14.25 19.30 38.20
CA LEU F 287 -15.58 18.99 38.74
C LEU F 287 -15.62 17.70 39.59
N SER F 288 -15.08 16.63 39.05
CA SER F 288 -15.08 15.37 39.77
C SER F 288 -14.26 15.35 41.05
N THR F 289 -13.45 16.38 41.30
CA THR F 289 -12.64 16.40 42.52
C THR F 289 -13.37 17.08 43.66
N GLY F 290 -14.55 17.62 43.38
CA GLY F 290 -15.32 18.24 44.43
C GLY F 290 -15.04 19.67 44.81
N VAL F 291 -13.92 20.25 44.35
CA VAL F 291 -13.57 21.62 44.69
C VAL F 291 -14.66 22.63 44.34
N PHE F 292 -15.53 22.28 43.40
CA PHE F 292 -16.63 23.17 43.06
C PHE F 292 -17.87 22.69 43.78
N GLY F 293 -18.77 22.09 43.01
CA GLY F 293 -19.97 21.55 43.60
C GLY F 293 -19.49 20.39 44.44
N GLU F 294 -19.16 19.33 43.85
N MET G 1 -12.07 -40.27 6.37
CA MET G 1 -10.77 -40.84 6.76
C MET G 1 -10.12 -39.94 7.81
N ASN G 2 -9.14 -40.47 8.50
CA ASN G 2 -8.45 -39.80 9.59
C ASN G 2 -7.50 -38.62 9.33
N THR G 3 -7.53 -37.99 8.16
CA THR G 3 -6.54 -36.94 7.94
C THR G 3 -7.01 -35.49 7.93
N LEU G 4 -6.02 -34.59 7.84
CA LEU G 4 -6.26 -33.16 7.82
C LEU G 4 -7.19 -32.83 6.66
N GLU G 5 -7.13 -33.61 5.59
CA GLU G 5 -7.98 -33.38 4.43
C GLU G 5 -9.47 -33.33 4.79
N GLN G 6 -9.88 -34.06 5.80
CA GLN G 6 -11.30 -34.05 6.14
C GLN G 6 -11.68 -32.80 6.94
N THR G 7 -10.70 -31.96 7.27
CA THR G 7 -11.00 -30.72 7.99
C THR G 7 -11.18 -29.56 7.00
N ILE G 8 -11.23 -29.86 5.71
CA ILE G 8 -11.41 -28.82 4.69
C ILE G 8 -12.90 -28.74 4.42
N GLY G 9 -13.47 -27.54 4.35
CA GLY G 9 -14.90 -27.41 4.10
C GLY G 9 -15.72 -27.58 5.37
N ASN G 10 -17.04 -27.56 5.22
CA ASN G 10 -17.93 -27.63 6.38
C ASN G 10 -17.57 -26.58 7.42
N THR G 11 -17.33 -25.38 6.94
CA THR G 11 -16.96 -24.26 7.77
C THR G 11 -18.22 -23.72 8.43
N PRO G 12 -18.06 -23.07 9.59
CA PRO G 12 -19.27 -22.55 10.22
C PRO G 12 -19.93 -21.34 9.57
N LEU G 13 -21.25 -21.26 9.73
CA LEU G 13 -22.03 -20.12 9.22
C LEU G 13 -22.63 -19.50 10.49
N VAL G 14 -22.21 -18.27 10.82
CA VAL G 14 -22.73 -17.63 12.03
C VAL G 14 -23.39 -16.32 11.72
N LYS G 15 -24.32 -15.93 12.57
CA LYS G 15 -25.07 -14.70 12.38
C LYS G 15 -24.45 -13.49 13.13
N LEU G 16 -24.28 -12.35 12.43
CA LEU G 16 -23.74 -11.14 13.08
C LEU G 16 -24.77 -10.72 14.14
N GLN G 17 -24.29 -10.29 15.31
CA GLN G 17 -25.18 -9.90 16.39
C GLN G 17 -25.39 -8.40 16.52
N ARG G 18 -24.47 -7.61 16.03
CA ARG G 18 -24.60 -6.17 16.26
C ARG G 18 -24.56 -5.27 15.06
N ILE G 19 -23.70 -5.50 14.08
CA ILE G 19 -23.69 -4.58 12.97
C ILE G 19 -24.87 -4.90 12.04
N GLY G 20 -25.26 -3.93 11.20
CA GLY G 20 -26.39 -4.19 10.32
C GLY G 20 -27.72 -3.58 10.77
N PRO G 21 -28.59 -3.18 9.84
CA PRO G 21 -29.88 -2.57 10.13
C PRO G 21 -30.85 -3.44 10.91
N ASP G 22 -31.73 -2.78 11.64
CA ASP G 22 -32.75 -3.48 12.44
C ASP G 22 -34.08 -3.44 11.69
N ASN G 23 -34.07 -3.96 10.47
CA ASN G 23 -35.25 -4.00 9.61
C ASN G 23 -35.70 -5.42 9.30
N GLY G 24 -35.41 -6.37 10.18
CA GLY G 24 -35.81 -7.75 9.91
C GLY G 24 -34.85 -8.59 9.05
N SER G 25 -33.87 -7.96 8.43
CA SER G 25 -32.91 -8.70 7.64
C SER G 25 -31.85 -9.32 8.56
N GLU G 26 -31.18 -10.38 8.10
CA GLU G 26 -30.14 -11.04 8.87
C GLU G 26 -28.90 -11.15 8.01
N ILE G 27 -27.73 -11.07 8.64
CA ILE G 27 -26.49 -11.20 7.90
C ILE G 27 -25.72 -12.36 8.51
N TRP G 28 -25.49 -13.40 7.71
CA TRP G 28 -24.75 -14.56 8.17
C TRP G 28 -23.41 -14.59 7.44
N VAL G 29 -22.36 -15.01 8.13
CA VAL G 29 -21.05 -15.09 7.52
C VAL G 29 -20.50 -16.54 7.55
N LYS G 30 -19.93 -16.93 6.42
CA LYS G 30 -19.37 -18.27 6.19
C LYS G 30 -17.89 -18.12 6.51
N LEU G 31 -17.44 -18.74 7.61
CA LEU G 31 -16.05 -18.58 8.05
C LEU G 31 -15.00 -19.47 7.37
N GLU G 32 -14.67 -19.11 6.14
CA GLU G 32 -13.71 -19.88 5.38
C GLU G 32 -12.30 -19.87 5.95
N GLY G 33 -12.06 -18.99 6.92
CA GLY G 33 -10.75 -18.95 7.54
C GLY G 33 -10.56 -20.18 8.44
N ASN G 34 -11.65 -20.93 8.65
CA ASN G 34 -11.56 -22.14 9.45
C ASN G 34 -10.89 -23.30 8.72
N ASN G 35 -10.74 -23.22 7.39
CA ASN G 35 -10.07 -24.27 6.61
C ASN G 35 -8.67 -24.44 7.20
N PRO G 36 -8.08 -25.64 7.06
CA PRO G 36 -6.76 -25.90 7.61
C PRO G 36 -5.68 -24.87 7.39
N ALA G 37 -5.55 -24.33 6.18
CA ALA G 37 -4.51 -23.33 5.90
C ALA G 37 -5.00 -21.86 6.00
N GLY G 38 -6.17 -21.70 6.62
CA GLY G 38 -6.70 -20.38 6.89
C GLY G 38 -7.40 -19.60 5.81
N SER G 39 -7.84 -20.23 4.74
CA SER G 39 -8.54 -19.45 3.73
C SER G 39 -9.43 -20.30 2.86
N VAL G 40 -10.35 -19.62 2.17
CA VAL G 40 -11.29 -20.24 1.25
C VAL G 40 -10.58 -21.00 0.13
N LYS G 41 -9.33 -20.63 -0.14
CA LYS G 41 -8.59 -21.29 -1.19
C LYS G 41 -8.37 -22.80 -0.98
N ASP G 42 -8.29 -23.25 0.28
CA ASP G 42 -8.10 -24.67 0.53
C ASP G 42 -9.12 -25.51 -0.24
N ARG G 43 -10.31 -24.99 -0.50
CA ARG G 43 -11.32 -25.77 -1.23
C ARG G 43 -10.95 -25.97 -2.68
N ALA G 44 -10.52 -24.91 -3.34
CA ALA G 44 -10.16 -24.99 -4.76
C ALA G 44 -8.87 -25.80 -4.91
N ALA G 45 -7.92 -25.54 -4.03
CA ALA G 45 -6.66 -26.25 -4.07
C ALA G 45 -6.98 -27.76 -4.02
N LEU G 46 -7.71 -28.18 -3.00
CA LEU G 46 -8.03 -29.58 -2.90
C LEU G 46 -8.73 -30.06 -4.17
N SER G 47 -9.81 -29.38 -4.56
CA SER G 47 -10.56 -29.78 -5.73
C SER G 47 -9.76 -29.88 -7.02
N MET G 48 -8.90 -28.91 -7.28
CA MET G 48 -8.11 -28.95 -8.51
C MET G 48 -7.19 -30.17 -8.51
N ILE G 49 -6.61 -30.49 -7.35
CA ILE G 49 -5.73 -31.63 -7.25
C ILE G 49 -6.48 -32.98 -7.25
N VAL G 50 -7.49 -33.10 -6.41
CA VAL G 50 -8.26 -34.32 -6.36
C VAL G 50 -8.85 -34.69 -7.72
N GLU G 51 -9.46 -33.73 -8.41
CA GLU G 51 -10.04 -34.00 -9.71
C GLU G 51 -8.99 -34.41 -10.75
N ALA G 52 -7.83 -33.77 -10.75
CA ALA G 52 -6.78 -34.13 -11.70
C ALA G 52 -6.33 -35.59 -11.42
N GLU G 53 -6.28 -35.97 -10.14
CA GLU G 53 -5.87 -37.33 -9.77
C GLU G 53 -6.93 -38.28 -10.35
N LYS G 54 -8.20 -37.95 -10.16
CA LYS G 54 -9.22 -38.84 -10.70
C LYS G 54 -9.17 -38.98 -12.23
N ARG G 55 -8.39 -38.13 -12.89
CA ARG G 55 -8.29 -38.17 -14.35
C ARG G 55 -6.91 -38.75 -14.73
N GLY G 56 -6.20 -39.26 -13.74
CA GLY G 56 -4.90 -39.83 -14.03
C GLY G 56 -3.87 -38.82 -14.46
N GLU G 57 -4.23 -37.54 -14.52
CA GLU G 57 -3.24 -36.53 -14.94
C GLU G 57 -2.07 -36.43 -13.98
N ILE G 58 -2.33 -36.72 -12.70
CA ILE G 58 -1.26 -36.64 -11.71
C ILE G 58 -1.37 -37.74 -10.65
N LYS G 59 -0.25 -37.98 -9.98
CA LYS G 59 -0.18 -38.98 -8.91
C LYS G 59 0.80 -38.39 -7.94
N PRO G 60 0.72 -38.82 -6.70
CA PRO G 60 1.66 -38.29 -5.69
C PRO G 60 3.08 -38.40 -6.20
N GLY G 61 3.91 -37.41 -5.89
CA GLY G 61 5.28 -37.45 -6.34
C GLY G 61 5.45 -36.49 -7.51
N ASP G 62 4.36 -36.23 -8.23
CA ASP G 62 4.46 -35.32 -9.38
C ASP G 62 4.76 -33.86 -9.01
N VAL G 63 5.16 -33.07 -10.02
CA VAL G 63 5.45 -31.67 -9.79
C VAL G 63 4.22 -30.89 -10.21
N LEU G 64 3.82 -29.93 -9.37
CA LEU G 64 2.66 -29.08 -9.64
C LEU G 64 3.19 -27.65 -9.76
N ILE G 65 2.63 -26.93 -10.72
CA ILE G 65 3.04 -25.56 -10.96
C ILE G 65 1.89 -24.55 -10.98
N GLU G 66 2.15 -23.38 -10.41
CA GLU G 66 1.19 -22.29 -10.41
C GLU G 66 1.91 -21.00 -10.06
N ALA G 67 1.49 -19.93 -10.73
CA ALA G 67 2.04 -18.60 -10.47
C ALA G 67 1.02 -17.99 -9.53
N THR G 68 1.52 -17.61 -8.36
CA THR G 68 0.69 -17.02 -7.31
C THR G 68 1.55 -16.85 -6.08
N SER G 69 1.03 -16.19 -5.07
CA SER G 69 1.79 -16.01 -3.85
C SER G 69 0.89 -15.56 -2.72
N GLY G 70 -0.41 -15.75 -2.90
CA GLY G 70 -1.34 -15.37 -1.85
C GLY G 70 -1.94 -16.62 -1.23
N ASN G 71 -3.20 -16.53 -0.84
CA ASN G 71 -3.84 -17.69 -0.27
C ASN G 71 -3.78 -18.89 -1.20
N THR G 72 -3.84 -18.65 -2.52
CA THR G 72 -3.79 -19.78 -3.43
C THR G 72 -2.45 -20.49 -3.25
N GLY G 73 -1.37 -19.72 -3.14
CA GLY G 73 -0.07 -20.33 -2.97
C GLY G 73 -0.03 -21.17 -1.70
N ILE G 74 -0.41 -20.55 -0.59
CA ILE G 74 -0.43 -21.20 0.72
C ILE G 74 -1.27 -22.48 0.66
N ALA G 75 -2.49 -22.37 0.14
CA ALA G 75 -3.39 -23.50 0.02
C ALA G 75 -2.84 -24.66 -0.85
N LEU G 76 -2.20 -24.32 -1.97
CA LEU G 76 -1.62 -25.37 -2.81
C LEU G 76 -0.40 -25.95 -2.11
N ALA G 77 0.44 -25.08 -1.54
CA ALA G 77 1.60 -25.62 -0.83
C ALA G 77 1.13 -26.63 0.23
N MET G 78 0.03 -26.30 0.93
CA MET G 78 -0.53 -27.16 1.96
C MET G 78 -1.05 -28.47 1.39
N ILE G 79 -1.92 -28.39 0.38
CA ILE G 79 -2.46 -29.60 -0.23
C ILE G 79 -1.35 -30.48 -0.79
N ALA G 80 -0.25 -29.88 -1.22
CA ALA G 80 0.85 -30.67 -1.77
C ALA G 80 1.60 -31.39 -0.63
N ALA G 81 1.86 -30.70 0.48
CA ALA G 81 2.55 -31.33 1.61
C ALA G 81 1.63 -32.41 2.18
N LEU G 82 0.35 -32.14 2.18
CA LEU G 82 -0.60 -33.06 2.73
C LEU G 82 -0.71 -34.35 1.90
N LYS G 83 -0.82 -34.19 0.59
CA LYS G 83 -0.98 -35.32 -0.32
C LYS G 83 0.26 -35.91 -0.97
N GLY G 84 1.41 -35.28 -0.76
CA GLY G 84 2.63 -35.82 -1.34
C GLY G 84 3.07 -35.35 -2.73
N TYR G 85 2.80 -34.08 -3.07
CA TYR G 85 3.23 -33.53 -4.35
C TYR G 85 4.35 -32.53 -4.21
N ARG G 86 5.00 -32.28 -5.33
CA ARG G 86 6.08 -31.30 -5.38
C ARG G 86 5.42 -30.01 -5.86
N MET G 87 5.47 -28.96 -5.06
CA MET G 87 4.81 -27.73 -5.49
C MET G 87 5.82 -26.68 -5.85
N LYS G 88 5.61 -26.09 -7.01
CA LYS G 88 6.49 -25.00 -7.45
C LYS G 88 5.57 -23.80 -7.64
N LEU G 89 5.93 -22.70 -6.98
CA LEU G 89 5.13 -21.50 -7.04
C LEU G 89 5.96 -20.36 -7.58
N LEU G 90 5.45 -19.75 -8.65
CA LEU G 90 6.15 -18.64 -9.32
C LEU G 90 5.60 -17.27 -8.95
N MET G 91 6.50 -16.36 -8.65
CA MET G 91 6.09 -15.01 -8.26
C MET G 91 7.26 -14.02 -8.42
N PRO G 92 6.95 -12.71 -8.54
CA PRO G 92 8.02 -11.74 -8.68
C PRO G 92 8.88 -11.69 -7.42
N ASP G 93 10.16 -11.35 -7.60
CA ASP G 93 11.16 -11.28 -6.52
C ASP G 93 11.02 -10.12 -5.52
N ASN G 94 9.81 -9.55 -5.40
CA ASN G 94 9.54 -8.45 -4.45
C ASN G 94 8.52 -8.88 -3.38
N MET G 95 8.56 -10.15 -2.99
CA MET G 95 7.65 -10.69 -1.97
C MET G 95 8.25 -10.55 -0.59
N SER G 96 7.46 -10.07 0.36
CA SER G 96 7.98 -9.90 1.73
C SER G 96 8.49 -11.25 2.19
N GLN G 97 9.25 -11.25 3.27
CA GLN G 97 9.77 -12.49 3.82
C GLN G 97 8.59 -13.30 4.33
N GLU G 98 7.86 -12.68 5.24
CA GLU G 98 6.71 -13.35 5.82
C GLU G 98 5.80 -13.93 4.76
N ARG G 99 5.60 -13.19 3.68
CA ARG G 99 4.71 -13.65 2.62
C ARG G 99 5.16 -14.95 1.98
N ARG G 100 6.46 -15.06 1.74
CA ARG G 100 6.95 -16.29 1.13
C ARG G 100 7.15 -17.38 2.17
N ALA G 101 7.38 -16.98 3.42
CA ALA G 101 7.54 -17.95 4.50
C ALA G 101 6.25 -18.77 4.61
N ALA G 102 5.10 -18.12 4.46
CA ALA G 102 3.81 -18.80 4.55
C ALA G 102 3.71 -19.94 3.53
N MET G 103 4.45 -19.82 2.45
CA MET G 103 4.41 -20.87 1.42
C MET G 103 5.57 -21.86 1.58
N ARG G 104 6.77 -21.34 1.88
CA ARG G 104 7.93 -22.20 2.06
C ARG G 104 7.76 -23.12 3.26
N ALA G 105 7.01 -22.67 4.27
CA ALA G 105 6.81 -23.46 5.49
C ALA G 105 6.28 -24.84 5.15
N TYR G 106 5.48 -24.93 4.10
CA TYR G 106 4.93 -26.22 3.68
C TYR G 106 5.90 -26.97 2.74
N GLY G 107 7.11 -26.47 2.61
CA GLY G 107 8.05 -27.15 1.74
C GLY G 107 7.93 -26.87 0.25
N ALA G 108 7.15 -25.86 -0.13
CA ALA G 108 7.01 -25.53 -1.55
C ALA G 108 8.30 -24.89 -2.05
N GLU G 109 8.47 -24.98 -3.38
CA GLU G 109 9.62 -24.43 -4.07
C GLU G 109 9.19 -23.11 -4.71
N LEU G 110 9.84 -22.02 -4.30
CA LEU G 110 9.51 -20.72 -4.86
C LEU G 110 10.46 -20.38 -6.02
N ILE G 111 9.87 -20.16 -7.20
CA ILE G 111 10.55 -19.83 -8.45
C ILE G 111 10.35 -18.34 -8.75
N LEU G 112 11.34 -17.51 -8.43
CA LEU G 112 11.24 -16.05 -8.66
C LEU G 112 11.51 -15.51 -10.08
N VAL G 113 10.72 -14.51 -10.49
CA VAL G 113 10.92 -13.82 -11.76
C VAL G 113 11.25 -12.41 -11.26
N THR G 114 11.60 -11.49 -12.17
CA THR G 114 11.96 -10.12 -11.78
C THR G 114 10.74 -9.27 -11.50
N LYS G 115 10.94 -8.15 -10.78
CA LYS G 115 9.80 -7.28 -10.51
C LYS G 115 9.23 -6.81 -11.86
N GLU G 116 10.12 -6.45 -12.80
CA GLU G 116 9.70 -6.00 -14.13
C GLU G 116 8.75 -7.02 -14.72
N GLN G 117 9.20 -8.28 -14.75
CA GLN G 117 8.39 -9.37 -15.28
C GLN G 117 7.05 -9.47 -14.53
N GLY G 118 7.09 -9.16 -13.24
CA GLY G 118 5.90 -9.17 -12.40
C GLY G 118 5.01 -10.39 -12.45
N MET G 119 3.81 -10.27 -11.91
CA MET G 119 2.86 -11.38 -11.89
C MET G 119 2.59 -11.97 -13.27
N GLU G 120 2.51 -11.11 -14.28
CA GLU G 120 2.23 -11.61 -15.62
C GLU G 120 3.42 -12.40 -16.17
N GLY G 121 4.62 -11.98 -15.78
CA GLY G 121 5.83 -12.69 -16.20
C GLY G 121 5.77 -14.10 -15.61
N ALA G 122 5.51 -14.17 -14.31
CA ALA G 122 5.38 -15.44 -13.62
C ALA G 122 4.31 -16.31 -14.31
N ARG G 123 3.14 -15.75 -14.63
CA ARG G 123 2.08 -16.55 -15.28
C ARG G 123 2.63 -17.23 -16.53
N ASP G 124 3.42 -16.44 -17.29
CA ASP G 124 4.04 -16.88 -18.53
C ASP G 124 5.08 -17.99 -18.29
N LEU G 125 6.09 -17.70 -17.45
CA LEU G 125 7.12 -18.68 -17.12
C LEU G 125 6.47 -20.00 -16.70
N ALA G 126 5.46 -19.91 -15.84
CA ALA G 126 4.74 -21.09 -15.35
C ALA G 126 4.14 -21.86 -16.52
N LEU G 127 3.52 -21.13 -17.47
CA LEU G 127 2.91 -21.79 -18.63
C LEU G 127 3.98 -22.41 -19.54
N ALA G 128 5.14 -21.76 -19.61
CA ALA G 128 6.25 -22.29 -20.41
C ALA G 128 6.57 -23.69 -19.89
N MET G 129 6.80 -23.79 -18.57
CA MET G 129 7.10 -25.05 -17.92
C MET G 129 5.97 -26.06 -18.18
N SER G 130 4.72 -25.61 -18.03
CA SER G 130 3.59 -26.52 -18.28
C SER G 130 3.66 -27.16 -19.66
N GLU G 131 3.83 -26.33 -20.69
CA GLU G 131 3.88 -26.79 -22.09
C GLU G 131 5.10 -27.67 -22.38
N ARG G 132 6.25 -27.23 -21.86
CA ARG G 132 7.51 -27.95 -22.01
C ARG G 132 7.46 -29.35 -21.36
N GLY G 133 6.84 -29.44 -20.19
CA GLY G 133 6.70 -30.72 -19.48
C GLY G 133 7.32 -30.82 -18.10
N GLU G 134 7.64 -29.68 -17.48
CA GLU G 134 8.25 -29.67 -16.15
C GLU G 134 7.28 -29.85 -14.95
N GLY G 135 5.96 -29.86 -15.21
CA GLY G 135 4.98 -30.04 -14.14
C GLY G 135 3.57 -29.60 -14.54
N LYS G 136 2.54 -30.17 -13.89
CA LYS G 136 1.13 -29.87 -14.18
C LYS G 136 0.68 -28.50 -13.66
N LEU G 137 0.30 -27.63 -14.60
CA LEU G 137 -0.15 -26.28 -14.25
C LEU G 137 -1.60 -26.36 -13.77
N LEU G 138 -1.91 -25.73 -12.65
CA LEU G 138 -3.28 -25.78 -12.13
C LEU G 138 -4.21 -24.70 -12.72
N ASP G 139 -3.63 -23.50 -12.95
CA ASP G 139 -4.31 -22.34 -13.56
C ASP G 139 -5.64 -22.04 -12.87
N GLN G 140 -5.55 -21.44 -11.68
CA GLN G 140 -6.73 -21.14 -10.85
C GLN G 140 -7.83 -20.30 -11.53
N PHE G 141 -7.44 -19.50 -12.51
CA PHE G 141 -8.40 -18.64 -13.20
C PHE G 141 -9.24 -19.31 -14.28
N ASN G 142 -8.73 -20.41 -14.82
CA ASN G 142 -9.46 -21.13 -15.87
C ASN G 142 -9.87 -22.56 -15.52
N ASN G 143 -9.34 -23.12 -14.44
CA ASN G 143 -9.67 -24.49 -14.07
C ASN G 143 -11.09 -24.64 -13.54
N PRO G 144 -11.96 -25.33 -14.28
CA PRO G 144 -13.35 -25.50 -13.85
C PRO G 144 -13.49 -26.24 -12.53
N ASP G 145 -12.39 -26.86 -12.10
CA ASP G 145 -12.39 -27.64 -10.87
C ASP G 145 -12.45 -26.68 -9.66
N ASN G 146 -11.99 -25.46 -9.88
CA ASN G 146 -12.02 -24.40 -8.87
C ASN G 146 -13.50 -24.15 -8.49
N PRO G 147 -14.31 -23.66 -9.42
CA PRO G 147 -15.70 -23.47 -8.98
C PRO G 147 -16.39 -24.77 -8.62
N TYR G 148 -15.87 -25.88 -9.13
CA TYR G 148 -16.50 -27.18 -8.86
C TYR G 148 -16.54 -27.49 -7.34
N ALA G 149 -15.52 -27.06 -6.63
CA ALA G 149 -15.43 -27.27 -5.19
C ALA G 149 -16.60 -26.60 -4.48
N HIS G 150 -16.91 -25.40 -4.94
CA HIS G 150 -17.99 -24.63 -4.34
C HIS G 150 -19.35 -25.09 -4.79
N TYR G 151 -19.41 -25.68 -5.98
CA TYR G 151 -20.69 -26.20 -6.48
C TYR G 151 -21.06 -27.41 -5.65
N THR G 152 -20.04 -28.19 -5.27
CA THR G 152 -20.27 -29.42 -4.52
C THR G 152 -20.17 -29.34 -2.99
N THR G 153 -19.45 -28.36 -2.45
CA THR G 153 -19.36 -28.27 -0.99
C THR G 153 -19.93 -26.96 -0.40
N THR G 154 -19.27 -25.83 -0.69
CA THR G 154 -19.71 -24.53 -0.19
C THR G 154 -21.20 -24.22 -0.37
N GLY G 155 -21.66 -24.20 -1.62
CA GLY G 155 -23.06 -23.90 -1.85
C GLY G 155 -23.99 -24.85 -1.11
N PRO G 156 -23.82 -26.17 -1.26
CA PRO G 156 -24.73 -27.05 -0.54
C PRO G 156 -24.69 -26.84 0.97
N GLU G 157 -23.53 -26.49 1.52
CA GLU G 157 -23.44 -26.27 2.96
C GLU G 157 -24.28 -25.04 3.31
N ILE G 158 -24.07 -23.94 2.58
CA ILE G 158 -24.82 -22.72 2.81
C ILE G 158 -26.31 -22.95 2.72
N TRP G 159 -26.74 -23.71 1.72
CA TRP G 159 -28.16 -24.01 1.53
C TRP G 159 -28.69 -24.83 2.72
N ARG G 160 -27.89 -25.78 3.16
CA ARG G 160 -28.22 -26.64 4.28
C ARG G 160 -28.20 -25.85 5.61
N GLN G 161 -27.19 -24.99 5.78
CA GLN G 161 -27.06 -24.22 6.99
C GLN G 161 -28.14 -23.16 7.16
N THR G 162 -28.58 -22.54 6.08
CA THR G 162 -29.65 -21.53 6.25
C THR G 162 -31.03 -22.17 6.11
N SER G 163 -31.07 -23.50 6.03
CA SER G 163 -32.35 -24.19 5.85
C SER G 163 -33.13 -23.61 4.67
N GLY G 164 -32.43 -23.26 3.59
CA GLY G 164 -33.08 -22.68 2.44
C GLY G 164 -33.65 -21.28 2.62
N ARG G 165 -33.34 -20.64 3.75
CA ARG G 165 -33.86 -19.30 3.98
C ARG G 165 -33.09 -18.23 3.25
N ILE G 166 -31.87 -18.56 2.82
CA ILE G 166 -31.06 -17.55 2.14
C ILE G 166 -31.78 -16.88 0.96
N THR G 167 -31.65 -15.55 0.85
CA THR G 167 -32.28 -14.78 -0.21
C THR G 167 -31.24 -14.05 -1.03
N HIS G 168 -30.07 -13.80 -0.45
CA HIS G 168 -29.00 -13.10 -1.16
C HIS G 168 -27.66 -13.70 -0.79
N PHE G 169 -26.74 -13.79 -1.74
CA PHE G 169 -25.44 -14.35 -1.48
C PHE G 169 -24.44 -13.30 -1.94
N VAL G 170 -23.52 -12.91 -1.06
CA VAL G 170 -22.53 -11.88 -1.38
C VAL G 170 -21.11 -12.41 -1.34
N SER G 171 -20.35 -12.15 -2.40
CA SER G 171 -18.99 -12.66 -2.45
C SER G 171 -17.99 -11.73 -3.11
N SER G 172 -16.85 -11.50 -2.48
CA SER G 172 -15.82 -10.67 -3.13
C SER G 172 -15.21 -11.57 -4.22
N MET G 173 -15.05 -11.03 -5.42
CA MET G 173 -14.54 -11.84 -6.53
C MET G 173 -13.07 -11.73 -6.82
N GLY G 174 -12.40 -12.89 -6.81
CA GLY G 174 -10.98 -12.98 -7.12
C GLY G 174 -10.91 -13.80 -8.41
N THR G 175 -10.86 -15.12 -8.29
CA THR G 175 -10.84 -15.98 -9.47
C THR G 175 -12.30 -16.07 -9.93
N THR G 176 -13.21 -15.86 -8.99
CA THR G 176 -14.68 -15.92 -9.16
C THR G 176 -15.17 -17.36 -9.01
N GLY G 177 -14.26 -18.24 -8.59
CA GLY G 177 -14.63 -19.63 -8.37
C GLY G 177 -15.73 -19.74 -7.33
N THR G 178 -15.56 -19.06 -6.21
CA THR G 178 -16.55 -19.14 -5.15
C THR G 178 -17.94 -18.69 -5.57
N ILE G 179 -18.01 -17.51 -6.18
CA ILE G 179 -19.34 -17.01 -6.54
C ILE G 179 -19.94 -17.86 -7.65
N THR G 180 -19.07 -18.26 -8.59
CA THR G 180 -19.49 -19.10 -9.72
C THR G 180 -20.05 -20.44 -9.23
N GLY G 181 -19.24 -21.13 -8.41
CA GLY G 181 -19.64 -22.42 -7.86
C GLY G 181 -20.88 -22.38 -7.00
N VAL G 182 -20.92 -21.42 -6.07
CA VAL G 182 -22.10 -21.30 -5.20
C VAL G 182 -23.37 -20.92 -5.98
N SER G 183 -23.23 -19.98 -6.92
CA SER G 183 -24.39 -19.57 -7.72
C SER G 183 -24.92 -20.79 -8.48
N ARG G 184 -23.99 -21.47 -9.16
CA ARG G 184 -24.37 -22.65 -9.92
C ARG G 184 -25.29 -23.56 -9.09
N PHE G 185 -24.93 -23.77 -7.83
CA PHE G 185 -25.74 -24.64 -7.00
C PHE G 185 -27.05 -24.02 -6.54
N LEU G 186 -27.02 -22.73 -6.20
CA LEU G 186 -28.24 -22.08 -5.73
C LEU G 186 -29.30 -21.97 -6.84
N ARG G 187 -28.86 -21.72 -8.08
CA ARG G 187 -29.82 -21.62 -9.20
C ARG G 187 -30.66 -22.87 -9.34
N GLU G 188 -30.09 -24.02 -9.01
CA GLU G 188 -30.81 -25.28 -9.12
C GLU G 188 -31.95 -25.38 -8.13
N GLN G 189 -32.11 -24.37 -7.28
CA GLN G 189 -33.19 -24.44 -6.31
C GLN G 189 -34.45 -23.76 -6.86
N GLU G 190 -35.60 -24.19 -6.38
CA GLU G 190 -36.84 -23.59 -6.83
C GLU G 190 -36.78 -22.12 -6.43
N LYS G 191 -36.72 -21.87 -5.10
CA LYS G 191 -36.64 -20.53 -4.53
C LYS G 191 -35.55 -19.72 -5.21
N PRO G 192 -35.85 -18.48 -5.59
CA PRO G 192 -34.90 -17.57 -6.27
C PRO G 192 -33.91 -17.02 -5.25
N VAL G 193 -32.70 -16.73 -5.69
CA VAL G 193 -31.66 -16.20 -4.80
C VAL G 193 -30.81 -15.18 -5.56
N THR G 194 -30.74 -13.96 -5.05
CA THR G 194 -29.95 -12.93 -5.72
C THR G 194 -28.46 -13.15 -5.44
N ILE G 195 -27.66 -13.21 -6.49
CA ILE G 195 -26.24 -13.43 -6.35
C ILE G 195 -25.57 -12.10 -6.55
N VAL G 196 -24.84 -11.62 -5.54
CA VAL G 196 -24.18 -10.33 -5.61
C VAL G 196 -22.67 -10.46 -5.52
N GLY G 197 -21.97 -10.01 -6.55
CA GLY G 197 -20.53 -10.10 -6.56
C GLY G 197 -19.94 -8.73 -6.25
N LEU G 198 -18.73 -8.68 -5.71
CA LEU G 198 -18.14 -7.41 -5.36
C LEU G 198 -16.75 -7.30 -5.95
N GLN G 199 -16.38 -6.08 -6.33
CA GLN G 199 -15.06 -5.86 -6.90
C GLN G 199 -14.54 -4.56 -6.35
N PRO G 200 -13.22 -4.39 -6.30
CA PRO G 200 -12.73 -3.11 -5.78
C PRO G 200 -13.02 -1.92 -6.70
N GLU G 201 -13.24 -0.76 -6.10
CA GLU G 201 -13.48 0.46 -6.87
C GLU G 201 -12.18 0.74 -7.59
N GLU G 202 -12.24 1.42 -8.74
CA GLU G 202 -11.00 1.70 -9.46
C GLU G 202 -10.07 2.45 -8.51
N GLY G 203 -8.82 2.03 -8.46
CA GLY G 203 -7.89 2.70 -7.57
C GLY G 203 -7.80 2.03 -6.20
N SER G 204 -8.89 1.41 -5.75
CA SER G 204 -8.89 0.72 -4.45
C SER G 204 -8.08 -0.56 -4.53
N SER G 205 -7.34 -0.83 -3.47
CA SER G 205 -6.54 -2.05 -3.41
C SER G 205 -7.04 -2.96 -2.30
N ILE G 206 -7.59 -4.11 -2.67
CA ILE G 206 -8.12 -5.05 -1.68
C ILE G 206 -7.47 -6.41 -1.93
N PRO G 207 -6.52 -6.81 -1.05
CA PRO G 207 -5.76 -8.07 -1.11
C PRO G 207 -6.63 -9.29 -1.38
N GLY G 208 -6.23 -10.10 -2.37
CA GLY G 208 -7.01 -11.28 -2.66
C GLY G 208 -7.94 -11.18 -3.87
N ILE G 209 -8.40 -9.97 -4.18
CA ILE G 209 -9.24 -9.78 -5.34
C ILE G 209 -8.60 -8.68 -6.18
N ARG G 210 -9.23 -8.37 -7.30
CA ARG G 210 -8.74 -7.34 -8.19
C ARG G 210 -9.89 -6.94 -9.10
N ARG G 211 -9.78 -5.74 -9.67
CA ARG G 211 -10.81 -5.23 -10.58
C ARG G 211 -10.46 -5.76 -11.97
N TRP G 212 -11.31 -6.64 -12.49
CA TRP G 212 -11.07 -7.20 -13.80
C TRP G 212 -11.49 -6.33 -14.97
N PRO G 213 -10.59 -6.16 -15.97
CA PRO G 213 -10.93 -5.34 -17.14
C PRO G 213 -12.28 -5.86 -17.65
N ALA G 214 -13.22 -4.94 -17.88
CA ALA G 214 -14.57 -5.28 -18.33
C ALA G 214 -14.71 -6.57 -19.15
N GLU G 215 -13.88 -6.70 -20.18
CA GLU G 215 -13.93 -7.88 -21.05
C GLU G 215 -12.70 -8.77 -20.89
N TYR G 216 -12.18 -8.86 -19.67
CA TYR G 216 -11.02 -9.71 -19.37
C TYR G 216 -11.18 -10.48 -18.05
N MET G 217 -12.44 -10.77 -17.72
CA MET G 217 -12.76 -11.54 -16.53
C MET G 217 -12.04 -12.91 -16.61
N PRO G 218 -11.81 -13.55 -15.45
CA PRO G 218 -11.14 -14.85 -15.59
C PRO G 218 -12.05 -15.85 -16.32
N GLY G 219 -11.41 -16.83 -16.95
CA GLY G 219 -12.13 -17.83 -17.71
C GLY G 219 -13.32 -18.49 -17.06
N ILE G 220 -13.15 -18.90 -15.80
CA ILE G 220 -14.25 -19.58 -15.12
C ILE G 220 -15.48 -18.73 -14.86
N PHE G 221 -15.37 -17.42 -15.08
CA PHE G 221 -16.49 -16.51 -14.82
C PHE G 221 -17.65 -16.63 -15.80
N ASN G 222 -18.88 -16.64 -15.28
CA ASN G 222 -20.09 -16.74 -16.10
C ASN G 222 -21.09 -15.64 -15.73
N ALA G 223 -20.95 -14.50 -16.39
CA ALA G 223 -21.80 -13.33 -16.14
C ALA G 223 -23.27 -13.59 -15.83
N SER G 224 -23.85 -14.65 -16.40
CA SER G 224 -25.26 -14.94 -16.16
C SER G 224 -25.51 -15.58 -14.80
N LEU G 225 -24.43 -15.93 -14.11
CA LEU G 225 -24.59 -16.53 -12.78
C LEU G 225 -24.68 -15.44 -11.70
N VAL G 226 -24.17 -14.25 -12.02
CA VAL G 226 -24.17 -13.10 -11.11
C VAL G 226 -25.25 -12.03 -11.43
N ASP G 227 -26.19 -11.86 -10.52
CA ASP G 227 -27.24 -10.88 -10.70
C ASP G 227 -26.77 -9.41 -10.62
N GLU G 228 -25.83 -9.11 -9.71
CA GLU G 228 -25.34 -7.73 -9.55
C GLU G 228 -23.90 -7.68 -9.18
N VAL G 229 -23.22 -6.64 -9.61
CA VAL G 229 -21.82 -6.47 -9.24
C VAL G 229 -21.66 -5.08 -8.61
N LEU G 230 -21.27 -5.05 -7.34
CA LEU G 230 -21.10 -3.80 -6.60
C LEU G 230 -19.63 -3.49 -6.48
N ASP G 231 -19.33 -2.21 -6.30
CA ASP G 231 -17.94 -1.75 -6.13
C ASP G 231 -17.76 -1.53 -4.64
N ILE G 232 -16.56 -1.84 -4.15
CA ILE G 232 -16.28 -1.64 -2.74
C ILE G 232 -15.01 -0.84 -2.67
N HIS G 233 -15.06 0.24 -1.87
CA HIS G 233 -13.89 1.07 -1.73
C HIS G 233 -12.99 0.43 -0.69
N GLN G 234 -11.70 0.48 -0.95
CA GLN G 234 -10.71 -0.06 -0.05
C GLN G 234 -10.95 0.36 1.40
N ASN G 235 -11.11 1.66 1.59
CA ASN G 235 -11.32 2.24 2.91
C ASN G 235 -12.55 1.68 3.59
N ASP G 236 -13.61 1.49 2.83
CA ASP G 236 -14.84 0.97 3.39
C ASP G 236 -14.66 -0.50 3.82
N ALA G 237 -13.84 -1.25 3.08
CA ALA G 237 -13.61 -2.66 3.40
C ALA G 237 -12.75 -2.76 4.66
N GLU G 238 -11.71 -1.94 4.72
CA GLU G 238 -10.82 -1.94 5.87
C GLU G 238 -11.61 -1.55 7.13
N ASN G 239 -12.46 -0.55 7.01
CA ASN G 239 -13.22 -0.14 8.16
C ASN G 239 -14.13 -1.24 8.64
N THR G 240 -14.85 -1.86 7.72
CA THR G 240 -15.76 -2.93 8.13
C THR G 240 -14.99 -4.12 8.72
N MET G 241 -13.80 -4.38 8.18
CA MET G 241 -12.96 -5.46 8.69
C MET G 241 -12.67 -5.15 10.16
N ARG G 242 -12.17 -3.96 10.42
CA ARG G 242 -11.86 -3.57 11.78
C ARG G 242 -13.09 -3.62 12.70
N GLU G 243 -14.24 -3.19 12.17
CA GLU G 243 -15.43 -3.18 12.97
C GLU G 243 -15.94 -4.57 13.30
N LEU G 244 -15.73 -5.52 12.39
CA LEU G 244 -16.14 -6.90 12.64
C LEU G 244 -15.38 -7.47 13.85
N ALA G 245 -14.09 -7.18 13.94
CA ALA G 245 -13.31 -7.69 15.07
C ALA G 245 -13.79 -7.06 16.36
N VAL G 246 -13.94 -5.74 16.36
CA VAL G 246 -14.35 -4.99 17.54
C VAL G 246 -15.78 -5.23 18.02
N ARG G 247 -16.73 -5.26 17.09
CA ARG G 247 -18.12 -5.42 17.51
C ARG G 247 -18.71 -6.83 17.42
N GLU G 248 -18.03 -7.72 16.70
CA GLU G 248 -18.52 -9.08 16.60
C GLU G 248 -17.50 -10.12 17.08
N GLY G 249 -16.25 -9.71 17.27
CA GLY G 249 -15.25 -10.67 17.68
C GLY G 249 -14.80 -11.56 16.51
N ILE G 250 -15.03 -11.11 15.29
CA ILE G 250 -14.69 -11.86 14.09
C ILE G 250 -13.50 -11.19 13.41
N PHE G 251 -12.33 -11.82 13.55
CA PHE G 251 -11.06 -11.34 13.03
C PHE G 251 -10.80 -11.88 11.62
N CYS G 252 -11.03 -11.07 10.60
CA CYS G 252 -10.85 -11.52 9.24
C CYS G 252 -10.06 -10.53 8.39
N GLY G 253 -9.88 -10.83 7.11
CA GLY G 253 -9.12 -9.97 6.23
C GLY G 253 -9.92 -8.88 5.53
N VAL G 254 -9.20 -8.02 4.79
CA VAL G 254 -9.84 -6.92 4.10
C VAL G 254 -10.97 -7.29 3.15
N SER G 255 -10.76 -8.30 2.30
CA SER G 255 -11.83 -8.68 1.37
C SER G 255 -13.07 -9.17 2.14
N SER G 256 -12.86 -9.69 3.34
CA SER G 256 -13.98 -10.16 4.14
C SER G 256 -14.76 -8.93 4.65
N GLY G 257 -14.00 -7.89 5.01
CA GLY G 257 -14.64 -6.67 5.44
C GLY G 257 -15.45 -6.17 4.25
N GLY G 258 -14.82 -6.21 3.07
CA GLY G 258 -15.55 -5.79 1.87
C GLY G 258 -16.85 -6.58 1.66
N ALA G 259 -16.77 -7.89 1.84
CA ALA G 259 -17.94 -8.72 1.65
C ALA G 259 -19.05 -8.35 2.62
N VAL G 260 -18.70 -8.06 3.89
CA VAL G 260 -19.72 -7.70 4.88
C VAL G 260 -20.20 -6.31 4.54
N ALA G 261 -19.32 -5.43 4.10
CA ALA G 261 -19.74 -4.07 3.72
C ALA G 261 -20.85 -4.20 2.66
N GLY G 262 -20.62 -5.08 1.68
CA GLY G 262 -21.61 -5.31 0.64
C GLY G 262 -22.90 -5.91 1.17
N ALA G 263 -22.77 -6.84 2.12
CA ALA G 263 -23.93 -7.48 2.73
C ALA G 263 -24.72 -6.44 3.55
N LEU G 264 -24.02 -5.43 4.05
CA LEU G 264 -24.70 -4.40 4.81
C LEU G 264 -25.53 -3.55 3.85
N ARG G 265 -24.95 -3.21 2.70
CA ARG G 265 -25.68 -2.44 1.68
C ARG G 265 -26.94 -3.20 1.33
N VAL G 266 -26.78 -4.48 1.01
CA VAL G 266 -27.93 -5.30 0.68
C VAL G 266 -28.96 -5.33 1.81
N ALA G 267 -28.55 -5.63 3.03
CA ALA G 267 -29.49 -5.71 4.16
C ALA G 267 -30.24 -4.40 4.39
N ARG G 268 -29.54 -3.29 4.27
CA ARG G 268 -30.19 -2.02 4.47
C ARG G 268 -31.26 -1.75 3.40
N ALA G 269 -30.92 -2.02 2.15
CA ALA G 269 -31.85 -1.80 1.06
C ALA G 269 -32.98 -2.82 0.97
N THR G 270 -32.88 -3.94 1.69
CA THR G 270 -33.93 -4.95 1.57
C THR G 270 -34.38 -5.51 2.89
N PRO G 271 -35.36 -4.87 3.51
CA PRO G 271 -35.85 -5.35 4.80
C PRO G 271 -36.17 -6.82 4.73
N GLY G 272 -35.83 -7.56 5.79
CA GLY G 272 -36.13 -8.99 5.83
C GLY G 272 -35.25 -9.92 5.02
N ALA G 273 -34.26 -9.38 4.33
CA ALA G 273 -33.34 -10.18 3.52
C ALA G 273 -32.53 -11.10 4.44
N ILE G 274 -32.20 -12.29 3.95
CA ILE G 274 -31.40 -13.27 4.68
C ILE G 274 -30.13 -13.39 3.84
N VAL G 275 -29.19 -12.49 4.11
CA VAL G 275 -27.93 -12.42 3.38
C VAL G 275 -26.81 -13.32 3.95
N VAL G 276 -26.07 -13.96 3.05
CA VAL G 276 -24.94 -14.80 3.45
C VAL G 276 -23.74 -14.22 2.72
N ALA G 277 -22.68 -13.92 3.45
CA ALA G 277 -21.50 -13.36 2.80
C ALA G 277 -20.33 -14.28 3.15
N ILE G 278 -19.33 -14.32 2.28
CA ILE G 278 -18.18 -15.16 2.48
C ILE G 278 -17.08 -14.44 3.23
N ILE G 279 -16.62 -15.00 4.34
CA ILE G 279 -15.48 -14.41 5.05
C ILE G 279 -14.33 -15.30 4.55
N CYS G 280 -13.49 -14.73 3.69
CA CYS G 280 -12.38 -15.44 3.06
C CYS G 280 -11.24 -16.00 3.86
N ASP G 281 -10.81 -15.29 4.87
CA ASP G 281 -9.70 -15.78 5.67
C ASP G 281 -9.69 -15.12 7.05
N ARG G 282 -8.79 -15.56 7.93
CA ARG G 282 -8.68 -14.93 9.23
C ARG G 282 -7.80 -13.69 9.07
N GLY G 283 -7.68 -12.86 10.10
CA GLY G 283 -6.91 -11.64 9.94
C GLY G 283 -5.44 -11.73 10.27
N ASP G 284 -5.03 -12.86 10.83
CA ASP G 284 -3.64 -13.06 11.24
C ASP G 284 -2.59 -12.63 10.22
N ARG G 285 -2.67 -13.14 8.99
CA ARG G 285 -1.68 -12.82 7.99
C ARG G 285 -1.71 -11.37 7.53
N TYR G 286 -2.67 -10.59 8.04
CA TYR G 286 -2.77 -9.17 7.69
C TYR G 286 -2.16 -8.27 8.75
N LEU G 287 -1.90 -8.81 9.94
CA LEU G 287 -1.33 -7.98 11.00
C LEU G 287 -0.09 -7.19 10.62
N SER G 288 0.87 -7.83 9.96
CA SER G 288 2.11 -7.15 9.59
C SER G 288 1.92 -6.06 8.54
N THR G 289 0.73 -5.97 7.95
CA THR G 289 0.51 -4.95 6.93
C THR G 289 -0.02 -3.68 7.52
N GLY G 290 -0.28 -3.69 8.81
CA GLY G 290 -0.77 -2.48 9.46
C GLY G 290 -2.26 -2.17 9.38
N VAL G 291 -3.01 -2.85 8.51
CA VAL G 291 -4.44 -2.54 8.40
C VAL G 291 -5.18 -2.64 9.72
N PHE G 292 -4.59 -3.29 10.70
CA PHE G 292 -5.25 -3.36 12.00
C PHE G 292 -4.46 -2.42 12.90
N GLY G 293 -3.71 -2.98 13.84
CA GLY G 293 -2.90 -2.13 14.69
C GLY G 293 -1.78 -1.48 13.88
N GLU G 294 -0.85 -2.20 13.44
N MET H 1 -26.45 -21.61 20.38
CA MET H 1 -27.16 -20.65 19.48
C MET H 1 -26.46 -20.60 18.11
N ASN H 2 -26.48 -19.44 17.47
CA ASN H 2 -25.91 -19.27 16.13
C ASN H 2 -24.82 -18.19 16.01
N THR H 3 -24.03 -18.01 17.05
CA THR H 3 -22.98 -17.02 17.02
C THR H 3 -21.61 -17.67 16.97
N LEU H 4 -20.60 -16.84 16.80
CA LEU H 4 -19.22 -17.31 16.79
C LEU H 4 -18.94 -18.17 18.02
N GLU H 5 -19.65 -17.90 19.11
CA GLU H 5 -19.42 -18.64 20.34
C GLU H 5 -19.54 -20.17 20.18
N GLN H 6 -20.40 -20.59 19.26
CA GLN H 6 -20.60 -22.01 19.06
C GLN H 6 -19.51 -22.65 18.24
N THR H 7 -18.56 -21.85 17.76
CA THR H 7 -17.48 -22.42 16.97
C THR H 7 -16.24 -22.70 17.81
N ILE H 8 -16.37 -22.53 19.13
CA ILE H 8 -15.27 -22.78 20.04
C ILE H 8 -15.39 -24.24 20.45
N GLY H 9 -14.28 -24.96 20.48
CA GLY H 9 -14.36 -26.36 20.87
C GLY H 9 -14.71 -27.26 19.69
N ASN H 10 -14.90 -28.55 19.96
CA ASN H 10 -15.18 -29.54 18.94
C ASN H 10 -14.16 -29.41 17.82
N THR H 11 -12.91 -29.27 18.19
CA THR H 11 -11.86 -29.16 17.18
C THR H 11 -11.53 -30.53 16.62
N PRO H 12 -11.01 -30.58 15.38
CA PRO H 12 -10.69 -31.89 14.82
C PRO H 12 -9.53 -32.62 15.48
N LEU H 13 -9.59 -33.95 15.41
CA LEU H 13 -8.54 -34.82 15.91
C LEU H 13 -8.12 -35.60 14.66
N VAL H 14 -6.90 -35.39 14.19
CA VAL H 14 -6.45 -36.09 13.00
C VAL H 14 -5.18 -36.90 13.24
N LYS H 15 -5.05 -37.99 12.47
CA LYS H 15 -3.91 -38.88 12.57
C LYS H 15 -2.69 -38.51 11.73
N LEU H 16 -1.51 -38.44 12.33
CA LEU H 16 -0.33 -38.12 11.53
C LEU H 16 -0.15 -39.27 10.52
N GLN H 17 0.21 -38.93 9.29
CA GLN H 17 0.38 -39.92 8.22
C GLN H 17 1.82 -40.33 7.95
N ARG H 18 2.79 -39.51 8.33
CA ARG H 18 4.15 -39.85 7.97
C ARG H 18 5.18 -39.86 9.06
N ILE H 19 5.13 -38.91 9.99
CA ILE H 19 6.14 -38.95 11.02
C ILE H 19 5.82 -40.03 12.07
N GLY H 20 6.82 -40.41 12.86
CA GLY H 20 6.56 -41.43 13.86
C GLY H 20 6.99 -42.84 13.48
N PRO H 21 7.32 -43.68 14.46
CA PRO H 21 7.76 -45.06 14.23
C PRO H 21 6.70 -45.97 13.64
N ASP H 22 7.15 -46.96 12.90
CA ASP H 22 6.25 -47.93 12.29
C ASP H 22 6.17 -49.17 13.19
N ASN H 23 5.74 -48.96 14.43
CA ASN H 23 5.65 -50.04 15.38
C ASN H 23 4.26 -50.27 15.90
N GLY H 24 3.25 -49.96 15.09
CA GLY H 24 1.87 -50.19 15.52
C GLY H 24 1.23 -49.07 16.31
N SER H 25 2.04 -48.11 16.76
CA SER H 25 1.45 -47.02 17.51
C SER H 25 0.96 -45.91 16.57
N GLU H 26 -0.09 -45.22 16.98
CA GLU H 26 -0.67 -44.13 16.20
C GLU H 26 -0.54 -42.80 16.97
N ILE H 27 -0.33 -41.70 16.24
CA ILE H 27 -0.26 -40.37 16.84
C ILE H 27 -1.35 -39.44 16.29
N TRP H 28 -2.28 -39.08 17.15
CA TRP H 28 -3.37 -38.21 16.74
C TRP H 28 -3.18 -36.84 17.36
N VAL H 29 -3.42 -35.80 16.57
CA VAL H 29 -3.28 -34.44 17.06
C VAL H 29 -4.63 -33.71 17.11
N LYS H 30 -4.87 -33.06 18.24
CA LYS H 30 -6.09 -32.28 18.52
C LYS H 30 -5.73 -30.85 18.06
N LEU H 31 -6.39 -30.38 16.99
CA LEU H 31 -6.09 -29.08 16.37
C LEU H 31 -6.79 -27.87 17.00
N GLU H 32 -6.23 -27.42 18.11
CA GLU H 32 -6.83 -26.32 18.83
C GLU H 32 -6.74 -24.97 18.11
N GLY H 33 -5.93 -24.93 17.06
CA GLY H 33 -5.82 -23.72 16.24
C GLY H 33 -7.13 -23.48 15.48
N ASN H 34 -8.02 -24.47 15.50
CA ASN H 34 -9.30 -24.31 14.82
C ASN H 34 -10.30 -23.42 15.57
N ASN H 35 -10.02 -23.19 16.86
CA ASN H 35 -10.87 -22.29 17.64
C ASN H 35 -10.87 -20.91 16.90
N PRO H 36 -11.94 -20.13 17.09
CA PRO H 36 -12.06 -18.84 16.42
C PRO H 36 -10.89 -17.88 16.46
N ALA H 37 -10.22 -17.73 17.60
CA ALA H 37 -9.10 -16.81 17.65
C ALA H 37 -7.78 -17.55 17.51
N GLY H 38 -7.85 -18.76 16.97
CA GLY H 38 -6.64 -19.52 16.70
C GLY H 38 -5.83 -20.26 17.75
N SER H 39 -6.33 -20.43 18.96
CA SER H 39 -5.58 -21.16 19.93
C SER H 39 -6.48 -21.82 20.97
N VAL H 40 -5.89 -22.79 21.66
CA VAL H 40 -6.56 -23.55 22.70
C VAL H 40 -7.10 -22.60 23.77
N LYS H 41 -6.53 -21.39 23.88
CA LYS H 41 -6.98 -20.47 24.91
C LYS H 41 -8.45 -20.02 24.77
N ASP H 42 -9.03 -20.11 23.57
CA ASP H 42 -10.42 -19.69 23.44
C ASP H 42 -11.29 -20.47 24.42
N ARG H 43 -10.92 -21.71 24.73
CA ARG H 43 -11.72 -22.54 25.64
C ARG H 43 -11.74 -22.00 27.07
N ALA H 44 -10.56 -21.73 27.64
CA ALA H 44 -10.52 -21.20 29.01
C ALA H 44 -11.07 -19.79 29.08
N ALA H 45 -10.83 -19.00 28.04
CA ALA H 45 -11.35 -17.64 28.00
C ALA H 45 -12.89 -17.68 28.05
N LEU H 46 -13.50 -18.54 27.23
CA LEU H 46 -14.95 -18.63 27.24
C LEU H 46 -15.45 -19.13 28.58
N SER H 47 -14.86 -20.22 29.08
CA SER H 47 -15.30 -20.79 30.34
C SER H 47 -15.16 -19.86 31.56
N MET H 48 -14.05 -19.15 31.68
CA MET H 48 -13.88 -18.26 32.82
C MET H 48 -14.94 -17.18 32.84
N ILE H 49 -15.22 -16.60 31.67
CA ILE H 49 -16.22 -15.56 31.55
C ILE H 49 -17.65 -16.09 31.68
N VAL H 50 -17.96 -17.20 31.03
CA VAL H 50 -19.31 -17.74 31.13
C VAL H 50 -19.66 -18.16 32.55
N GLU H 51 -18.73 -18.82 33.23
CA GLU H 51 -18.98 -19.25 34.60
C GLU H 51 -19.08 -18.04 35.56
N ALA H 52 -18.28 -17.00 35.33
CA ALA H 52 -18.33 -15.81 36.18
C ALA H 52 -19.71 -15.16 35.97
N GLU H 53 -20.24 -15.27 34.75
CA GLU H 53 -21.58 -14.75 34.49
C GLU H 53 -22.58 -15.56 35.30
N LYS H 54 -22.51 -16.88 35.25
CA LYS H 54 -23.46 -17.70 36.01
C LYS H 54 -23.47 -17.33 37.49
N ARG H 55 -22.31 -16.95 38.02
CA ARG H 55 -22.19 -16.61 39.43
C ARG H 55 -22.61 -15.16 39.75
N GLY H 56 -22.98 -14.42 38.72
CA GLY H 56 -23.42 -13.06 38.93
C GLY H 56 -22.30 -12.08 39.14
N GLU H 57 -21.07 -12.52 39.03
CA GLU H 57 -19.93 -11.65 39.22
C GLU H 57 -19.79 -10.59 38.11
N ILE H 58 -20.19 -10.91 36.90
CA ILE H 58 -20.05 -9.95 35.81
C ILE H 58 -21.26 -9.99 34.88
N LYS H 59 -21.43 -8.91 34.13
CA LYS H 59 -22.51 -8.83 33.17
C LYS H 59 -22.00 -7.97 32.03
N PRO H 60 -22.57 -8.14 30.85
CA PRO H 60 -22.13 -7.36 29.70
C PRO H 60 -21.97 -5.88 29.99
N GLY H 61 -20.85 -5.34 29.56
CA GLY H 61 -20.56 -3.95 29.80
C GLY H 61 -19.50 -3.81 30.88
N ASP H 62 -19.35 -4.80 31.77
CA ASP H 62 -18.33 -4.70 32.81
C ASP H 62 -16.91 -4.76 32.28
N VAL H 63 -15.97 -4.36 33.12
CA VAL H 63 -14.55 -4.39 32.79
C VAL H 63 -13.95 -5.72 33.25
N LEU H 64 -13.10 -6.30 32.40
CA LEU H 64 -12.43 -7.56 32.70
C LEU H 64 -10.94 -7.25 32.67
N ILE H 65 -10.21 -7.83 33.61
CA ILE H 65 -8.77 -7.58 33.71
C ILE H 65 -7.93 -8.84 33.76
N GLU H 66 -6.79 -8.80 33.06
CA GLU H 66 -5.84 -9.90 33.09
C GLU H 66 -4.48 -9.44 32.62
N ALA H 67 -3.44 -9.94 33.29
CA ALA H 67 -2.07 -9.60 32.94
C ALA H 67 -1.61 -10.72 32.02
N THR H 68 -1.40 -10.42 30.75
CA THR H 68 -0.98 -11.42 29.78
C THR H 68 -0.80 -10.73 28.44
N SER H 69 -0.17 -11.40 27.47
CA SER H 69 -0.06 -10.78 26.18
C SER H 69 0.08 -11.79 25.05
N GLY H 70 -0.17 -13.05 25.33
CA GLY H 70 -0.08 -14.03 24.25
C GLY H 70 -1.45 -14.52 23.82
N ASN H 71 -1.58 -15.82 23.62
CA ASN H 71 -2.85 -16.38 23.22
C ASN H 71 -3.95 -16.06 24.22
N THR H 72 -3.64 -16.07 25.52
CA THR H 72 -4.65 -15.75 26.51
C THR H 72 -5.21 -14.35 26.29
N GLY H 73 -4.35 -13.40 25.97
CA GLY H 73 -4.83 -12.06 25.75
C GLY H 73 -5.68 -11.98 24.51
N ILE H 74 -5.23 -12.65 23.44
CA ILE H 74 -5.99 -12.65 22.20
C ILE H 74 -7.37 -13.30 22.43
N ALA H 75 -7.37 -14.43 23.13
CA ALA H 75 -8.60 -15.15 23.37
C ALA H 75 -9.55 -14.34 24.23
N LEU H 76 -9.04 -13.65 25.24
CA LEU H 76 -9.90 -12.87 26.13
C LEU H 76 -10.42 -11.66 25.40
N ALA H 77 -9.58 -11.03 24.62
CA ALA H 77 -9.99 -9.86 23.86
C ALA H 77 -11.13 -10.29 22.93
N MET H 78 -10.99 -11.47 22.31
CA MET H 78 -12.00 -11.98 21.40
C MET H 78 -13.30 -12.27 22.13
N ILE H 79 -13.25 -13.00 23.25
CA ILE H 79 -14.46 -13.30 23.98
C ILE H 79 -15.13 -12.02 24.46
N ALA H 80 -14.34 -11.01 24.81
CA ALA H 80 -14.89 -9.76 25.31
C ALA H 80 -15.64 -9.04 24.18
N ALA H 81 -15.05 -9.03 22.99
CA ALA H 81 -15.67 -8.42 21.82
C ALA H 81 -16.92 -9.21 21.43
N LEU H 82 -16.84 -10.52 21.53
CA LEU H 82 -17.94 -11.38 21.17
C LEU H 82 -19.11 -11.14 22.08
N LYS H 83 -18.87 -11.23 23.38
CA LYS H 83 -19.91 -11.08 24.39
C LYS H 83 -20.22 -9.71 24.96
N GLY H 84 -19.51 -8.69 24.50
CA GLY H 84 -19.78 -7.35 25.00
C GLY H 84 -19.13 -6.88 26.30
N TYR H 85 -17.86 -7.22 26.55
CA TYR H 85 -17.17 -6.78 27.77
C TYR H 85 -16.03 -5.83 27.40
N ARG H 86 -15.56 -5.01 28.35
CA ARG H 86 -14.45 -4.10 28.08
C ARG H 86 -13.22 -4.79 28.62
N MET H 87 -12.35 -5.27 27.74
CA MET H 87 -11.18 -6.02 28.19
C MET H 87 -9.96 -5.15 28.43
N LYS H 88 -9.33 -5.33 29.58
CA LYS H 88 -8.10 -4.60 29.87
C LYS H 88 -6.98 -5.62 30.06
N LEU H 89 -5.96 -5.54 29.22
CA LEU H 89 -4.84 -6.47 29.28
C LEU H 89 -3.57 -5.73 29.71
N LEU H 90 -2.91 -6.26 30.74
CA LEU H 90 -1.70 -5.67 31.30
C LEU H 90 -0.44 -6.42 30.91
N MET H 91 0.59 -5.69 30.51
CA MET H 91 1.83 -6.30 30.06
C MET H 91 2.98 -5.28 30.09
N PRO H 92 4.24 -5.78 30.16
CA PRO H 92 5.38 -4.86 30.17
C PRO H 92 5.53 -4.21 28.83
N ASP H 93 6.07 -3.00 28.82
CA ASP H 93 6.22 -2.27 27.59
C ASP H 93 7.34 -2.74 26.69
N ASN H 94 7.25 -3.95 26.19
CA ASN H 94 8.25 -4.43 25.24
C ASN H 94 7.61 -5.47 24.33
N MET H 95 6.34 -5.26 23.99
CA MET H 95 5.63 -6.13 23.08
C MET H 95 5.85 -5.58 21.69
N SER H 96 6.04 -6.48 20.73
CA SER H 96 6.20 -6.05 19.34
C SER H 96 4.93 -5.33 18.93
N GLN H 97 4.94 -4.72 17.74
CA GLN H 97 3.75 -4.03 17.27
C GLN H 97 2.70 -5.05 16.83
N GLU H 98 3.16 -6.11 16.19
CA GLU H 98 2.24 -7.15 15.73
C GLU H 98 1.61 -7.86 16.92
N ARG H 99 2.38 -8.01 17.98
CA ARG H 99 1.87 -8.68 19.16
C ARG H 99 0.76 -7.85 19.80
N ARG H 100 0.93 -6.52 19.77
CA ARG H 100 -0.05 -5.60 20.34
C ARG H 100 -1.27 -5.54 19.47
N ALA H 101 -1.05 -5.53 18.18
CA ALA H 101 -2.12 -5.46 17.21
C ALA H 101 -3.09 -6.63 17.30
N ALA H 102 -2.58 -7.84 17.57
CA ALA H 102 -3.42 -9.02 17.67
C ALA H 102 -4.45 -8.89 18.78
N MET H 103 -4.13 -8.12 19.82
CA MET H 103 -5.07 -7.92 20.94
C MET H 103 -5.97 -6.69 20.73
N ARG H 104 -5.38 -5.61 20.24
CA ARG H 104 -6.12 -4.38 20.00
C ARG H 104 -7.15 -4.51 18.87
N ALA H 105 -6.89 -5.43 17.95
CA ALA H 105 -7.81 -5.62 16.83
C ALA H 105 -9.21 -5.88 17.34
N TYR H 106 -9.31 -6.54 18.49
CA TYR H 106 -10.61 -6.85 19.06
C TYR H 106 -11.12 -5.73 19.98
N GLY H 107 -10.40 -4.62 20.02
CA GLY H 107 -10.85 -3.49 20.84
C GLY H 107 -10.45 -3.54 22.30
N ALA H 108 -9.52 -4.41 22.65
CA ALA H 108 -9.06 -4.51 24.02
C ALA H 108 -8.19 -3.32 24.37
N GLU H 109 -8.22 -2.87 25.62
CA GLU H 109 -7.35 -1.75 26.00
C GLU H 109 -6.07 -2.35 26.58
N LEU H 110 -4.91 -1.89 26.12
CA LEU H 110 -3.65 -2.42 26.67
C LEU H 110 -3.10 -1.42 27.69
N ILE H 111 -2.87 -1.85 28.92
CA ILE H 111 -2.31 -0.99 29.98
C ILE H 111 -0.89 -1.47 30.24
N LEU H 112 0.10 -0.64 29.93
CA LEU H 112 1.49 -1.02 30.07
C LEU H 112 2.15 -0.78 31.42
N VAL H 113 3.13 -1.62 31.75
CA VAL H 113 3.98 -1.43 32.93
C VAL H 113 5.39 -1.37 32.29
N THR H 114 6.40 -0.92 33.04
CA THR H 114 7.76 -0.81 32.49
C THR H 114 8.48 -2.14 32.36
N LYS H 115 9.55 -2.18 31.55
CA LYS H 115 10.33 -3.40 31.40
C LYS H 115 10.84 -3.78 32.77
N GLU H 116 11.19 -2.77 33.59
CA GLU H 116 11.67 -3.06 34.94
C GLU H 116 10.62 -3.82 35.74
N GLN H 117 9.36 -3.45 35.57
CA GLN H 117 8.31 -4.12 36.29
C GLN H 117 8.06 -5.53 35.75
N GLY H 118 8.24 -5.72 34.45
CA GLY H 118 8.07 -7.03 33.85
C GLY H 118 6.72 -7.70 34.03
N MET H 119 6.61 -8.93 33.53
CA MET H 119 5.35 -9.66 33.63
C MET H 119 4.86 -9.78 35.06
N GLU H 120 5.78 -9.79 36.01
CA GLU H 120 5.36 -9.94 37.39
C GLU H 120 4.77 -8.65 37.91
N GLY H 121 5.27 -7.54 37.36
CA GLY H 121 4.75 -6.24 37.76
C GLY H 121 3.31 -6.14 37.26
N ALA H 122 3.11 -6.54 36.00
CA ALA H 122 1.80 -6.51 35.40
C ALA H 122 0.83 -7.34 36.24
N ARG H 123 1.26 -8.53 36.66
CA ARG H 123 0.38 -9.39 37.46
C ARG H 123 -0.02 -8.62 38.69
N ASP H 124 0.96 -7.93 39.28
CA ASP H 124 0.70 -7.15 40.49
C ASP H 124 -0.26 -5.99 40.25
N LEU H 125 -0.06 -5.24 39.16
CA LEU H 125 -0.95 -4.12 38.85
C LEU H 125 -2.37 -4.64 38.67
N ALA H 126 -2.49 -5.67 37.87
CA ALA H 126 -3.78 -6.27 37.59
C ALA H 126 -4.51 -6.60 38.90
N LEU H 127 -3.80 -7.21 39.83
CA LEU H 127 -4.40 -7.55 41.10
C LEU H 127 -4.82 -6.30 41.86
N ALA H 128 -3.97 -5.29 41.85
CA ALA H 128 -4.25 -4.04 42.53
C ALA H 128 -5.51 -3.43 41.95
N MET H 129 -5.56 -3.30 40.61
CA MET H 129 -6.72 -2.72 39.95
C MET H 129 -8.03 -3.40 40.31
N SER H 130 -8.05 -4.72 40.37
CA SER H 130 -9.28 -5.40 40.71
C SER H 130 -9.57 -5.16 42.18
N GLU H 131 -8.54 -4.92 42.97
CA GLU H 131 -8.75 -4.62 44.39
C GLU H 131 -9.60 -3.35 44.48
N ARG H 132 -9.10 -2.28 43.86
CA ARG H 132 -9.76 -0.98 43.84
C ARG H 132 -11.09 -1.05 43.16
N GLY H 133 -11.42 -2.25 42.74
CA GLY H 133 -12.70 -2.43 42.07
C GLY H 133 -12.73 -1.84 40.68
N GLU H 134 -11.62 -1.86 39.95
CA GLU H 134 -11.61 -1.34 38.58
C GLU H 134 -11.99 -2.39 37.54
N GLY H 135 -12.21 -3.63 37.96
CA GLY H 135 -12.57 -4.68 37.03
C GLY H 135 -12.41 -6.07 37.63
N LYS H 136 -12.97 -7.08 36.99
CA LYS H 136 -12.89 -8.46 37.45
C LYS H 136 -11.59 -9.11 36.95
N LEU H 137 -10.80 -9.66 37.86
CA LEU H 137 -9.54 -10.31 37.49
C LEU H 137 -9.87 -11.73 37.12
N LEU H 138 -9.37 -12.21 36.00
CA LEU H 138 -9.67 -13.58 35.58
C LEU H 138 -8.69 -14.59 36.21
N ASP H 139 -7.41 -14.25 36.19
CA ASP H 139 -6.38 -15.10 36.78
C ASP H 139 -6.34 -16.52 36.23
N GLN H 140 -5.88 -16.63 35.00
CA GLN H 140 -5.77 -17.89 34.29
C GLN H 140 -5.02 -19.01 35.05
N PHE H 141 -4.07 -18.65 35.92
CA PHE H 141 -3.27 -19.66 36.64
C PHE H 141 -3.96 -20.25 37.86
N ASN H 142 -4.97 -19.55 38.37
CA ASN H 142 -5.63 -20.08 39.56
C ASN H 142 -7.12 -20.27 39.44
N ASN H 143 -7.70 -19.82 38.33
CA ASN H 143 -9.14 -19.92 38.15
C ASN H 143 -9.56 -21.35 37.78
N PRO H 144 -10.32 -22.02 38.67
CA PRO H 144 -10.81 -23.40 38.44
C PRO H 144 -11.58 -23.60 37.13
N ASP H 145 -12.13 -22.51 36.60
CA ASP H 145 -12.91 -22.53 35.37
C ASP H 145 -12.04 -22.78 34.13
N ASN H 146 -10.74 -22.60 34.26
CA ASN H 146 -9.82 -22.83 33.17
C ASN H 146 -9.82 -24.36 32.92
N PRO H 147 -9.33 -25.16 33.88
CA PRO H 147 -9.34 -26.61 33.61
C PRO H 147 -10.74 -27.19 33.42
N TYR H 148 -11.72 -26.55 34.04
CA TYR H 148 -13.11 -27.00 33.92
C TYR H 148 -13.55 -27.02 32.45
N ALA H 149 -13.06 -26.07 31.66
CA ALA H 149 -13.38 -26.04 30.24
C ALA H 149 -12.91 -27.34 29.57
N HIS H 150 -11.72 -27.80 29.97
CA HIS H 150 -11.17 -28.98 29.38
C HIS H 150 -11.78 -30.24 29.94
N TYR H 151 -12.24 -30.17 31.18
CA TYR H 151 -12.90 -31.31 31.82
C TYR H 151 -14.25 -31.59 31.14
N THR H 152 -14.92 -30.54 30.68
CA THR H 152 -16.23 -30.66 30.06
C THR H 152 -16.27 -30.71 28.55
N THR H 153 -15.25 -30.20 27.88
CA THR H 153 -15.27 -30.23 26.42
C THR H 153 -14.09 -31.00 25.81
N THR H 154 -12.88 -30.47 25.92
CA THR H 154 -11.69 -31.11 25.38
C THR H 154 -11.56 -32.61 25.71
N GLY H 155 -11.57 -32.94 27.00
CA GLY H 155 -11.42 -34.32 27.42
C GLY H 155 -12.49 -35.21 26.81
N PRO H 156 -13.75 -34.85 27.01
CA PRO H 156 -14.84 -35.65 26.44
C PRO H 156 -14.76 -35.81 24.92
N GLU H 157 -14.30 -34.76 24.23
CA GLU H 157 -14.17 -34.82 22.77
C GLU H 157 -13.12 -35.84 22.39
N ILE H 158 -11.97 -35.78 23.05
CA ILE H 158 -10.91 -36.71 22.72
C ILE H 158 -11.37 -38.14 23.00
N TRP H 159 -12.06 -38.33 24.10
CA TRP H 159 -12.51 -39.66 24.42
C TRP H 159 -13.44 -40.17 23.33
N ARG H 160 -14.35 -39.33 22.85
CA ARG H 160 -15.27 -39.74 21.79
C ARG H 160 -14.55 -39.96 20.48
N GLN H 161 -13.73 -39.00 20.09
CA GLN H 161 -13.02 -39.07 18.84
C GLN H 161 -12.11 -40.28 18.69
N THR H 162 -11.54 -40.77 19.78
CA THR H 162 -10.69 -41.93 19.70
C THR H 162 -11.48 -43.18 20.05
N SER H 163 -12.80 -43.03 20.17
CA SER H 163 -13.66 -44.15 20.55
C SER H 163 -13.11 -44.90 21.78
N GLY H 164 -12.54 -44.17 22.72
CA GLY H 164 -11.99 -44.80 23.92
C GLY H 164 -10.66 -45.50 23.73
N ARG H 165 -10.08 -45.45 22.52
CA ARG H 165 -8.84 -46.16 22.28
C ARG H 165 -7.58 -45.47 22.83
N ILE H 166 -7.66 -44.17 23.10
CA ILE H 166 -6.50 -43.43 23.60
C ILE H 166 -5.80 -44.12 24.76
N THR H 167 -4.47 -44.25 24.70
CA THR H 167 -3.73 -44.87 25.79
C THR H 167 -2.74 -43.88 26.41
N HIS H 168 -2.44 -42.80 25.69
CA HIS H 168 -1.51 -41.81 26.20
C HIS H 168 -1.96 -40.42 25.80
N PHE H 169 -1.86 -39.46 26.73
CA PHE H 169 -2.24 -38.08 26.41
C PHE H 169 -1.03 -37.22 26.66
N VAL H 170 -0.65 -36.44 25.64
CA VAL H 170 0.51 -35.57 25.74
C VAL H 170 0.13 -34.10 25.63
N SER H 171 0.54 -33.29 26.60
CA SER H 171 0.21 -31.86 26.60
C SER H 171 1.36 -30.95 27.07
N SER H 172 1.67 -29.92 26.29
CA SER H 172 2.71 -28.93 26.67
C SER H 172 2.04 -28.09 27.75
N MET H 173 2.68 -27.92 28.90
CA MET H 173 2.08 -27.21 30.00
C MET H 173 2.39 -25.74 30.15
N GLY H 174 1.33 -24.93 30.15
CA GLY H 174 1.43 -23.48 30.34
C GLY H 174 0.78 -23.23 31.69
N THR H 175 -0.51 -22.93 31.69
CA THR H 175 -1.24 -22.74 32.95
C THR H 175 -1.53 -24.13 33.56
N THR H 176 -1.49 -25.15 32.71
CA THR H 176 -1.74 -26.56 33.03
C THR H 176 -3.24 -26.84 33.03
N GLY H 177 -4.02 -25.84 32.61
CA GLY H 177 -5.47 -26.04 32.53
C GLY H 177 -5.88 -27.22 31.64
N THR H 178 -5.29 -27.30 30.44
CA THR H 178 -5.60 -28.37 29.50
C THR H 178 -5.27 -29.75 30.05
N ILE H 179 -4.03 -29.97 30.49
CA ILE H 179 -3.67 -31.29 30.99
C ILE H 179 -4.48 -31.63 32.24
N THR H 180 -4.67 -30.65 33.13
CA THR H 180 -5.44 -30.87 34.34
C THR H 180 -6.90 -31.28 34.05
N GLY H 181 -7.57 -30.52 33.18
CA GLY H 181 -8.96 -30.83 32.83
C GLY H 181 -9.16 -32.11 32.04
N VAL H 182 -8.33 -32.32 31.03
CA VAL H 182 -8.43 -33.53 30.25
C VAL H 182 -8.11 -34.75 31.13
N SER H 183 -7.04 -34.66 31.93
CA SER H 183 -6.68 -35.79 32.77
C SER H 183 -7.81 -36.12 33.72
N ARG H 184 -8.35 -35.08 34.34
CA ARG H 184 -9.44 -35.24 35.29
C ARG H 184 -10.57 -36.05 34.65
N PHE H 185 -10.89 -35.75 33.39
CA PHE H 185 -11.95 -36.48 32.72
C PHE H 185 -11.56 -37.90 32.35
N LEU H 186 -10.35 -38.08 31.84
CA LEU H 186 -9.91 -39.42 31.46
C LEU H 186 -9.79 -40.36 32.67
N ARG H 187 -9.41 -39.82 33.83
CA ARG H 187 -9.29 -40.67 35.02
C ARG H 187 -10.62 -41.33 35.40
N GLU H 188 -11.73 -40.71 35.03
CA GLU H 188 -13.02 -41.27 35.36
C GLU H 188 -13.35 -42.48 34.50
N GLN H 189 -12.53 -42.78 33.51
CA GLN H 189 -12.83 -43.92 32.65
C GLN H 189 -12.27 -45.20 33.26
N GLU H 190 -12.85 -46.34 32.89
CA GLU H 190 -12.42 -47.63 33.40
C GLU H 190 -11.02 -47.92 32.89
N LYS H 191 -10.85 -47.77 31.59
CA LYS H 191 -9.56 -47.99 30.94
C LYS H 191 -8.54 -46.95 31.42
N PRO H 192 -7.31 -47.38 31.71
CA PRO H 192 -6.25 -46.49 32.17
C PRO H 192 -5.71 -45.64 31.02
N VAL H 193 -5.25 -44.43 31.34
CA VAL H 193 -4.65 -43.60 30.34
C VAL H 193 -3.41 -42.94 31.00
N THR H 194 -2.27 -42.98 30.32
CA THR H 194 -1.06 -42.38 30.85
C THR H 194 -1.02 -40.91 30.45
N ILE H 195 -0.92 -40.04 31.45
CA ILE H 195 -0.91 -38.60 31.20
C ILE H 195 0.53 -38.07 31.23
N VAL H 196 0.94 -37.49 30.11
CA VAL H 196 2.28 -36.99 29.95
C VAL H 196 2.32 -35.48 29.76
N GLY H 197 2.92 -34.79 30.72
CA GLY H 197 3.01 -33.35 30.58
C GLY H 197 4.37 -32.98 30.06
N LEU H 198 4.48 -31.88 29.31
CA LEU H 198 5.78 -31.48 28.79
C LEU H 198 6.13 -30.08 29.24
N GLN H 199 7.40 -29.87 29.57
CA GLN H 199 7.86 -28.56 29.98
C GLN H 199 9.18 -28.30 29.23
N PRO H 200 9.53 -27.02 29.07
CA PRO H 200 10.79 -26.77 28.37
C PRO H 200 12.03 -27.11 29.21
N GLU H 201 13.07 -27.60 28.54
CA GLU H 201 14.33 -27.93 29.21
C GLU H 201 14.85 -26.62 29.76
N GLU H 202 15.63 -26.66 30.84
CA GLU H 202 16.16 -25.41 31.41
C GLU H 202 16.95 -24.67 30.35
N GLY H 203 16.70 -23.38 30.22
CA GLY H 203 17.39 -22.61 29.21
C GLY H 203 16.66 -22.59 27.89
N SER H 204 15.79 -23.57 27.66
CA SER H 204 15.03 -23.59 26.41
C SER H 204 13.86 -22.60 26.52
N SER H 205 13.55 -21.94 25.40
CA SER H 205 12.46 -21.00 25.35
C SER H 205 11.43 -21.48 24.33
N ILE H 206 10.22 -21.78 24.80
CA ILE H 206 9.12 -22.26 23.96
C ILE H 206 7.89 -21.40 24.22
N PRO H 207 7.57 -20.51 23.29
CA PRO H 207 6.42 -19.61 23.41
C PRO H 207 5.13 -20.32 23.87
N GLY H 208 4.47 -19.76 24.88
CA GLY H 208 3.24 -20.36 25.36
C GLY H 208 3.35 -21.13 26.65
N ILE H 209 4.53 -21.68 26.92
CA ILE H 209 4.72 -22.43 28.15
C ILE H 209 5.95 -21.93 28.86
N ARG H 210 6.20 -22.45 30.05
CA ARG H 210 7.37 -22.05 30.80
C ARG H 210 7.73 -23.19 31.75
N ARG H 211 8.98 -23.22 32.16
CA ARG H 211 9.44 -24.23 33.10
C ARG H 211 9.07 -23.69 34.47
N TRP H 212 8.18 -24.35 35.16
CA TRP H 212 7.76 -23.87 36.46
C TRP H 212 8.73 -24.25 37.55
N PRO H 213 8.97 -23.32 38.50
CA PRO H 213 9.89 -23.64 39.60
C PRO H 213 9.29 -24.86 40.30
N ALA H 214 10.11 -25.89 40.47
CA ALA H 214 9.74 -27.16 41.08
C ALA H 214 8.52 -27.18 42.02
N GLU H 215 8.47 -26.25 42.96
CA GLU H 215 7.38 -26.24 43.92
C GLU H 215 6.35 -25.14 43.74
N TYR H 216 6.55 -24.33 42.71
CA TYR H 216 5.65 -23.22 42.42
C TYR H 216 4.81 -23.40 41.16
N MET H 217 4.16 -24.56 41.06
CA MET H 217 3.30 -24.87 39.92
C MET H 217 2.04 -24.01 40.01
N PRO H 218 1.40 -23.68 38.87
CA PRO H 218 0.18 -22.87 38.98
C PRO H 218 -0.84 -23.49 39.92
N GLY H 219 -1.66 -22.63 40.52
CA GLY H 219 -2.66 -23.08 41.48
C GLY H 219 -3.60 -24.19 41.07
N ILE H 220 -4.05 -24.17 39.81
CA ILE H 220 -4.97 -25.19 39.32
C ILE H 220 -4.35 -26.57 39.16
N PHE H 221 -3.01 -26.62 39.05
CA PHE H 221 -2.28 -27.88 38.89
C PHE H 221 -2.42 -28.90 40.03
N ASN H 222 -2.53 -30.16 39.66
CA ASN H 222 -2.66 -31.24 40.63
C ASN H 222 -1.70 -32.35 40.19
N ALA H 223 -0.55 -32.42 40.86
CA ALA H 223 0.50 -33.39 40.52
C ALA H 223 0.03 -34.80 40.30
N SER H 224 -0.93 -35.25 41.08
CA SER H 224 -1.41 -36.62 40.91
C SER H 224 -2.15 -36.92 39.61
N LEU H 225 -2.50 -35.89 38.84
CA LEU H 225 -3.22 -36.09 37.58
C LEU H 225 -2.27 -36.31 36.40
N VAL H 226 -0.98 -36.06 36.63
CA VAL H 226 0.02 -36.23 35.58
C VAL H 226 0.96 -37.40 35.94
N ASP H 227 1.04 -38.39 35.07
CA ASP H 227 1.88 -39.57 35.33
C ASP H 227 3.36 -39.35 35.09
N GLU H 228 3.69 -38.64 34.01
CA GLU H 228 5.07 -38.36 33.68
C GLU H 228 5.21 -36.95 33.16
N VAL H 229 6.36 -36.34 33.41
CA VAL H 229 6.65 -35.02 32.90
C VAL H 229 7.97 -35.13 32.14
N LEU H 230 7.95 -34.77 30.86
CA LEU H 230 9.13 -34.82 29.99
C LEU H 230 9.63 -33.42 29.67
N ASP H 231 10.93 -33.30 29.47
CA ASP H 231 11.54 -32.02 29.12
C ASP H 231 11.69 -31.96 27.61
N ILE H 232 11.43 -30.79 27.03
CA ILE H 232 11.55 -30.66 25.59
C ILE H 232 12.52 -29.54 25.29
N HIS H 233 13.47 -29.82 24.41
CA HIS H 233 14.45 -28.81 24.05
C HIS H 233 13.84 -27.93 22.98
N GLN H 234 14.03 -26.63 23.14
CA GLN H 234 13.55 -25.64 22.19
C GLN H 234 13.79 -26.03 20.75
N ASN H 235 15.04 -26.41 20.47
CA ASN H 235 15.45 -26.80 19.13
C ASN H 235 14.68 -28.00 18.60
N ASP H 236 14.43 -28.95 19.48
CA ASP H 236 13.72 -30.15 19.09
C ASP H 236 12.22 -29.83 18.82
N ALA H 237 11.68 -28.84 19.52
CA ALA H 237 10.29 -28.45 19.34
C ALA H 237 10.17 -27.71 18.00
N GLU H 238 11.10 -26.77 17.78
CA GLU H 238 11.11 -25.99 16.53
C GLU H 238 11.27 -26.90 15.32
N ASN H 239 12.17 -27.86 15.42
CA ASN H 239 12.36 -28.80 14.31
C ASN H 239 11.12 -29.60 14.02
N THR H 240 10.49 -30.13 15.07
CA THR H 240 9.32 -30.94 14.83
C THR H 240 8.21 -30.06 14.27
N MET H 241 8.21 -28.80 14.71
CA MET H 241 7.20 -27.86 14.22
C MET H 241 7.37 -27.67 12.72
N ARG H 242 8.61 -27.50 12.29
CA ARG H 242 8.86 -27.32 10.86
C ARG H 242 8.58 -28.59 10.07
N GLU H 243 8.89 -29.75 10.64
CA GLU H 243 8.65 -31.01 9.95
C GLU H 243 7.16 -31.34 9.81
N LEU H 244 6.36 -30.89 10.78
CA LEU H 244 4.92 -31.10 10.71
C LEU H 244 4.34 -30.40 9.48
N ALA H 245 4.79 -29.18 9.24
CA ALA H 245 4.29 -28.43 8.11
C ALA H 245 4.73 -29.10 6.81
N VAL H 246 6.01 -29.41 6.73
CA VAL H 246 6.57 -30.03 5.54
C VAL H 246 6.08 -31.44 5.23
N ARG H 247 6.03 -32.31 6.23
CA ARG H 247 5.64 -33.69 5.96
C ARG H 247 4.21 -34.08 6.23
N GLU H 248 3.48 -33.25 6.97
CA GLU H 248 2.08 -33.55 7.26
C GLU H 248 1.14 -32.47 6.73
N GLY H 249 1.70 -31.30 6.42
CA GLY H 249 0.87 -30.18 5.97
C GLY H 249 0.12 -29.55 7.15
N ILE H 250 0.69 -29.69 8.35
CA ILE H 250 0.09 -29.17 9.57
C ILE H 250 0.97 -28.03 10.03
N PHE H 251 0.45 -26.81 9.90
CA PHE H 251 1.13 -25.57 10.24
C PHE H 251 0.71 -25.11 11.65
N CYS H 252 1.61 -25.27 12.63
CA CYS H 252 1.34 -24.94 14.01
C CYS H 252 2.52 -24.22 14.66
N GLY H 253 2.37 -23.88 15.94
CA GLY H 253 3.43 -23.18 16.64
C GLY H 253 4.44 -24.07 17.34
N VAL H 254 5.41 -23.42 17.99
CA VAL H 254 6.47 -24.14 18.67
C VAL H 254 6.03 -25.15 19.74
N SER H 255 5.19 -24.73 20.67
CA SER H 255 4.77 -25.65 21.72
C SER H 255 4.08 -26.86 21.08
N SER H 256 3.51 -26.65 19.89
CA SER H 256 2.82 -27.74 19.20
C SER H 256 3.83 -28.76 18.65
N GLY H 257 4.95 -28.25 18.15
CA GLY H 257 6.01 -29.13 17.66
C GLY H 257 6.55 -29.84 18.89
N GLY H 258 6.62 -29.12 20.01
CA GLY H 258 7.11 -29.73 21.23
C GLY H 258 6.20 -30.86 21.69
N ALA H 259 4.90 -30.69 21.48
CA ALA H 259 3.94 -31.70 21.91
C ALA H 259 4.03 -32.92 21.01
N VAL H 260 4.23 -32.70 19.71
CA VAL H 260 4.36 -33.82 18.80
C VAL H 260 5.71 -34.51 19.06
N ALA H 261 6.75 -33.75 19.38
CA ALA H 261 8.05 -34.34 19.68
C ALA H 261 7.87 -35.28 20.89
N GLY H 262 7.08 -34.83 21.87
CA GLY H 262 6.85 -35.66 23.05
C GLY H 262 6.07 -36.91 22.69
N ALA H 263 5.07 -36.76 21.82
CA ALA H 263 4.25 -37.89 21.41
C ALA H 263 5.09 -38.95 20.65
N LEU H 264 6.09 -38.46 19.90
CA LEU H 264 7.01 -39.33 19.14
C LEU H 264 7.84 -40.16 20.11
N ARG H 265 8.38 -39.53 21.16
CA ARG H 265 9.14 -40.29 22.14
C ARG H 265 8.24 -41.39 22.71
N VAL H 266 7.02 -41.02 23.08
CA VAL H 266 6.11 -41.98 23.68
C VAL H 266 5.80 -43.08 22.73
N ALA H 267 5.51 -42.73 21.47
CA ALA H 267 5.16 -43.73 20.45
C ALA H 267 6.32 -44.69 20.23
N ARG H 268 7.52 -44.14 20.18
CA ARG H 268 8.67 -44.96 19.95
C ARG H 268 8.92 -45.92 21.10
N ALA H 269 8.77 -45.45 22.32
CA ALA H 269 8.99 -46.31 23.47
C ALA H 269 7.91 -47.33 23.76
N THR H 270 6.74 -47.21 23.14
CA THR H 270 5.64 -48.13 23.44
C THR H 270 4.89 -48.54 22.19
N PRO H 271 5.31 -49.63 21.57
CA PRO H 271 4.64 -50.10 20.36
C PRO H 271 3.14 -50.26 20.60
N GLY H 272 2.33 -49.84 19.62
CA GLY H 272 0.90 -50.01 19.75
C GLY H 272 0.19 -48.94 20.54
N ALA H 273 0.94 -48.01 21.13
CA ALA H 273 0.33 -46.92 21.88
C ALA H 273 -0.53 -46.04 20.97
N ILE H 274 -1.67 -45.58 21.48
CA ILE H 274 -2.53 -44.68 20.72
C ILE H 274 -2.38 -43.34 21.43
N VAL H 275 -1.47 -42.51 20.95
CA VAL H 275 -1.14 -41.22 21.56
C VAL H 275 -1.88 -40.02 20.99
N VAL H 276 -2.43 -39.18 21.86
CA VAL H 276 -3.12 -37.97 21.43
C VAL H 276 -2.31 -36.81 21.97
N ALA H 277 -1.94 -35.87 21.11
CA ALA H 277 -1.19 -34.71 21.55
C ALA H 277 -1.98 -33.46 21.20
N ILE H 278 -1.88 -32.43 22.03
CA ILE H 278 -2.58 -31.18 21.78
C ILE H 278 -1.76 -30.28 20.86
N ILE H 279 -2.36 -29.80 19.77
CA ILE H 279 -1.69 -28.82 18.89
C ILE H 279 -2.37 -27.54 19.37
N CYS H 280 -1.65 -26.67 20.06
CA CYS H 280 -2.21 -25.46 20.64
C CYS H 280 -2.66 -24.30 19.78
N ASP H 281 -2.01 -24.09 18.64
CA ASP H 281 -2.38 -22.99 17.76
C ASP H 281 -1.81 -23.17 16.36
N ARG H 282 -2.16 -22.27 15.44
CA ARG H 282 -1.65 -22.33 14.10
C ARG H 282 -0.28 -21.62 14.07
N GLY H 283 0.44 -21.77 12.95
CA GLY H 283 1.75 -21.17 12.89
C GLY H 283 1.77 -19.72 12.47
N ASP H 284 0.66 -19.24 11.92
CA ASP H 284 0.60 -17.87 11.42
C ASP H 284 1.25 -16.81 12.27
N ARG H 285 0.89 -16.75 13.54
CA ARG H 285 1.44 -15.70 14.40
C ARG H 285 2.90 -15.90 14.76
N TYR H 286 3.53 -16.92 14.17
CA TYR H 286 4.93 -17.22 14.46
C TYR H 286 5.82 -16.83 13.28
N LEU H 287 5.21 -16.66 12.11
CA LEU H 287 5.96 -16.30 10.91
C LEU H 287 6.94 -15.14 11.11
N SER H 288 6.47 -14.06 11.71
CA SER H 288 7.31 -12.89 11.93
C SER H 288 8.50 -13.14 12.86
N THR H 289 8.49 -14.25 13.60
CA THR H 289 9.58 -14.53 14.55
C THR H 289 10.73 -15.29 13.90
N GLY H 290 10.51 -15.70 12.66
CA GLY H 290 11.54 -16.41 11.93
C GLY H 290 11.64 -17.91 12.13
N VAL H 291 11.10 -18.44 13.22
CA VAL H 291 11.20 -19.88 13.46
C VAL H 291 10.87 -20.73 12.25
N PHE H 292 10.21 -20.16 11.25
CA PHE H 292 9.92 -20.96 10.06
C PHE H 292 10.87 -20.56 8.95
N GLY H 293 10.40 -19.79 7.99
CA GLY H 293 11.25 -19.37 6.88
C GLY H 293 12.55 -18.75 7.38
N GLU H 294 13.65 -19.23 6.97
N1 PLP I . -29.56 -24.17 -62.17
C2 PLP I . -30.30 -24.20 -61.04
C2A PLP I . -30.78 -25.56 -60.49
C3 PLP I . -30.65 -23.03 -60.40
O3 PLP I . -31.44 -23.10 -59.29
C4 PLP I . -30.24 -21.81 -60.94
C4A PLP I . -30.74 -20.49 -60.35
C5 PLP I . -29.48 -21.79 -62.09
C6 PLP I . -29.15 -22.98 -62.70
C5A PLP I . -29.09 -20.49 -62.82
O4P PLP I . -28.40 -19.50 -62.00
P PLP I . -28.67 -17.92 -62.30
O1P PLP I . -30.01 -17.61 -61.72
O2P PLP I . -27.55 -17.13 -61.47
O3P PLP I . -28.41 -17.66 -63.75
N1 PLP J . -25.73 -40.45 -38.11
C2 PLP J . -25.74 -40.85 -39.43
C2A PLP J . -26.84 -40.33 -40.35
C3 PLP J . -24.79 -41.74 -39.88
O3 PLP J . -24.71 -42.02 -41.21
C4 PLP J . -23.85 -42.25 -39.02
C4A PLP J . -22.91 -43.38 -39.49
C5 PLP J . -23.85 -41.83 -37.69
C6 PLP J . -24.80 -40.93 -37.26
C5A PLP J . -22.87 -42.40 -36.67
O4P PLP J . -21.50 -42.05 -36.98
P PLP J . -20.35 -43.06 -36.51
O1P PLP J . -20.66 -43.52 -35.12
O2P PLP J . -20.53 -44.32 -37.47
O3P PLP J . -19.03 -42.41 -36.82
N1 PLP K . 54.53 37.28 7.66
C2 PLP K . 54.88 35.99 7.85
C2A PLP K . 54.70 35.34 9.22
C3 PLP K . 55.44 35.26 6.82
O3 PLP K . 55.75 33.93 7.02
C4 PLP K . 55.67 35.87 5.60
C4A PLP K . 56.44 35.13 4.49
C5 PLP K . 55.30 37.20 5.41
C6 PLP K . 54.72 37.89 6.44
C5A PLP K . 55.68 37.96 4.14
O4P PLP K . 55.15 37.38 2.95
P PLP K . 55.93 37.56 1.53
O1P PLP K . 56.39 38.97 1.40
O2P PLP K . 57.19 36.59 1.73
O3P PLP K . 55.09 36.98 0.44
N1 PLP L . 38.81 15.50 19.55
C2 PLP L . 39.02 16.76 20.01
C2A PLP L . 40.45 17.32 20.05
C3 PLP L . 37.97 17.51 20.47
O3 PLP L . 38.17 18.79 20.88
C4 PLP L . 36.69 16.98 20.48
C4A PLP L . 35.58 17.72 21.22
C5 PLP L . 36.48 15.69 19.99
C6 PLP L . 37.55 14.97 19.54
C5A PLP L . 35.11 15.00 20.01
O4P PLP L . 34.08 15.74 19.32
P PLP L . 32.56 15.67 19.90
O1P PLP L . 32.27 14.25 20.25
O2P PLP L . 32.61 16.47 21.27
O3P PLP L . 31.66 16.42 18.96
N1 PLP M . -25.08 18.72 20.72
C2 PLP M . -25.06 19.21 21.99
C2A PLP M . -24.18 18.53 23.03
C3 PLP M . -25.82 20.30 22.32
O3 PLP M . -25.75 20.82 23.61
C4 PLP M . -26.64 20.89 21.37
C4A PLP M . -27.51 22.10 21.74
C5 PLP M . -26.65 20.37 20.08
C6 PLP M . -25.86 19.30 19.77
C5A PLP M . -27.70 20.82 19.03
O4P PLP M . -27.66 22.23 18.76
P PLP M . -29.07 23.05 18.48
O1P PLP M . -28.74 24.37 17.86
O2P PLP M . -29.74 22.13 17.33
O3P PLP M . -29.87 22.98 19.73
N1 PLP N . -1.46 25.34 36.62
C2 PLP N . -1.71 24.22 35.89
C2A PLP N . -3.05 23.49 36.05
C3 PLP N . -0.77 23.75 35.01
O3 PLP N . -1.00 22.55 34.38
C4 PLP N . 0.43 24.42 34.86
C4A PLP N . 1.45 23.95 33.83
C5 PLP N . 0.67 25.56 35.63
C6 PLP N . -0.29 26.00 36.50
C5A PLP N . 2.05 26.26 35.66
O4P PLP N . 2.56 26.63 34.38
P PLP N . 4.18 26.53 34.16
O1P PLP N . 4.56 25.10 34.18
O2P PLP N . 4.44 27.10 32.70
O3P PLP N . 4.79 27.46 35.15
N1 PLP O . -10.34 -12.90 -0.70
C2 PLP O . -9.14 -13.54 -0.55
C2A PLP O . -8.20 -13.08 0.56
C3 PLP O . -8.76 -14.54 -1.43
O3 PLP O . -7.56 -15.16 -1.28
C4 PLP O . -9.61 -14.88 -2.46
C4A PLP O . -9.13 -15.86 -3.54
C5 PLP O . -10.84 -14.23 -2.60
C6 PLP O . -11.19 -13.25 -1.71
C5A PLP O . -11.75 -14.44 -3.82
O4P PLP O . -12.28 -15.77 -3.90
P PLP O . -12.47 -16.46 -5.38
O1P PLP O . -13.41 -17.63 -5.27
O2P PLP O . -13.24 -15.29 -6.21
O3P PLP O . -11.12 -16.60 -5.98
N1 PLP P . 0.90 -23.58 24.03
C2 PLP P . 0.44 -22.34 23.77
C2A PLP P . 0.92 -21.61 22.51
C3 PLP P . -0.41 -21.72 24.67
O3 PLP P . -0.87 -20.46 24.40
C4 PLP P . -0.76 -22.36 25.83
C4A PLP P . -1.54 -21.62 26.92
C5 PLP P . -0.27 -23.63 26.08
C6 PLP P . 0.54 -24.23 25.17
C5A PLP P . -0.50 -24.35 27.42
O4P PLP P . -1.87 -24.72 27.62
P PLP P . -2.47 -24.69 29.10
O1P PLP P . -3.80 -25.38 29.09
O2P PLP P . -1.44 -25.62 29.93
O3P PLP P . -2.36 -23.29 29.61
#